data_6WEW
#
_entry.id   6WEW
#
_cell.length_a   83.131
_cell.length_b   161.578
_cell.length_c   209.978
_cell.angle_alpha   90.000
_cell.angle_beta   90.000
_cell.angle_gamma   90.000
#
_symmetry.space_group_name_H-M   'P 21 21 21'
#
loop_
_entity.id
_entity.type
_entity.pdbx_description
1 polymer 'Ectonucleotide pyrophosphatase/phosphodiesterase family member 1'
2 branched beta-D-mannopyranose-(1-3)-beta-D-mannopyranose-(1-4)-2-acetamido-2-deoxy-beta-D-glucopyranose-(1-4)-2-acetamido-2-deoxy-beta-D-glucopyranose
3 branched alpha-D-mannopyranose-(1-4)-2-acetamido-2-deoxy-beta-D-glucopyranose-(1-4)-2-acetamido-2-deoxy-beta-D-glucopyranose
4 branched 2-acetamido-2-deoxy-beta-D-glucopyranose-(1-4)-2-acetamido-2-deoxy-beta-D-glucopyranose
5 branched beta-D-mannopyranose-(1-4)-2-acetamido-2-deoxy-beta-D-glucopyranose-(1-4)-2-acetamido-2-deoxy-beta-D-glucopyranose
6 non-polymer 'PHOSPHATE ION'
7 non-polymer 'ZINC ION'
8 non-polymer 2-acetamido-2-deoxy-beta-D-glucopyranose
9 non-polymer 'N-{4-[(7-methoxyquinolin-4-yl)oxy]phenyl}sulfuric diamide'
10 non-polymer 1,2-ETHANEDIOL
11 water water
#
_entity_poly.entity_id   1
_entity_poly.type   'polypeptide(L)'
_entity_poly.pdbx_seq_one_letter_code
;MERDGCAGGGSRGGEGGRAPREGPAGNGRDRGRSHAAEAPGDPQAAASLLAPMDVGEEPLEKAARARTAKDPNTYKVLSL
VLSVCVLTTILGCIFGLKPSCAKEVKSCKGRCFERTFGNCRCDAACVELGNCCLDYQETCIEPEHIWTCNKFRCGEKRLT
RSLCACSDDCKDKGDCCINYSSVCQGEKSWVEEPCESINEPQCPAGFETPPTLLFSLDGFRAEYLHTWGGLLPVISKLKK
CGTYTKNMRPVYPTKTFPNHYSIVTGLYPESHGIIDNKMYDPKMNASFSLKSKEKFNPEWYKGEPIWVTAKYQGLKSGTF
FWPGSDVEINGIFPDIYKMYNGSVPFEERILAVLQWLQLPKDERPHFYTLYLEEPDSSGHSYGPVSSEVIKALQRVDGMV
GMLMDGLKELNLHRCLNLILISDHGMEQGSCKKYIYLNKYLGDVKNIKVIYGPAARLRPSDVPDKYYSFNYEGIARNLSC
REPNQHFKPYLKHFLPKRLHFAKSDRIEPLTFYLDPQWQLALNPSERKYCGSGFHGSDNVFSNMQALFVGYGPGFKHGIE
ADTFENIEVYNLMCDLLNLTPAPNNGTHGSLNHLLKNPVYTPKHPKEVHPLVQCPFTRNPRDNLGCSCNPSILPIEDFQT
QFNLTVAEEKIIKHETLPYGRPRVLQKENTICLLSQHQFMSGYSQDILMPLWTSYTVDRNDSFSTEDFSNCLYQDFRIPL
SPVHKCSFYKNNTKVSYGFLSPPQLNKNSSGIYSEALLTTNIVPMYQSFQVIWRYFHDTLLRKYAEERNGVNVVSGPVFD
FDYDGRCDSLENLRQKRRVIRNQEILIPTHFFIVLTSCKDTSQTPLHCENLDTLAFILPHRTDNSESCVHGKHDSSWVEE
LLMLHRARITDVEHITGLSFYQQRKEPVSDILKLKTHLPTFSQED
;
_entity_poly.pdbx_strand_id   AbA,BaB
#
loop_
_chem_comp.id
_chem_comp.type
_chem_comp.name
_chem_comp.formula
BMA D-saccharide, beta linking beta-D-mannopyranose 'C6 H12 O6'
EDO non-polymer 1,2-ETHANEDIOL 'C2 H6 O2'
MAN D-saccharide, alpha linking alpha-D-mannopyranose 'C6 H12 O6'
NAG D-saccharide, beta linking 2-acetamido-2-deoxy-beta-D-glucopyranose 'C8 H15 N O6'
PO4 non-polymer 'PHOSPHATE ION' 'O4 P -3'
TZV non-polymer 'N-{4-[(7-methoxyquinolin-4-yl)oxy]phenyl}sulfuric diamide' 'C16 H15 N3 O4 S'
ZN non-polymer 'ZINC ION' 'Zn 2'
#
# COMPACT_ATOMS: atom_id res chain seq x y z
N VAL A 105 -39.61 10.38 38.52
CA VAL A 105 -38.90 9.74 39.68
C VAL A 105 -37.67 8.96 39.19
N LYS A 106 -37.63 8.56 37.91
CA LYS A 106 -36.57 7.69 37.34
C LYS A 106 -35.55 8.53 36.54
N SER A 107 -35.77 9.84 36.42
CA SER A 107 -34.98 10.75 35.55
C SER A 107 -34.53 11.98 36.35
N CYS A 108 -33.38 12.55 35.98
CA CYS A 108 -32.82 13.81 36.57
C CYS A 108 -33.37 15.05 35.87
N LYS A 109 -34.17 14.87 34.80
CA LYS A 109 -34.75 15.99 34.03
C LYS A 109 -35.44 16.94 35.01
N GLY A 110 -35.02 18.20 35.04
CA GLY A 110 -35.62 19.27 35.86
C GLY A 110 -35.04 19.36 37.26
N ARG A 111 -34.32 18.35 37.76
CA ARG A 111 -33.90 18.34 39.20
C ARG A 111 -32.38 18.13 39.36
N CYS A 112 -31.58 18.49 38.37
CA CYS A 112 -30.10 18.42 38.49
C CYS A 112 -29.67 19.11 39.78
N PHE A 113 -28.90 18.41 40.60
CA PHE A 113 -28.18 18.92 41.79
C PHE A 113 -29.14 19.24 42.94
N GLU A 114 -30.41 18.84 42.84
CA GLU A 114 -31.39 18.94 43.96
C GLU A 114 -31.38 17.62 44.74
N ARG A 115 -31.28 17.69 46.07
CA ARG A 115 -31.38 16.52 46.99
C ARG A 115 -32.78 15.91 46.85
N THR A 116 -32.87 14.59 46.96
CA THR A 116 -34.15 13.83 46.83
C THR A 116 -34.23 12.84 48.00
N PHE A 117 -35.45 12.39 48.32
CA PHE A 117 -35.72 11.28 49.27
C PHE A 117 -36.41 10.17 48.48
N GLY A 118 -35.82 8.97 48.47
CA GLY A 118 -36.43 7.74 47.93
C GLY A 118 -36.12 7.51 46.47
N ASN A 119 -36.14 8.57 45.66
CA ASN A 119 -35.89 8.53 44.19
C ASN A 119 -34.38 8.36 43.95
N CYS A 120 -34.00 7.86 42.76
CA CYS A 120 -32.60 7.83 42.28
C CYS A 120 -32.05 9.27 42.36
N ARG A 121 -30.75 9.45 42.56
CA ARG A 121 -30.16 10.76 42.94
C ARG A 121 -29.55 11.47 41.72
N CYS A 122 -29.48 12.80 41.82
CA CYS A 122 -28.95 13.70 40.77
C CYS A 122 -27.98 14.72 41.40
N ASP A 123 -27.25 14.30 42.43
CA ASP A 123 -26.17 15.10 43.07
C ASP A 123 -24.84 14.35 42.90
N ALA A 124 -23.71 15.06 43.02
CA ALA A 124 -22.36 14.55 42.74
C ALA A 124 -22.05 13.29 43.60
N ALA A 125 -22.66 13.18 44.79
CA ALA A 125 -22.40 12.10 45.76
C ALA A 125 -22.99 10.77 45.27
N CYS A 126 -23.99 10.81 44.38
CA CYS A 126 -24.68 9.59 43.87
C CYS A 126 -23.68 8.64 43.22
N VAL A 127 -22.61 9.18 42.61
CA VAL A 127 -21.68 8.42 41.72
C VAL A 127 -21.06 7.28 42.53
N GLU A 128 -20.39 7.63 43.63
CA GLU A 128 -19.69 6.72 44.57
C GLU A 128 -20.69 5.72 45.16
N LEU A 129 -21.93 6.16 45.45
CA LEU A 129 -22.98 5.31 46.06
C LEU A 129 -23.66 4.43 45.00
N GLY A 130 -23.41 4.71 43.72
CA GLY A 130 -23.99 3.98 42.57
C GLY A 130 -25.51 4.02 42.55
N ASN A 131 -26.12 5.12 42.98
CA ASN A 131 -27.60 5.29 43.05
C ASN A 131 -28.01 6.53 42.24
N CYS A 132 -27.21 6.92 41.25
CA CYS A 132 -27.57 7.97 40.27
C CYS A 132 -28.74 7.49 39.42
N CYS A 133 -29.59 8.39 38.93
CA CYS A 133 -30.56 8.05 37.87
C CYS A 133 -29.76 7.59 36.64
N LEU A 134 -30.36 6.75 35.81
CA LEU A 134 -29.73 6.22 34.57
C LEU A 134 -29.25 7.39 33.69
N ASP A 135 -29.85 8.57 33.78
CA ASP A 135 -29.60 9.70 32.83
C ASP A 135 -28.86 10.85 33.52
N TYR A 136 -28.24 10.65 34.70
CA TYR A 136 -27.61 11.74 35.51
C TYR A 136 -26.48 12.42 34.73
N GLN A 137 -25.60 11.64 34.11
CA GLN A 137 -24.40 12.13 33.37
C GLN A 137 -24.85 12.97 32.16
N GLU A 138 -25.76 12.41 31.36
CA GLU A 138 -26.25 13.05 30.09
C GLU A 138 -26.97 14.35 30.43
N THR A 139 -27.81 14.34 31.47
CA THR A 139 -28.69 15.46 31.87
C THR A 139 -27.90 16.58 32.57
N CYS A 140 -26.98 16.25 33.48
CA CYS A 140 -26.41 17.20 34.48
C CYS A 140 -24.92 17.52 34.23
N ILE A 141 -24.14 16.60 33.70
CA ILE A 141 -22.65 16.77 33.63
C ILE A 141 -22.20 17.07 32.19
N GLU A 142 -22.56 16.20 31.24
CA GLU A 142 -22.20 16.28 29.80
C GLU A 142 -22.34 17.72 29.31
N PRO A 143 -23.47 18.43 29.53
CA PRO A 143 -23.66 19.77 28.99
C PRO A 143 -22.56 20.78 29.28
N GLU A 144 -21.71 20.51 30.28
CA GLU A 144 -20.54 21.35 30.63
C GLU A 144 -19.38 21.12 29.64
N HIS A 145 -19.41 20.03 28.86
CA HIS A 145 -18.25 19.51 28.08
C HIS A 145 -18.58 19.31 26.59
N ILE A 146 -19.84 19.40 26.18
CA ILE A 146 -20.27 19.15 24.77
C ILE A 146 -20.93 20.42 24.21
N TRP A 147 -21.00 20.51 22.87
CA TRP A 147 -21.62 21.64 22.15
C TRP A 147 -22.88 21.19 21.42
N THR A 148 -23.41 20.01 21.75
CA THR A 148 -24.55 19.35 21.06
C THR A 148 -25.76 19.20 21.99
N CYS A 149 -26.96 19.33 21.43
CA CYS A 149 -28.21 18.82 22.03
C CYS A 149 -28.37 17.34 21.68
N ASN A 150 -29.26 16.66 22.40
CA ASN A 150 -29.55 15.21 22.29
C ASN A 150 -30.92 14.98 22.96
N LYS A 151 -31.50 13.79 22.85
CA LYS A 151 -32.88 13.55 23.33
C LYS A 151 -32.96 13.72 24.86
N PHE A 152 -31.83 13.67 25.60
CA PHE A 152 -31.81 13.91 27.07
C PHE A 152 -31.91 15.40 27.41
N ARG A 153 -31.48 16.27 26.50
CA ARG A 153 -31.34 17.72 26.82
C ARG A 153 -32.51 18.53 26.29
N CYS A 154 -33.29 18.03 25.33
CA CYS A 154 -34.37 18.83 24.68
C CYS A 154 -35.41 19.17 25.76
N GLY A 155 -35.54 20.45 26.08
CA GLY A 155 -36.46 20.95 27.12
C GLY A 155 -35.82 20.95 28.49
N GLU A 156 -34.50 20.87 28.58
CA GLU A 156 -33.76 20.89 29.88
C GLU A 156 -34.11 22.18 30.61
N LYS A 157 -34.10 22.14 31.94
CA LYS A 157 -34.00 23.34 32.79
C LYS A 157 -32.60 23.91 32.52
N ARG A 158 -32.52 25.19 32.16
CA ARG A 158 -31.24 25.87 31.88
C ARG A 158 -30.26 25.58 33.03
N LEU A 159 -29.06 25.08 32.70
CA LEU A 159 -27.91 24.89 33.62
C LEU A 159 -26.97 26.10 33.46
N THR A 160 -26.36 26.60 34.53
CA THR A 160 -25.54 27.83 34.48
C THR A 160 -24.17 27.53 33.86
N ARG A 161 -23.69 26.29 33.95
CA ARG A 161 -22.31 25.87 33.56
C ARG A 161 -22.28 25.28 32.15
N SER A 162 -23.44 25.14 31.49
CA SER A 162 -23.55 24.47 30.17
C SER A 162 -22.94 25.38 29.10
N LEU A 163 -22.25 24.80 28.10
CA LEU A 163 -21.52 25.54 27.04
C LEU A 163 -22.50 26.24 26.11
N CYS A 164 -23.59 25.55 25.76
CA CYS A 164 -24.77 26.09 25.03
C CYS A 164 -26.02 25.47 25.66
N ALA A 165 -27.22 25.93 25.27
CA ALA A 165 -28.51 25.57 25.90
C ALA A 165 -29.37 24.73 24.94
N CYS A 166 -30.19 23.85 25.50
CA CYS A 166 -31.25 23.11 24.76
C CYS A 166 -32.60 23.33 25.47
N SER A 167 -32.70 24.40 26.26
CA SER A 167 -33.93 24.79 26.99
C SER A 167 -34.94 25.38 26.02
N ASP A 168 -36.22 25.41 26.41
CA ASP A 168 -37.34 25.95 25.60
C ASP A 168 -37.07 27.43 25.28
N ASP A 169 -36.41 28.15 26.19
CA ASP A 169 -36.13 29.60 26.06
C ASP A 169 -34.85 29.89 25.24
N CYS A 170 -34.13 28.88 24.72
CA CYS A 170 -32.77 29.07 24.13
C CYS A 170 -32.87 29.96 22.88
N LYS A 171 -33.94 29.83 22.10
CA LYS A 171 -34.14 30.60 20.85
C LYS A 171 -34.24 32.08 21.20
N ASP A 172 -35.13 32.42 22.15
CA ASP A 172 -35.34 33.80 22.66
C ASP A 172 -34.03 34.40 23.19
N LYS A 173 -33.25 33.67 24.01
CA LYS A 173 -31.99 34.19 24.61
C LYS A 173 -30.84 34.05 23.60
N GLY A 174 -31.07 33.34 22.47
CA GLY A 174 -30.14 33.17 21.34
C GLY A 174 -28.81 32.52 21.74
N ASP A 175 -28.86 31.35 22.39
CA ASP A 175 -27.65 30.55 22.75
C ASP A 175 -27.92 29.04 22.66
N CYS A 176 -28.90 28.63 21.87
CA CYS A 176 -29.12 27.22 21.48
C CYS A 176 -27.82 26.62 20.94
N CYS A 177 -27.57 25.34 21.21
CA CYS A 177 -26.53 24.56 20.50
C CYS A 177 -26.92 24.56 19.02
N ILE A 178 -25.93 24.52 18.13
CA ILE A 178 -26.16 24.66 16.67
C ILE A 178 -27.14 23.59 16.20
N ASN A 179 -27.09 22.39 16.75
CA ASN A 179 -27.92 21.26 16.25
C ASN A 179 -29.31 21.25 16.91
N TYR A 180 -29.68 22.31 17.67
CA TYR A 180 -30.95 22.38 18.45
C TYR A 180 -32.17 22.15 17.56
N SER A 181 -32.30 22.92 16.49
CA SER A 181 -33.45 22.85 15.55
C SER A 181 -33.58 21.44 14.98
N SER A 182 -32.47 20.78 14.63
CA SER A 182 -32.50 19.46 13.98
C SER A 182 -32.93 18.37 14.98
N VAL A 183 -32.39 18.44 16.19
CA VAL A 183 -32.54 17.36 17.22
C VAL A 183 -33.82 17.58 18.03
N CYS A 184 -34.14 18.82 18.40
CA CYS A 184 -35.24 19.17 19.35
C CYS A 184 -36.51 19.63 18.63
N GLN A 185 -36.44 20.17 17.41
CA GLN A 185 -37.63 20.67 16.67
C GLN A 185 -37.87 19.80 15.42
N GLY A 186 -37.08 18.76 15.18
CA GLY A 186 -37.22 17.82 14.05
C GLY A 186 -37.05 18.45 12.67
N GLU A 187 -36.43 19.64 12.58
CA GLU A 187 -36.02 20.26 11.30
C GLU A 187 -34.82 19.48 10.74
N LYS A 188 -34.56 19.63 9.45
CA LYS A 188 -33.43 18.94 8.77
C LYS A 188 -32.14 19.74 9.02
N SER A 189 -31.04 19.04 9.32
CA SER A 189 -29.66 19.59 9.30
C SER A 189 -29.32 19.96 7.84
N TRP A 190 -28.31 20.81 7.65
CA TRP A 190 -27.83 21.18 6.30
C TRP A 190 -27.55 19.91 5.50
N VAL A 191 -26.86 18.93 6.07
CA VAL A 191 -26.42 17.73 5.29
C VAL A 191 -27.64 16.91 4.87
N GLU A 192 -28.74 16.98 5.61
CA GLU A 192 -29.97 16.17 5.35
C GLU A 192 -30.78 16.77 4.19
N GLU A 193 -30.61 18.06 3.91
CA GLU A 193 -31.34 18.75 2.81
C GLU A 193 -30.76 18.30 1.48
N PRO A 194 -31.59 18.03 0.44
CA PRO A 194 -31.06 17.77 -0.89
C PRO A 194 -30.36 19.01 -1.44
N CYS A 195 -29.34 18.87 -2.29
CA CYS A 195 -28.70 20.00 -3.01
C CYS A 195 -29.82 20.82 -3.66
N GLU A 196 -29.77 22.15 -3.56
CA GLU A 196 -30.46 23.00 -4.55
C GLU A 196 -29.46 24.06 -4.99
N SER A 197 -29.52 24.42 -6.26
CA SER A 197 -28.58 25.34 -6.91
C SER A 197 -28.74 26.75 -6.33
N ILE A 198 -27.64 27.47 -6.23
CA ILE A 198 -27.54 28.85 -5.69
C ILE A 198 -27.15 29.75 -6.86
N ASN A 199 -28.13 30.16 -7.66
CA ASN A 199 -27.91 31.02 -8.85
C ASN A 199 -27.82 32.47 -8.40
N GLU A 200 -28.79 32.95 -7.64
CA GLU A 200 -28.77 34.29 -6.98
C GLU A 200 -28.32 34.09 -5.53
N PRO A 201 -27.23 34.73 -5.06
CA PRO A 201 -26.88 34.68 -3.65
C PRO A 201 -27.95 35.34 -2.78
N GLN A 202 -28.23 34.79 -1.60
CA GLN A 202 -29.24 35.33 -0.65
C GLN A 202 -28.46 35.85 0.55
N CYS A 203 -28.10 37.12 0.51
CA CYS A 203 -27.12 37.77 1.43
C CYS A 203 -27.76 38.96 2.12
N PRO A 204 -27.34 39.30 3.35
CA PRO A 204 -27.75 40.56 3.97
C PRO A 204 -27.07 41.75 3.29
N ALA A 205 -27.52 42.97 3.61
CA ALA A 205 -26.82 44.21 3.21
C ALA A 205 -25.44 44.19 3.88
N GLY A 206 -24.42 44.61 3.13
CA GLY A 206 -23.01 44.54 3.51
C GLY A 206 -22.30 43.50 2.67
N PHE A 207 -23.05 42.50 2.19
CA PHE A 207 -22.53 41.32 1.45
C PHE A 207 -23.04 41.35 0.00
N GLU A 208 -23.11 42.53 -0.59
CA GLU A 208 -23.40 42.72 -2.04
C GLU A 208 -22.32 41.96 -2.84
N THR A 209 -21.07 42.03 -2.40
CA THR A 209 -20.04 41.00 -2.64
C THR A 209 -20.14 40.00 -1.49
N PRO A 210 -20.42 38.70 -1.76
CA PRO A 210 -20.59 37.73 -0.69
C PRO A 210 -19.25 37.43 -0.04
N PRO A 211 -19.26 36.91 1.21
CA PRO A 211 -18.02 36.57 1.89
C PRO A 211 -17.43 35.27 1.33
N THR A 212 -16.12 35.08 1.51
CA THR A 212 -15.40 33.82 1.18
C THR A 212 -14.74 33.32 2.47
N LEU A 213 -14.93 32.03 2.78
CA LEU A 213 -14.28 31.37 3.94
C LEU A 213 -13.37 30.27 3.40
N LEU A 214 -12.09 30.35 3.74
CA LEU A 214 -11.04 29.37 3.38
C LEU A 214 -10.80 28.48 4.61
N PHE A 215 -11.20 27.21 4.51
CA PHE A 215 -11.29 26.24 5.63
C PHE A 215 -10.28 25.13 5.37
N SER A 216 -9.17 25.14 6.10
CA SER A 216 -8.07 24.16 5.94
C SER A 216 -8.21 23.03 6.95
N LEU A 217 -8.14 21.80 6.46
CA LEU A 217 -7.95 20.57 7.25
C LEU A 217 -6.53 20.08 6.96
N ASP A 218 -5.59 20.41 7.86
CA ASP A 218 -4.14 20.11 7.73
C ASP A 218 -3.99 18.62 7.43
N GLY A 219 -3.17 18.27 6.44
CA GLY A 219 -2.76 16.88 6.13
C GLY A 219 -3.93 16.00 5.71
N PHE A 220 -5.01 16.56 5.19
CA PHE A 220 -6.13 15.79 4.59
C PHE A 220 -5.72 15.43 3.16
N ARG A 221 -5.17 14.22 2.97
CA ARG A 221 -4.79 13.75 1.61
C ARG A 221 -6.05 13.46 0.80
N ALA A 222 -6.01 13.74 -0.50
CA ALA A 222 -7.15 13.54 -1.43
C ALA A 222 -7.69 12.12 -1.27
N GLU A 223 -6.82 11.13 -1.13
CA GLU A 223 -7.21 9.69 -1.09
C GLU A 223 -8.22 9.46 0.03
N TYR A 224 -8.11 10.16 1.18
CA TYR A 224 -9.02 9.94 2.33
C TYR A 224 -10.47 10.03 1.85
N LEU A 225 -10.79 10.96 0.96
CA LEU A 225 -12.19 11.18 0.49
C LEU A 225 -12.55 10.12 -0.55
N HIS A 226 -11.61 9.76 -1.43
CA HIS A 226 -11.77 8.68 -2.43
C HIS A 226 -12.24 7.40 -1.73
N THR A 227 -11.60 7.04 -0.63
CA THR A 227 -11.71 5.72 0.05
C THR A 227 -12.75 5.78 1.17
N TRP A 228 -12.82 6.85 1.95
CA TRP A 228 -13.63 6.92 3.20
C TRP A 228 -14.84 7.85 3.02
N GLY A 229 -15.23 8.16 1.78
CA GLY A 229 -16.36 9.05 1.49
C GLY A 229 -17.61 8.62 2.22
N GLY A 230 -17.83 7.30 2.28
CA GLY A 230 -18.98 6.68 2.98
C GLY A 230 -18.99 6.97 4.48
N LEU A 231 -17.85 7.31 5.09
CA LEU A 231 -17.74 7.64 6.53
C LEU A 231 -17.81 9.16 6.75
N LEU A 232 -17.86 9.95 5.66
CA LEU A 232 -17.72 11.43 5.67
C LEU A 232 -18.88 12.07 4.93
N PRO A 233 -20.11 12.02 5.50
CA PRO A 233 -21.31 12.48 4.81
C PRO A 233 -21.32 13.97 4.46
N VAL A 234 -20.84 14.85 5.35
CA VAL A 234 -20.91 16.32 5.13
C VAL A 234 -20.00 16.69 3.97
N ILE A 235 -18.73 16.30 4.04
CA ILE A 235 -17.74 16.64 2.99
C ILE A 235 -18.24 15.99 1.69
N SER A 236 -18.78 14.77 1.77
CA SER A 236 -19.33 14.09 0.58
C SER A 236 -20.48 14.92 -0.02
N LYS A 237 -21.36 15.53 0.78
CA LYS A 237 -22.47 16.37 0.24
C LYS A 237 -21.92 17.66 -0.38
N LEU A 238 -20.94 18.31 0.25
CA LEU A 238 -20.29 19.51 -0.34
C LEU A 238 -19.72 19.16 -1.72
N LYS A 239 -19.08 17.99 -1.85
CA LYS A 239 -18.57 17.49 -3.15
C LYS A 239 -19.73 17.37 -4.15
N LYS A 240 -20.80 16.68 -3.75
CA LYS A 240 -21.98 16.37 -4.60
C LYS A 240 -22.65 17.66 -5.08
N CYS A 241 -22.79 18.66 -4.20
CA CYS A 241 -23.53 19.92 -4.48
C CYS A 241 -22.63 21.01 -5.03
N GLY A 242 -21.31 20.79 -5.05
CA GLY A 242 -20.34 21.86 -5.29
C GLY A 242 -19.40 21.57 -6.45
N THR A 243 -18.24 22.18 -6.39
CA THR A 243 -17.13 22.09 -7.38
C THR A 243 -15.98 21.38 -6.69
N TYR A 244 -15.57 20.23 -7.24
CA TYR A 244 -14.58 19.32 -6.62
C TYR A 244 -13.52 18.92 -7.64
N THR A 245 -12.30 18.67 -7.18
CA THR A 245 -11.25 17.97 -7.96
C THR A 245 -10.79 16.78 -7.14
N LYS A 246 -10.57 15.63 -7.78
CA LYS A 246 -10.08 14.39 -7.13
C LYS A 246 -8.71 14.67 -6.52
N ASN A 247 -7.94 15.60 -7.09
CA ASN A 247 -6.55 15.90 -6.64
C ASN A 247 -6.24 17.39 -6.86
N MET A 248 -5.89 18.10 -5.79
CA MET A 248 -5.28 19.45 -5.90
C MET A 248 -3.78 19.27 -5.64
N ARG A 249 -2.94 19.72 -6.58
CA ARG A 249 -1.47 19.53 -6.48
C ARG A 249 -0.92 20.61 -5.56
N PRO A 250 -0.28 20.25 -4.44
CA PRO A 250 0.39 21.24 -3.59
C PRO A 250 1.69 21.74 -4.21
N VAL A 251 2.36 22.66 -3.52
CA VAL A 251 3.74 23.12 -3.85
C VAL A 251 4.73 22.22 -3.11
N TYR A 252 5.91 22.05 -3.70
CA TYR A 252 7.11 21.41 -3.10
C TYR A 252 7.83 22.48 -2.27
N PRO A 253 8.36 22.14 -1.07
CA PRO A 253 8.11 20.84 -0.43
C PRO A 253 6.70 20.78 0.18
N THR A 254 6.10 19.60 0.15
CA THR A 254 4.69 19.35 0.54
C THR A 254 4.57 19.44 2.07
N LYS A 255 4.71 20.64 2.61
CA LYS A 255 4.73 20.91 4.06
C LYS A 255 3.68 21.97 4.42
N THR A 256 3.35 22.08 5.71
CA THR A 256 2.25 22.91 6.25
C THR A 256 2.47 24.39 5.91
N PHE A 257 3.53 25.04 6.40
CA PHE A 257 3.73 26.51 6.27
C PHE A 257 3.92 26.88 4.81
N PRO A 258 4.82 26.23 4.04
CA PRO A 258 4.93 26.49 2.61
C PRO A 258 3.61 26.50 1.82
N ASN A 259 2.74 25.51 2.02
CA ASN A 259 1.51 25.33 1.19
C ASN A 259 0.41 26.30 1.65
N HIS A 260 0.21 26.49 2.95
CA HIS A 260 -0.79 27.45 3.50
C HIS A 260 -0.46 28.86 2.98
N TYR A 261 0.81 29.25 3.01
CA TYR A 261 1.23 30.61 2.59
C TYR A 261 1.12 30.69 1.06
N SER A 262 1.40 29.61 0.32
CA SER A 262 1.22 29.56 -1.16
C SER A 262 -0.27 29.76 -1.50
N ILE A 263 -1.17 29.18 -0.72
CA ILE A 263 -2.63 29.22 -1.04
C ILE A 263 -3.10 30.67 -0.98
N VAL A 264 -2.60 31.48 -0.04
CA VAL A 264 -3.12 32.85 0.21
C VAL A 264 -2.27 33.89 -0.52
N THR A 265 -1.21 33.51 -1.24
CA THR A 265 -0.33 34.45 -1.99
C THR A 265 -0.29 34.13 -3.48
N GLY A 266 -0.62 32.90 -3.87
CA GLY A 266 -0.52 32.44 -5.26
C GLY A 266 0.94 32.31 -5.71
N LEU A 267 1.87 32.29 -4.77
CA LEU A 267 3.33 32.27 -5.04
C LEU A 267 3.91 30.89 -4.70
N TYR A 268 4.89 30.44 -5.48
CA TYR A 268 5.81 29.32 -5.11
C TYR A 268 6.57 29.72 -3.86
N PRO A 269 6.95 28.77 -2.97
CA PRO A 269 7.74 29.10 -1.80
C PRO A 269 9.04 29.83 -2.10
N GLU A 270 9.73 29.48 -3.20
CA GLU A 270 10.99 30.14 -3.63
C GLU A 270 10.75 31.65 -3.74
N SER A 271 9.52 32.10 -3.95
CA SER A 271 9.16 33.52 -4.15
C SER A 271 8.52 34.13 -2.89
N HIS A 272 7.78 33.36 -2.08
CA HIS A 272 7.09 33.91 -0.88
C HIS A 272 7.97 33.74 0.36
N GLY A 273 9.06 32.98 0.26
CA GLY A 273 10.12 32.97 1.27
C GLY A 273 9.89 31.93 2.36
N ILE A 274 8.71 31.36 2.49
CA ILE A 274 8.45 30.29 3.51
C ILE A 274 8.70 28.94 2.84
N ILE A 275 9.97 28.55 2.70
CA ILE A 275 10.37 27.37 1.88
C ILE A 275 10.29 26.10 2.74
N ASP A 276 10.17 26.22 4.06
CA ASP A 276 9.92 25.06 4.97
C ASP A 276 9.51 25.56 6.37
N ASN A 277 9.12 24.63 7.24
CA ASN A 277 8.72 24.89 8.65
C ASN A 277 9.97 25.28 9.45
N LYS A 278 11.15 24.88 8.96
CA LYS A 278 12.49 25.26 9.48
C LYS A 278 13.38 25.72 8.31
N MET A 279 14.00 26.91 8.40
CA MET A 279 14.95 27.42 7.38
C MET A 279 16.07 28.23 8.05
N TYR A 280 17.14 28.48 7.29
CA TYR A 280 18.21 29.46 7.62
C TYR A 280 18.34 30.48 6.48
N ASP A 281 18.33 31.78 6.81
CA ASP A 281 18.64 32.87 5.86
C ASP A 281 20.07 33.36 6.11
N PRO A 282 20.99 33.24 5.13
CA PRO A 282 22.38 33.69 5.32
C PRO A 282 22.55 35.21 5.35
N LYS A 283 21.75 35.97 4.59
CA LYS A 283 21.78 37.46 4.62
C LYS A 283 21.33 37.97 5.99
N MET A 284 20.34 37.33 6.62
CA MET A 284 19.80 37.72 7.95
C MET A 284 20.63 37.04 9.05
N ASN A 285 21.34 35.96 8.70
CA ASN A 285 22.04 35.05 9.64
C ASN A 285 21.10 34.74 10.83
N ALA A 286 19.89 34.27 10.52
CA ALA A 286 18.89 33.81 11.51
C ALA A 286 18.25 32.51 11.03
N SER A 287 17.76 31.70 11.98
CA SER A 287 16.97 30.46 11.71
C SER A 287 15.50 30.74 12.00
N PHE A 288 14.62 30.12 11.20
CA PHE A 288 13.14 30.19 11.34
C PHE A 288 12.65 28.88 11.95
N SER A 289 11.82 28.98 12.98
CA SER A 289 11.18 27.84 13.67
C SER A 289 9.75 28.26 14.06
N LEU A 290 8.83 27.30 14.13
CA LEU A 290 7.42 27.55 14.53
C LEU A 290 7.32 27.71 16.05
N LYS A 291 8.38 27.33 16.79
CA LYS A 291 8.44 27.33 18.27
C LYS A 291 9.29 28.50 18.77
N SER A 292 9.83 29.32 17.86
CA SER A 292 10.76 30.44 18.12
C SER A 292 10.05 31.78 17.95
N LYS A 293 10.65 32.87 18.43
CA LYS A 293 10.14 34.27 18.25
C LYS A 293 10.35 34.73 16.80
N GLU A 294 11.20 34.03 16.02
CA GLU A 294 11.50 34.40 14.61
C GLU A 294 10.29 34.12 13.71
N LYS A 295 9.35 33.27 14.16
CA LYS A 295 8.08 32.96 13.45
C LYS A 295 7.26 34.24 13.22
N PHE A 296 7.44 35.23 14.08
CA PHE A 296 6.66 36.50 14.07
C PHE A 296 7.45 37.61 13.36
N ASN A 297 8.67 37.33 12.90
CA ASN A 297 9.54 38.34 12.23
C ASN A 297 9.03 38.53 10.80
N PRO A 298 8.49 39.72 10.47
CA PRO A 298 7.98 39.99 9.13
C PRO A 298 8.94 39.69 7.97
N GLU A 299 10.25 39.70 8.23
CA GLU A 299 11.28 39.60 7.15
C GLU A 299 11.13 38.29 6.40
N TRP A 300 10.64 37.23 7.06
CA TRP A 300 10.49 35.87 6.48
C TRP A 300 9.42 35.86 5.39
N TYR A 301 8.32 36.57 5.61
CA TYR A 301 7.07 36.46 4.81
C TYR A 301 7.08 37.48 3.67
N LYS A 302 7.26 37.02 2.44
CA LYS A 302 7.22 37.89 1.24
C LYS A 302 5.84 37.78 0.57
N GLY A 303 5.69 38.40 -0.61
CA GLY A 303 4.44 38.49 -1.37
C GLY A 303 3.36 39.25 -0.60
N GLU A 304 2.12 39.07 -1.02
CA GLU A 304 0.93 39.77 -0.47
C GLU A 304 -0.15 38.73 -0.21
N PRO A 305 -0.38 38.34 1.06
CA PRO A 305 -1.47 37.43 1.39
C PRO A 305 -2.82 38.09 1.08
N ILE A 306 -3.83 37.28 0.75
CA ILE A 306 -5.13 37.79 0.23
C ILE A 306 -5.76 38.76 1.23
N TRP A 307 -5.53 38.59 2.53
CA TRP A 307 -6.11 39.50 3.55
C TRP A 307 -5.48 40.89 3.44
N VAL A 308 -4.25 40.99 2.96
CA VAL A 308 -3.58 42.29 2.69
C VAL A 308 -4.15 42.85 1.38
N THR A 309 -4.19 42.05 0.32
CA THR A 309 -4.79 42.42 -0.98
C THR A 309 -6.17 43.02 -0.70
N ALA A 310 -6.97 42.32 0.12
CA ALA A 310 -8.36 42.69 0.47
C ALA A 310 -8.37 44.06 1.17
N LYS A 311 -7.45 44.27 2.11
CA LYS A 311 -7.43 45.50 2.97
C LYS A 311 -7.23 46.73 2.08
N TYR A 312 -6.23 46.70 1.19
CA TYR A 312 -5.90 47.78 0.23
C TYR A 312 -7.11 48.12 -0.63
N GLN A 313 -8.04 47.19 -0.84
CA GLN A 313 -9.22 47.40 -1.73
C GLN A 313 -10.52 47.43 -0.90
N GLY A 314 -10.43 47.69 0.41
CA GLY A 314 -11.58 48.11 1.24
C GLY A 314 -12.35 46.96 1.89
N LEU A 315 -11.85 45.72 1.85
CA LEU A 315 -12.52 44.56 2.52
C LEU A 315 -11.75 44.20 3.80
N LYS A 316 -12.46 44.01 4.90
CA LYS A 316 -11.90 43.50 6.18
C LYS A 316 -11.80 41.97 6.15
N SER A 317 -10.89 41.41 6.94
CA SER A 317 -10.60 39.96 6.99
C SER A 317 -10.63 39.49 8.44
N GLY A 318 -11.02 38.23 8.65
CA GLY A 318 -11.14 37.58 9.97
C GLY A 318 -10.55 36.19 9.92
N THR A 319 -9.38 36.00 10.52
CA THR A 319 -8.61 34.74 10.47
C THR A 319 -8.66 34.04 11.83
N PHE A 320 -9.27 32.86 11.92
CA PHE A 320 -9.12 31.98 13.11
C PHE A 320 -8.07 30.94 12.73
N PHE A 321 -6.83 31.41 12.76
CA PHE A 321 -5.60 30.66 12.43
C PHE A 321 -5.45 30.54 10.91
N TRP A 322 -4.25 30.89 10.46
CA TRP A 322 -3.67 30.60 9.13
C TRP A 322 -2.20 30.98 9.24
N PRO A 323 -1.25 30.16 8.77
CA PRO A 323 0.16 30.58 8.71
C PRO A 323 0.32 31.99 8.11
N GLY A 324 0.93 32.91 8.88
CA GLY A 324 1.15 34.32 8.49
C GLY A 324 0.13 35.27 9.07
N SER A 325 -1.04 34.80 9.49
CA SER A 325 -2.17 35.67 9.94
C SER A 325 -1.88 36.26 11.33
N ASP A 326 -0.93 35.69 12.08
CA ASP A 326 -0.52 36.21 13.42
C ASP A 326 0.81 36.95 13.28
N VAL A 327 1.14 37.44 12.08
CA VAL A 327 2.39 38.19 11.76
C VAL A 327 2.00 39.53 11.11
N GLU A 328 2.73 40.60 11.41
CA GLU A 328 2.58 41.93 10.75
C GLU A 328 3.27 41.89 9.38
N ILE A 329 2.50 41.70 8.31
CA ILE A 329 3.00 41.59 6.90
C ILE A 329 2.65 42.88 6.16
N ASN A 330 3.64 43.51 5.51
CA ASN A 330 3.53 44.86 4.90
C ASN A 330 2.84 45.80 5.90
N GLY A 331 3.17 45.69 7.19
CA GLY A 331 2.67 46.56 8.27
C GLY A 331 1.23 46.29 8.64
N ILE A 332 0.61 45.22 8.11
CA ILE A 332 -0.85 44.94 8.23
C ILE A 332 -1.07 43.59 8.91
N PHE A 333 -2.00 43.56 9.87
CA PHE A 333 -2.65 42.32 10.39
C PHE A 333 -4.05 42.23 9.80
N PRO A 334 -4.65 41.02 9.79
CA PRO A 334 -6.09 40.91 9.51
C PRO A 334 -6.87 41.76 10.52
N ASP A 335 -8.06 42.24 10.15
CA ASP A 335 -8.90 43.09 11.04
C ASP A 335 -9.26 42.33 12.31
N ILE A 336 -9.43 41.01 12.21
CA ILE A 336 -9.60 40.10 13.38
C ILE A 336 -8.64 38.94 13.14
N TYR A 337 -7.81 38.59 14.13
CA TYR A 337 -6.88 37.45 14.04
C TYR A 337 -6.70 36.86 15.44
N LYS A 338 -6.19 35.63 15.49
CA LYS A 338 -5.90 34.93 16.76
C LYS A 338 -4.41 34.57 16.77
N MET A 339 -3.76 34.79 17.91
CA MET A 339 -2.41 34.24 18.16
C MET A 339 -2.57 32.72 18.19
N TYR A 340 -1.75 32.00 17.42
CA TYR A 340 -1.88 30.53 17.32
C TYR A 340 -1.90 29.92 18.72
N ASN A 341 -2.76 28.92 18.90
CA ASN A 341 -2.96 28.16 20.17
C ASN A 341 -3.72 26.89 19.78
N GLY A 342 -3.00 25.82 19.48
CA GLY A 342 -3.59 24.57 18.96
C GLY A 342 -4.53 23.90 19.96
N SER A 343 -4.54 24.35 21.22
CA SER A 343 -5.34 23.76 22.30
C SER A 343 -6.80 24.21 22.18
N VAL A 344 -7.06 25.27 21.43
CA VAL A 344 -8.44 25.84 21.29
C VAL A 344 -9.26 24.80 20.57
N PRO A 345 -10.37 24.31 21.17
CA PRO A 345 -11.16 23.25 20.57
C PRO A 345 -11.76 23.71 19.24
N PHE A 346 -11.87 22.81 18.27
CA PHE A 346 -12.40 23.10 16.91
C PHE A 346 -13.74 23.84 17.03
N GLU A 347 -14.62 23.36 17.91
CA GLU A 347 -15.98 23.91 18.08
C GLU A 347 -15.90 25.42 18.37
N GLU A 348 -14.96 25.86 19.19
CA GLU A 348 -14.84 27.28 19.63
C GLU A 348 -14.38 28.14 18.44
N ARG A 349 -13.50 27.59 17.60
CA ARG A 349 -13.02 28.26 16.36
C ARG A 349 -14.22 28.54 15.45
N ILE A 350 -15.01 27.51 15.13
CA ILE A 350 -16.18 27.62 14.23
C ILE A 350 -17.20 28.61 14.83
N LEU A 351 -17.48 28.49 16.12
CA LEU A 351 -18.48 29.35 16.81
C LEU A 351 -18.05 30.82 16.73
N ALA A 352 -16.75 31.10 16.83
CA ALA A 352 -16.18 32.48 16.78
C ALA A 352 -16.39 33.05 15.38
N VAL A 353 -16.08 32.30 14.33
CA VAL A 353 -16.30 32.72 12.91
C VAL A 353 -17.78 33.07 12.74
N LEU A 354 -18.68 32.29 13.34
CA LEU A 354 -20.15 32.48 13.20
C LEU A 354 -20.56 33.76 13.93
N GLN A 355 -19.85 34.13 15.00
CA GLN A 355 -20.02 35.44 15.68
C GLN A 355 -19.54 36.56 14.75
N TRP A 356 -18.41 36.40 14.09
CA TRP A 356 -17.86 37.45 13.18
C TRP A 356 -18.86 37.70 12.04
N LEU A 357 -19.56 36.67 11.57
CA LEU A 357 -20.52 36.79 10.45
C LEU A 357 -21.78 37.53 10.92
N GLN A 358 -21.95 37.72 12.23
CA GLN A 358 -23.09 38.48 12.82
C GLN A 358 -22.63 39.88 13.26
N LEU A 359 -21.40 40.27 12.99
CA LEU A 359 -20.92 41.65 13.26
C LEU A 359 -21.75 42.60 12.40
N PRO A 360 -22.00 43.85 12.85
CA PRO A 360 -22.58 44.86 11.97
C PRO A 360 -21.68 45.14 10.76
N LYS A 361 -22.28 45.52 9.64
CA LYS A 361 -21.68 45.51 8.28
C LYS A 361 -20.40 46.36 8.22
N ASP A 362 -20.30 47.42 9.03
CA ASP A 362 -19.12 48.33 9.06
C ASP A 362 -17.88 47.57 9.55
N GLU A 363 -18.01 46.62 10.48
CA GLU A 363 -16.83 45.92 11.08
C GLU A 363 -16.76 44.46 10.63
N ARG A 364 -17.76 43.96 9.89
CA ARG A 364 -17.86 42.53 9.52
C ARG A 364 -16.92 42.20 8.36
N PRO A 365 -15.99 41.25 8.52
CA PRO A 365 -15.12 40.81 7.43
C PRO A 365 -15.84 40.20 6.22
N HIS A 366 -15.14 40.18 5.08
CA HIS A 366 -15.55 39.51 3.81
C HIS A 366 -14.74 38.23 3.62
N PHE A 367 -13.45 38.25 4.01
CA PHE A 367 -12.54 37.10 3.89
C PHE A 367 -12.31 36.51 5.26
N TYR A 368 -12.57 35.21 5.40
CA TYR A 368 -12.44 34.43 6.66
C TYR A 368 -11.49 33.26 6.41
N THR A 369 -10.78 32.83 7.45
CA THR A 369 -10.02 31.57 7.42
C THR A 369 -10.35 30.74 8.67
N LEU A 370 -10.25 29.42 8.50
CA LEU A 370 -10.35 28.41 9.56
C LEU A 370 -9.26 27.40 9.30
N TYR A 371 -8.47 27.06 10.31
CA TYR A 371 -7.42 26.02 10.24
C TYR A 371 -7.66 25.04 11.39
N LEU A 372 -7.71 23.74 11.07
CA LEU A 372 -7.74 22.62 12.06
C LEU A 372 -6.49 21.76 11.87
N GLU A 373 -5.93 21.22 12.97
CA GLU A 373 -4.66 20.44 12.94
C GLU A 373 -4.90 19.01 12.44
N GLU A 374 -6.14 18.58 12.31
CA GLU A 374 -6.48 17.18 11.93
C GLU A 374 -6.96 17.18 10.49
N PRO A 375 -6.77 16.07 9.74
CA PRO A 375 -6.17 14.84 10.26
C PRO A 375 -4.64 14.69 10.15
N ASP A 376 -3.89 15.80 10.15
CA ASP A 376 -2.40 15.74 10.05
C ASP A 376 -1.83 15.14 11.34
N SER A 377 -2.28 15.60 12.50
N SER A 377 -2.28 15.60 12.50
CA SER A 377 -1.81 15.15 13.84
CA SER A 377 -1.82 15.14 13.84
C SER A 377 -1.92 13.63 13.92
C SER A 377 -1.91 13.62 13.92
N SER A 378 -3.12 13.09 13.71
CA SER A 378 -3.40 11.63 13.77
C SER A 378 -2.58 10.92 12.70
N GLY A 379 -2.39 11.55 11.53
CA GLY A 379 -1.64 10.96 10.42
C GLY A 379 -0.20 10.66 10.82
N HIS A 380 0.50 11.64 11.39
CA HIS A 380 1.89 11.48 11.90
C HIS A 380 1.89 10.38 12.97
N SER A 381 1.08 10.57 14.00
CA SER A 381 1.12 9.80 15.27
C SER A 381 0.81 8.32 15.01
N TYR A 382 -0.10 8.01 14.08
CA TYR A 382 -0.68 6.65 13.95
C TYR A 382 -0.61 6.15 12.50
N GLY A 383 -0.24 6.99 11.52
CA GLY A 383 -0.16 6.61 10.10
C GLY A 383 -1.47 6.89 9.37
N PRO A 384 -1.43 7.12 8.04
CA PRO A 384 -2.63 7.48 7.28
C PRO A 384 -3.70 6.38 7.19
N VAL A 385 -3.31 5.12 7.39
CA VAL A 385 -4.27 3.99 7.46
C VAL A 385 -4.30 3.50 8.91
N SER A 386 -5.23 4.04 9.70
CA SER A 386 -5.33 3.77 11.15
C SER A 386 -6.75 4.09 11.65
N SER A 387 -7.14 3.48 12.76
CA SER A 387 -8.39 3.81 13.50
C SER A 387 -8.36 5.29 13.90
N GLU A 388 -7.19 5.82 14.26
CA GLU A 388 -7.09 7.20 14.79
C GLU A 388 -7.38 8.19 13.66
N VAL A 389 -6.88 7.93 12.45
CA VAL A 389 -7.14 8.80 11.27
C VAL A 389 -8.63 8.72 10.90
N ILE A 390 -9.25 7.54 10.90
CA ILE A 390 -10.70 7.38 10.60
C ILE A 390 -11.50 8.26 11.58
N LYS A 391 -11.19 8.19 12.88
CA LYS A 391 -11.95 8.94 13.90
C LYS A 391 -11.71 10.44 13.71
N ALA A 392 -10.52 10.82 13.26
CA ALA A 392 -10.12 12.22 13.03
C ALA A 392 -10.87 12.79 11.82
N LEU A 393 -11.01 11.98 10.77
CA LEU A 393 -11.76 12.33 9.55
C LEU A 393 -13.24 12.51 9.89
N GLN A 394 -13.81 11.62 10.68
CA GLN A 394 -15.22 11.72 11.11
C GLN A 394 -15.39 13.01 11.93
N ARG A 395 -14.38 13.38 12.73
CA ARG A 395 -14.45 14.55 13.63
C ARG A 395 -14.47 15.82 12.77
N VAL A 396 -13.52 15.98 11.84
CA VAL A 396 -13.45 17.19 10.97
C VAL A 396 -14.71 17.24 10.08
N ASP A 397 -15.23 16.08 9.65
CA ASP A 397 -16.49 16.03 8.87
C ASP A 397 -17.60 16.67 9.71
N GLY A 398 -17.73 16.24 10.97
CA GLY A 398 -18.68 16.79 11.95
C GLY A 398 -18.50 18.28 12.14
N MET A 399 -17.25 18.75 12.17
CA MET A 399 -16.93 20.20 12.36
C MET A 399 -17.38 21.00 11.13
N VAL A 400 -17.14 20.50 9.91
CA VAL A 400 -17.64 21.14 8.66
C VAL A 400 -19.17 21.22 8.75
N GLY A 401 -19.81 20.14 9.20
CA GLY A 401 -21.27 20.06 9.38
C GLY A 401 -21.74 21.11 10.36
N MET A 402 -20.98 21.32 11.43
CA MET A 402 -21.31 22.33 12.47
C MET A 402 -21.29 23.73 11.81
N LEU A 403 -20.30 24.01 10.95
CA LEU A 403 -20.24 25.31 10.25
C LEU A 403 -21.49 25.46 9.38
N MET A 404 -21.82 24.45 8.57
CA MET A 404 -22.94 24.54 7.60
C MET A 404 -24.27 24.70 8.36
N ASP A 405 -24.46 23.95 9.44
CA ASP A 405 -25.64 24.07 10.33
C ASP A 405 -25.68 25.49 10.88
N GLY A 406 -24.53 26.03 11.24
CA GLY A 406 -24.41 27.40 11.80
C GLY A 406 -24.75 28.45 10.77
N LEU A 407 -24.26 28.29 9.54
CA LEU A 407 -24.54 29.22 8.42
C LEU A 407 -26.03 29.18 8.11
N LYS A 408 -26.62 27.98 8.11
CA LYS A 408 -28.08 27.77 7.85
C LYS A 408 -28.88 28.56 8.88
N GLU A 409 -28.54 28.46 10.17
CA GLU A 409 -29.25 29.19 11.25
C GLU A 409 -29.25 30.68 10.93
N LEU A 410 -28.14 31.20 10.38
CA LEU A 410 -27.93 32.64 10.08
C LEU A 410 -28.48 33.03 8.70
N ASN A 411 -29.00 32.07 7.94
CA ASN A 411 -29.47 32.27 6.54
C ASN A 411 -28.29 32.78 5.69
N LEU A 412 -27.10 32.21 5.90
CA LEU A 412 -25.86 32.55 5.15
C LEU A 412 -25.39 31.34 4.35
N HIS A 413 -26.13 30.23 4.37
CA HIS A 413 -25.75 28.97 3.68
C HIS A 413 -26.01 29.06 2.19
N ARG A 414 -26.69 30.09 1.71
CA ARG A 414 -26.83 30.38 0.27
C ARG A 414 -26.24 31.78 -0.01
N CYS A 415 -25.23 32.16 0.76
CA CYS A 415 -24.55 33.48 0.67
C CYS A 415 -23.03 33.28 0.60
N LEU A 416 -22.46 32.69 1.65
CA LEU A 416 -21.01 32.48 1.83
C LEU A 416 -20.45 31.52 0.78
N ASN A 417 -19.32 31.89 0.18
CA ASN A 417 -18.50 30.98 -0.66
C ASN A 417 -17.51 30.26 0.23
N LEU A 418 -17.66 28.94 0.39
CA LEU A 418 -16.76 28.11 1.22
C LEU A 418 -15.77 27.43 0.29
N ILE A 419 -14.48 27.54 0.60
CA ILE A 419 -13.41 26.72 -0.02
C ILE A 419 -12.84 25.83 1.07
N LEU A 420 -13.21 24.55 1.06
CA LEU A 420 -12.67 23.51 1.97
C LEU A 420 -11.43 22.96 1.29
N ILE A 421 -10.29 22.99 1.98
CA ILE A 421 -8.97 22.77 1.33
C ILE A 421 -8.04 22.07 2.32
N SER A 422 -6.93 21.51 1.82
CA SER A 422 -5.79 21.07 2.65
C SER A 422 -4.47 21.45 1.99
N ASP A 423 -3.40 21.45 2.79
CA ASP A 423 -2.05 21.91 2.41
C ASP A 423 -1.35 20.80 1.63
N HIS A 424 -1.59 19.53 1.97
CA HIS A 424 -0.78 18.39 1.47
C HIS A 424 -1.39 17.07 1.97
N GLY A 425 -0.86 15.97 1.46
CA GLY A 425 -1.28 14.62 1.88
C GLY A 425 -0.43 14.08 3.03
N MET A 426 -0.24 12.76 3.04
CA MET A 426 0.31 12.00 4.17
C MET A 426 0.71 10.64 3.62
N GLU A 427 1.86 10.12 4.04
CA GLU A 427 2.44 8.83 3.57
C GLU A 427 2.88 8.07 4.82
N GLN A 428 2.90 6.74 4.75
CA GLN A 428 3.43 5.88 5.83
C GLN A 428 4.95 5.86 5.75
N GLY A 429 5.62 6.38 6.78
CA GLY A 429 7.07 6.24 6.96
C GLY A 429 7.43 4.85 7.46
N SER A 430 8.68 4.43 7.26
CA SER A 430 9.20 3.10 7.66
C SER A 430 10.68 3.22 7.98
N CYS A 431 11.10 2.60 9.08
CA CYS A 431 12.51 2.59 9.56
C CYS A 431 13.38 1.86 8.53
N LYS A 432 12.78 0.97 7.72
CA LYS A 432 13.46 0.23 6.63
C LYS A 432 13.58 1.10 5.36
N LYS A 433 12.91 2.25 5.31
CA LYS A 433 12.91 3.17 4.15
C LYS A 433 13.45 4.53 4.59
N TYR A 434 14.56 4.52 5.33
CA TYR A 434 15.25 5.74 5.81
C TYR A 434 16.73 5.61 5.45
N ILE A 435 17.25 6.59 4.72
CA ILE A 435 18.67 6.67 4.31
C ILE A 435 19.38 7.54 5.34
N TYR A 436 20.53 7.08 5.84
CA TYR A 436 21.43 7.87 6.72
C TYR A 436 22.71 8.13 5.92
N LEU A 437 23.11 9.41 5.84
CA LEU A 437 24.25 9.85 5.00
C LEU A 437 25.57 9.45 5.65
N ASN A 438 25.61 9.30 6.98
CA ASN A 438 26.85 8.94 7.73
C ASN A 438 27.42 7.62 7.19
N LYS A 439 26.57 6.74 6.63
CA LYS A 439 26.99 5.49 5.96
C LYS A 439 27.98 5.79 4.84
N TYR A 440 27.80 6.91 4.12
CA TYR A 440 28.62 7.26 2.93
C TYR A 440 29.68 8.32 3.26
N LEU A 441 29.46 9.16 4.27
CA LEU A 441 30.29 10.35 4.58
C LEU A 441 31.09 10.15 5.87
N GLY A 442 30.69 9.21 6.73
CA GLY A 442 31.20 9.06 8.11
C GLY A 442 30.60 10.10 9.04
N ASP A 443 30.90 10.03 10.34
CA ASP A 443 30.27 10.84 11.41
C ASP A 443 30.83 12.26 11.40
N VAL A 444 30.79 12.94 10.24
CA VAL A 444 31.32 14.32 10.02
C VAL A 444 30.48 15.32 10.83
N LYS A 445 31.07 16.45 11.23
CA LYS A 445 30.44 17.47 12.10
C LYS A 445 30.50 18.87 11.44
N ASN A 446 30.84 18.96 10.14
CA ASN A 446 30.97 20.24 9.39
C ASN A 446 29.70 20.53 8.56
N ILE A 447 28.76 19.56 8.50
CA ILE A 447 27.47 19.71 7.73
C ILE A 447 26.27 19.50 8.66
N LYS A 448 25.20 20.24 8.38
CA LYS A 448 23.84 20.15 8.99
C LYS A 448 22.90 19.66 7.89
N VAL A 449 22.16 18.57 8.10
CA VAL A 449 21.22 17.99 7.09
C VAL A 449 19.79 18.15 7.60
N ILE A 450 18.95 18.87 6.86
CA ILE A 450 17.49 18.96 7.08
C ILE A 450 16.88 17.59 6.72
N TYR A 451 16.30 16.89 7.69
CA TYR A 451 15.82 15.50 7.53
C TYR A 451 14.42 15.51 6.89
N GLY A 452 13.98 14.35 6.43
CA GLY A 452 12.66 14.15 5.80
C GLY A 452 12.79 13.80 4.32
N PRO A 453 11.66 13.77 3.58
CA PRO A 453 11.69 13.44 2.15
C PRO A 453 12.15 14.59 1.25
N ALA A 454 12.20 15.81 1.79
CA ALA A 454 12.65 17.04 1.10
C ALA A 454 13.95 17.52 1.74
N ALA A 455 14.88 16.58 1.94
CA ALA A 455 16.14 16.77 2.68
C ALA A 455 17.05 17.72 1.90
N ARG A 456 17.82 18.52 2.64
CA ARG A 456 18.72 19.58 2.14
C ARG A 456 19.97 19.61 3.02
N LEU A 457 21.10 20.04 2.46
CA LEU A 457 22.44 20.00 3.12
C LEU A 457 23.06 21.39 3.07
N ARG A 458 23.73 21.77 4.17
CA ARG A 458 24.26 23.13 4.43
C ARG A 458 25.50 22.99 5.31
N PRO A 459 26.56 23.82 5.14
CA PRO A 459 27.67 23.84 6.10
C PRO A 459 27.22 24.28 7.51
N SER A 460 27.90 23.75 8.54
CA SER A 460 27.74 24.15 9.98
C SER A 460 28.20 25.59 10.16
N ASP A 461 29.31 25.94 9.51
CA ASP A 461 29.97 27.27 9.63
C ASP A 461 29.23 28.27 8.71
N VAL A 462 28.17 28.90 9.22
CA VAL A 462 27.35 29.89 8.48
C VAL A 462 27.28 31.17 9.31
N PRO A 463 27.25 32.37 8.68
CA PRO A 463 27.10 32.50 7.23
C PRO A 463 28.40 32.44 6.42
N ASP A 464 29.53 32.13 7.08
CA ASP A 464 30.88 32.31 6.49
C ASP A 464 31.02 31.47 5.21
N LYS A 465 30.79 30.16 5.30
CA LYS A 465 31.07 29.20 4.19
C LYS A 465 29.80 28.89 3.38
N TYR A 466 28.70 29.62 3.56
CA TYR A 466 27.37 29.28 2.96
C TYR A 466 27.47 29.18 1.43
N TYR A 467 28.21 30.09 0.78
CA TYR A 467 28.36 30.13 -0.69
C TYR A 467 29.64 29.40 -1.12
N SER A 468 30.70 29.47 -0.32
CA SER A 468 32.07 29.01 -0.67
C SER A 468 32.19 27.48 -0.55
N PHE A 469 31.35 26.84 0.27
CA PHE A 469 31.43 25.40 0.66
C PHE A 469 31.39 24.49 -0.58
N ASN A 470 32.03 23.33 -0.49
CA ASN A 470 32.21 22.38 -1.61
C ASN A 470 30.98 21.45 -1.69
N TYR A 471 29.84 21.99 -2.14
CA TYR A 471 28.56 21.26 -2.32
C TYR A 471 28.74 20.17 -3.39
N GLU A 472 29.27 20.57 -4.55
CA GLU A 472 29.53 19.71 -5.73
C GLU A 472 30.33 18.47 -5.31
N GLY A 473 31.30 18.64 -4.39
CA GLY A 473 32.11 17.54 -3.83
C GLY A 473 31.25 16.45 -3.24
N ILE A 474 30.37 16.81 -2.31
CA ILE A 474 29.47 15.85 -1.60
C ILE A 474 28.46 15.29 -2.61
N ALA A 475 27.94 16.14 -3.50
CA ALA A 475 27.02 15.73 -4.58
C ALA A 475 27.60 14.52 -5.29
N ARG A 476 28.84 14.62 -5.78
CA ARG A 476 29.52 13.56 -6.58
C ARG A 476 29.80 12.36 -5.68
N ASN A 477 30.22 12.61 -4.43
CA ASN A 477 30.45 11.58 -3.38
C ASN A 477 29.19 10.71 -3.23
N LEU A 478 27.99 11.31 -3.28
CA LEU A 478 26.71 10.62 -2.93
C LEU A 478 25.94 10.08 -4.16
N SER A 479 26.38 10.36 -5.39
CA SER A 479 25.69 9.92 -6.64
C SER A 479 25.99 8.45 -6.92
N CYS A 480 24.97 7.71 -7.37
CA CYS A 480 25.11 6.37 -7.99
C CYS A 480 25.99 5.45 -7.13
N ARG A 481 25.87 5.54 -5.82
CA ARG A 481 26.67 4.75 -4.84
C ARG A 481 26.06 3.36 -4.67
N GLU A 482 24.79 3.16 -5.04
CA GLU A 482 24.13 1.82 -5.12
C GLU A 482 23.26 1.76 -6.36
N PRO A 483 22.96 0.55 -6.89
CA PRO A 483 21.91 0.40 -7.90
C PRO A 483 20.53 0.42 -7.21
N ASN A 484 19.52 0.99 -7.87
CA ASN A 484 18.20 1.29 -7.28
C ASN A 484 18.40 1.98 -5.91
N GLN A 485 19.27 3.00 -5.89
CA GLN A 485 19.40 4.01 -4.79
C GLN A 485 18.07 4.76 -4.67
N HIS A 486 17.58 5.02 -3.45
CA HIS A 486 16.23 5.60 -3.21
C HIS A 486 16.32 7.11 -2.99
N PHE A 487 17.48 7.72 -3.24
CA PHE A 487 17.67 9.20 -3.17
C PHE A 487 18.63 9.62 -4.27
N LYS A 488 18.74 10.92 -4.47
CA LYS A 488 19.49 11.53 -5.58
C LYS A 488 19.92 12.91 -5.12
N PRO A 489 21.24 13.18 -5.03
CA PRO A 489 21.69 14.53 -4.70
C PRO A 489 21.55 15.42 -5.93
N TYR A 490 21.03 16.63 -5.73
CA TYR A 490 20.78 17.65 -6.77
C TYR A 490 21.29 18.98 -6.24
N LEU A 491 22.19 19.65 -6.96
CA LEU A 491 22.34 21.11 -6.80
C LEU A 491 20.98 21.70 -7.19
N LYS A 492 20.47 22.67 -6.42
CA LYS A 492 19.06 23.12 -6.54
C LYS A 492 18.72 23.50 -7.99
N HIS A 493 19.64 24.10 -8.75
CA HIS A 493 19.38 24.59 -10.12
C HIS A 493 19.21 23.42 -11.10
N PHE A 494 19.61 22.20 -10.72
CA PHE A 494 19.49 20.97 -11.57
C PHE A 494 18.22 20.19 -11.23
N LEU A 495 17.50 20.55 -10.15
CA LEU A 495 16.17 19.99 -9.81
C LEU A 495 15.22 20.27 -10.98
N PRO A 496 14.25 19.35 -11.24
CA PRO A 496 13.18 19.60 -12.20
C PRO A 496 12.55 20.98 -12.02
N LYS A 497 12.32 21.70 -13.13
CA LYS A 497 11.84 23.09 -13.13
C LYS A 497 10.41 23.13 -12.57
N ARG A 498 9.64 22.05 -12.78
CA ARG A 498 8.24 21.94 -12.28
C ARG A 498 8.18 22.11 -10.75
N LEU A 499 9.26 21.82 -10.02
CA LEU A 499 9.31 21.99 -8.54
C LEU A 499 9.53 23.46 -8.13
N HIS A 500 9.95 24.33 -9.05
CA HIS A 500 10.22 25.77 -8.81
C HIS A 500 10.85 25.95 -7.43
N PHE A 501 11.99 25.27 -7.19
CA PHE A 501 12.65 25.18 -5.87
C PHE A 501 14.15 25.46 -5.98
N ALA A 502 14.54 26.73 -6.20
CA ALA A 502 15.95 27.16 -6.38
C ALA A 502 16.14 28.66 -6.10
N LYS A 503 15.27 29.54 -6.59
CA LYS A 503 15.50 31.01 -6.63
C LYS A 503 15.98 31.52 -5.26
N SER A 504 15.33 31.14 -4.17
CA SER A 504 15.60 31.70 -2.82
C SER A 504 16.99 31.29 -2.32
N ASP A 505 17.67 32.21 -1.63
CA ASP A 505 18.95 31.93 -0.92
C ASP A 505 18.68 31.06 0.32
N ARG A 506 17.41 30.96 0.75
CA ARG A 506 17.00 30.14 1.93
C ARG A 506 16.90 28.66 1.52
N ILE A 507 16.90 28.37 0.22
CA ILE A 507 16.99 26.97 -0.30
C ILE A 507 18.48 26.61 -0.37
N GLU A 508 18.90 25.67 0.47
CA GLU A 508 20.30 25.22 0.57
C GLU A 508 20.75 24.83 -0.83
N PRO A 509 21.97 25.23 -1.27
CA PRO A 509 22.49 24.85 -2.59
C PRO A 509 22.51 23.34 -2.93
N LEU A 510 22.56 22.46 -1.93
CA LEU A 510 22.46 20.99 -2.16
C LEU A 510 21.15 20.48 -1.55
N THR A 511 20.29 19.88 -2.39
CA THR A 511 18.99 19.28 -2.01
C THR A 511 19.05 17.77 -2.33
N PHE A 512 18.12 17.00 -1.77
CA PHE A 512 17.93 15.56 -2.08
C PHE A 512 16.51 15.34 -2.63
N TYR A 513 16.38 14.53 -3.67
CA TYR A 513 15.08 14.07 -4.21
C TYR A 513 14.89 12.61 -3.79
N LEU A 514 13.87 12.35 -2.96
CA LEU A 514 13.60 11.01 -2.39
C LEU A 514 12.49 10.31 -3.17
N ASP A 515 12.61 8.99 -3.33
CA ASP A 515 11.56 8.12 -3.93
C ASP A 515 10.36 8.10 -2.99
N PRO A 516 9.14 7.79 -3.49
CA PRO A 516 7.97 7.63 -2.64
C PRO A 516 8.24 6.77 -1.39
N GLN A 517 7.76 7.22 -0.24
CA GLN A 517 7.81 6.49 1.07
C GLN A 517 9.20 6.58 1.70
N TRP A 518 10.21 7.11 1.01
CA TRP A 518 11.61 7.19 1.52
C TRP A 518 11.92 8.57 2.09
N GLN A 519 12.77 8.60 3.14
CA GLN A 519 13.23 9.82 3.84
C GLN A 519 14.74 9.72 4.07
N LEU A 520 15.35 10.81 4.53
CA LEU A 520 16.83 10.95 4.62
C LEU A 520 17.18 11.82 5.82
N ALA A 521 18.25 11.45 6.53
CA ALA A 521 18.89 12.25 7.60
C ALA A 521 20.41 12.01 7.59
N LEU A 522 21.16 12.81 8.36
CA LEU A 522 22.62 12.59 8.56
C LEU A 522 22.83 11.26 9.28
N ASN A 523 22.12 11.04 10.39
CA ASN A 523 22.26 9.85 11.27
C ASN A 523 20.95 9.61 12.03
N PRO A 524 20.67 8.36 12.49
CA PRO A 524 19.48 8.05 13.27
C PRO A 524 19.11 8.96 14.44
N SER A 525 20.10 9.58 15.10
CA SER A 525 19.89 10.45 16.28
C SER A 525 19.25 11.78 15.87
N GLU A 526 19.51 12.26 14.64
CA GLU A 526 19.01 13.57 14.13
C GLU A 526 17.81 13.34 13.20
N ARG A 527 16.71 12.84 13.76
CA ARG A 527 15.39 12.64 13.12
C ARG A 527 14.38 12.32 14.24
N LYS A 528 13.11 12.11 13.91
CA LYS A 528 12.07 11.67 14.88
C LYS A 528 11.78 10.20 14.56
N TYR A 529 10.82 9.57 15.23
N TYR A 529 10.82 9.56 15.23
CA TYR A 529 10.38 8.18 14.97
CA TYR A 529 10.52 8.13 14.98
C TYR A 529 10.22 7.96 13.46
C TYR A 529 10.23 7.93 13.49
N CYS A 530 10.97 7.01 12.87
CA CYS A 530 11.00 6.73 11.42
C CYS A 530 9.69 6.06 10.96
N GLY A 531 8.95 5.45 11.89
CA GLY A 531 7.73 4.67 11.59
C GLY A 531 6.48 5.52 11.58
N SER A 532 6.61 6.81 11.85
CA SER A 532 5.51 7.82 11.84
C SER A 532 5.04 8.08 10.40
N GLY A 533 3.82 8.58 10.26
CA GLY A 533 3.33 9.18 9.00
C GLY A 533 4.15 10.42 8.70
N PHE A 534 4.37 10.73 7.42
CA PHE A 534 5.16 11.91 7.00
C PHE A 534 4.64 12.45 5.68
N HIS A 535 5.12 13.64 5.31
CA HIS A 535 4.85 14.33 4.03
C HIS A 535 6.02 15.27 3.73
N GLY A 536 6.06 15.86 2.52
CA GLY A 536 7.17 16.71 2.06
C GLY A 536 7.74 16.22 0.74
N SER A 537 7.36 15.03 0.30
CA SER A 537 7.85 14.40 -0.95
C SER A 537 7.39 15.23 -2.16
N ASP A 538 7.91 14.88 -3.34
CA ASP A 538 7.55 15.42 -4.67
C ASP A 538 6.03 15.68 -4.74
N ASN A 539 5.63 16.85 -5.23
CA ASN A 539 4.21 17.30 -5.20
C ASN A 539 3.38 16.56 -6.25
N VAL A 540 3.96 15.66 -7.04
CA VAL A 540 3.16 14.84 -8.00
C VAL A 540 2.93 13.42 -7.46
N PHE A 541 3.45 13.06 -6.29
CA PHE A 541 3.16 11.72 -5.70
C PHE A 541 1.69 11.69 -5.30
N SER A 542 1.00 10.57 -5.57
CA SER A 542 -0.45 10.38 -5.32
C SER A 542 -0.83 10.76 -3.87
N ASN A 543 -0.10 10.24 -2.89
CA ASN A 543 -0.45 10.40 -1.45
C ASN A 543 -0.10 11.80 -0.96
N MET A 544 0.51 12.66 -1.79
CA MET A 544 0.78 14.07 -1.40
C MET A 544 -0.34 14.99 -1.90
N GLN A 545 -1.22 14.50 -2.79
CA GLN A 545 -2.30 15.33 -3.38
C GLN A 545 -3.28 15.75 -2.28
N ALA A 546 -3.91 16.90 -2.44
CA ALA A 546 -4.69 17.59 -1.39
C ALA A 546 -6.17 17.61 -1.73
N LEU A 547 -6.97 18.02 -0.74
CA LEU A 547 -8.44 18.21 -0.82
C LEU A 547 -8.72 19.59 -1.41
N PHE A 548 -9.71 19.70 -2.30
CA PHE A 548 -10.35 20.99 -2.66
C PHE A 548 -11.83 20.77 -2.92
N VAL A 549 -12.70 21.46 -2.18
CA VAL A 549 -14.15 21.53 -2.48
C VAL A 549 -14.58 22.99 -2.40
N GLY A 550 -15.22 23.50 -3.45
CA GLY A 550 -15.80 24.85 -3.50
C GLY A 550 -17.31 24.74 -3.54
N TYR A 551 -17.98 25.39 -2.59
CA TYR A 551 -19.46 25.41 -2.50
C TYR A 551 -19.93 26.83 -2.17
N GLY A 552 -20.95 27.30 -2.90
CA GLY A 552 -21.57 28.62 -2.68
C GLY A 552 -22.01 29.25 -3.99
N PRO A 553 -22.53 30.49 -3.95
CA PRO A 553 -23.10 31.14 -5.13
C PRO A 553 -22.10 31.30 -6.28
N GLY A 554 -20.83 31.59 -5.94
CA GLY A 554 -19.74 31.79 -6.90
C GLY A 554 -19.39 30.52 -7.67
N PHE A 555 -19.66 29.35 -7.10
CA PHE A 555 -19.15 28.05 -7.63
C PHE A 555 -20.26 27.28 -8.35
N LYS A 556 -19.86 26.57 -9.39
CA LYS A 556 -20.73 25.63 -10.12
C LYS A 556 -21.10 24.47 -9.18
N HIS A 557 -22.15 23.72 -9.56
CA HIS A 557 -22.76 22.65 -8.74
C HIS A 557 -22.59 21.30 -9.45
N GLY A 558 -22.05 20.30 -8.75
CA GLY A 558 -21.95 18.91 -9.24
C GLY A 558 -20.89 18.76 -10.32
N ILE A 559 -19.86 19.62 -10.31
CA ILE A 559 -18.72 19.64 -11.28
C ILE A 559 -17.55 18.88 -10.67
N GLU A 560 -16.92 17.99 -11.44
CA GLU A 560 -15.60 17.40 -11.12
C GLU A 560 -14.57 17.99 -12.08
N ALA A 561 -13.76 18.94 -11.61
CA ALA A 561 -12.72 19.60 -12.44
C ALA A 561 -11.50 18.70 -12.52
N ASP A 562 -10.73 18.80 -13.60
CA ASP A 562 -9.42 18.10 -13.72
C ASP A 562 -8.51 18.68 -12.64
N THR A 563 -7.44 17.96 -12.30
CA THR A 563 -6.41 18.37 -11.32
C THR A 563 -5.92 19.78 -11.64
N PHE A 564 -5.87 20.65 -10.63
CA PHE A 564 -5.23 21.99 -10.70
C PHE A 564 -4.31 22.17 -9.48
N GLU A 565 -3.50 23.23 -9.51
CA GLU A 565 -2.44 23.51 -8.52
C GLU A 565 -2.97 24.55 -7.52
N ASN A 566 -2.55 24.48 -6.26
CA ASN A 566 -3.08 25.35 -5.18
C ASN A 566 -2.63 26.81 -5.42
N ILE A 567 -1.64 27.06 -6.27
CA ILE A 567 -1.17 28.44 -6.58
C ILE A 567 -2.21 29.16 -7.44
N GLU A 568 -3.19 28.43 -8.00
CA GLU A 568 -4.26 29.03 -8.82
C GLU A 568 -5.37 29.57 -7.91
N VAL A 569 -5.37 29.22 -6.62
CA VAL A 569 -6.52 29.49 -5.72
C VAL A 569 -6.54 30.98 -5.34
N TYR A 570 -5.39 31.64 -5.23
CA TYR A 570 -5.30 33.07 -4.86
C TYR A 570 -6.15 33.89 -5.85
N ASN A 571 -5.92 33.70 -7.14
CA ASN A 571 -6.68 34.41 -8.23
C ASN A 571 -8.17 34.11 -8.10
N LEU A 572 -8.53 32.84 -7.86
CA LEU A 572 -9.93 32.38 -7.74
C LEU A 572 -10.59 33.13 -6.58
N MET A 573 -9.95 33.18 -5.41
CA MET A 573 -10.49 33.87 -4.22
C MET A 573 -10.61 35.37 -4.53
N CYS A 574 -9.66 35.96 -5.24
CA CYS A 574 -9.70 37.39 -5.66
C CYS A 574 -10.95 37.62 -6.52
N ASP A 575 -11.24 36.72 -7.46
CA ASP A 575 -12.42 36.83 -8.37
C ASP A 575 -13.70 36.76 -7.52
N LEU A 576 -13.73 35.88 -6.53
CA LEU A 576 -14.92 35.64 -5.68
C LEU A 576 -15.21 36.90 -4.85
N LEU A 577 -14.19 37.74 -4.60
CA LEU A 577 -14.28 38.95 -3.74
C LEU A 577 -14.20 40.23 -4.60
N ASN A 578 -14.24 40.10 -5.92
CA ASN A 578 -14.07 41.25 -6.86
C ASN A 578 -12.83 42.08 -6.47
N LEU A 579 -11.71 41.43 -6.14
CA LEU A 579 -10.40 42.08 -5.91
C LEU A 579 -9.52 41.95 -7.17
N THR A 580 -8.63 42.92 -7.37
CA THR A 580 -7.52 42.85 -8.35
C THR A 580 -6.36 42.11 -7.69
N PRO A 581 -5.97 40.93 -8.21
CA PRO A 581 -4.91 40.15 -7.58
C PRO A 581 -3.56 40.85 -7.72
N ALA A 582 -2.76 40.81 -6.66
CA ALA A 582 -1.31 41.13 -6.69
C ALA A 582 -0.64 40.17 -7.66
N PRO A 583 0.53 40.51 -8.23
CA PRO A 583 1.25 39.61 -9.13
C PRO A 583 1.59 38.28 -8.43
N ASN A 584 1.31 37.17 -9.09
CA ASN A 584 1.45 35.82 -8.49
C ASN A 584 1.74 34.81 -9.60
N ASN A 585 1.92 33.54 -9.24
CA ASN A 585 2.38 32.46 -10.15
C ASN A 585 1.19 31.70 -10.72
N GLY A 586 -0.02 32.05 -10.29
CA GLY A 586 -1.26 31.54 -10.90
C GLY A 586 -1.47 32.14 -12.28
N THR A 587 -2.12 31.38 -13.17
CA THR A 587 -2.53 31.86 -14.52
C THR A 587 -4.00 32.32 -14.43
N HIS A 588 -4.22 33.63 -14.29
CA HIS A 588 -5.57 34.25 -14.10
C HIS A 588 -6.49 33.86 -15.27
N GLY A 589 -7.61 33.21 -14.97
CA GLY A 589 -8.55 32.70 -15.99
C GLY A 589 -8.48 31.19 -16.12
N SER A 590 -7.39 30.55 -15.68
CA SER A 590 -7.21 29.08 -15.80
C SER A 590 -8.28 28.33 -14.99
N LEU A 591 -8.88 28.96 -13.97
CA LEU A 591 -9.93 28.32 -13.13
C LEU A 591 -11.31 28.94 -13.36
N ASN A 592 -11.55 29.64 -14.48
CA ASN A 592 -12.86 30.27 -14.78
C ASN A 592 -13.93 29.18 -14.91
N HIS A 593 -13.56 27.98 -15.33
CA HIS A 593 -14.47 26.81 -15.51
C HIS A 593 -15.08 26.35 -14.18
N LEU A 594 -14.52 26.78 -13.03
CA LEU A 594 -15.06 26.47 -11.68
C LEU A 594 -16.17 27.46 -11.30
N LEU A 595 -16.24 28.62 -11.96
CA LEU A 595 -17.06 29.77 -11.50
C LEU A 595 -18.34 29.90 -12.34
N LYS A 596 -19.47 30.22 -11.69
CA LYS A 596 -20.76 30.47 -12.38
C LYS A 596 -20.58 31.68 -13.31
N ASN A 597 -20.02 32.76 -12.79
CA ASN A 597 -19.89 34.06 -13.50
C ASN A 597 -18.46 34.57 -13.37
N PRO A 598 -17.54 34.10 -14.26
CA PRO A 598 -16.17 34.59 -14.28
C PRO A 598 -16.17 36.11 -14.40
N VAL A 599 -15.34 36.81 -13.62
CA VAL A 599 -15.25 38.30 -13.61
C VAL A 599 -14.08 38.76 -14.47
N TYR A 600 -13.07 37.90 -14.67
CA TYR A 600 -11.85 38.17 -15.46
C TYR A 600 -11.90 37.32 -16.75
N THR A 601 -11.97 38.00 -17.90
CA THR A 601 -11.91 37.37 -19.24
C THR A 601 -10.48 37.54 -19.75
N PRO A 602 -9.65 36.49 -19.75
CA PRO A 602 -8.25 36.64 -20.14
C PRO A 602 -8.11 36.83 -21.66
N LYS A 603 -7.00 37.44 -22.06
CA LYS A 603 -6.59 37.60 -23.48
C LYS A 603 -5.20 36.97 -23.65
N HIS A 604 -4.97 36.31 -24.78
CA HIS A 604 -3.63 35.86 -25.24
C HIS A 604 -2.71 37.08 -25.18
N PRO A 605 -1.44 36.95 -24.73
CA PRO A 605 -0.55 38.10 -24.65
C PRO A 605 -0.11 38.53 -26.07
N LYS A 606 -0.10 39.83 -26.32
CA LYS A 606 0.32 40.45 -27.62
C LYS A 606 1.84 40.52 -27.64
N GLU A 607 2.46 40.16 -28.77
CA GLU A 607 3.94 40.22 -28.91
C GLU A 607 4.37 41.68 -29.10
N VAL A 608 5.53 42.03 -28.54
CA VAL A 608 6.07 43.42 -28.42
C VAL A 608 6.47 43.95 -29.82
N HIS A 609 7.43 43.30 -30.49
CA HIS A 609 7.95 43.70 -31.82
C HIS A 609 7.39 42.76 -32.88
N PRO A 610 7.16 43.24 -34.13
CA PRO A 610 6.78 42.35 -35.23
C PRO A 610 7.97 41.52 -35.72
N LEU A 611 7.67 40.37 -36.36
CA LEU A 611 8.69 39.51 -37.02
C LEU A 611 9.57 40.35 -37.94
N VAL A 612 10.90 40.25 -37.79
CA VAL A 612 11.92 40.84 -38.72
C VAL A 612 12.02 39.92 -39.94
N GLN A 613 12.56 40.43 -41.06
CA GLN A 613 12.65 39.68 -42.34
C GLN A 613 14.10 39.21 -42.55
N CYS A 614 14.26 37.92 -42.90
CA CYS A 614 15.55 37.23 -43.22
C CYS A 614 15.55 36.86 -44.70
N PRO A 615 15.80 37.83 -45.61
CA PRO A 615 15.68 37.59 -47.04
C PRO A 615 16.90 36.86 -47.60
N PHE A 616 16.73 36.12 -48.69
CA PHE A 616 17.85 35.47 -49.43
C PHE A 616 18.84 36.55 -49.88
N THR A 617 20.13 36.33 -49.65
CA THR A 617 21.25 37.21 -50.08
C THR A 617 22.28 36.35 -50.85
N ARG A 618 22.52 36.70 -52.12
CA ARG A 618 23.49 36.02 -53.03
C ARG A 618 24.88 36.14 -52.41
N ASN A 619 25.52 35.00 -52.14
CA ASN A 619 26.82 34.90 -51.41
C ASN A 619 27.53 33.63 -51.90
N PRO A 620 28.86 33.53 -51.73
CA PRO A 620 29.61 32.40 -52.26
C PRO A 620 29.45 31.14 -51.39
N ARG A 621 29.09 30.01 -52.02
CA ARG A 621 29.15 28.66 -51.41
C ARG A 621 30.53 28.50 -50.77
N ASP A 622 30.59 28.46 -49.43
CA ASP A 622 31.86 28.41 -48.64
C ASP A 622 32.03 26.97 -48.12
N ASN A 623 33.29 26.57 -47.93
CA ASN A 623 33.69 25.32 -47.24
C ASN A 623 33.48 25.51 -45.74
N LEU A 624 32.67 24.62 -45.13
CA LEU A 624 32.30 24.65 -43.69
C LEU A 624 33.15 23.63 -42.93
N GLY A 625 33.94 22.83 -43.65
CA GLY A 625 34.88 21.85 -43.10
C GLY A 625 34.23 20.51 -42.88
N CYS A 626 33.12 20.25 -43.57
N CYS A 626 33.12 20.25 -43.57
CA CYS A 626 32.22 19.09 -43.33
CA CYS A 626 32.22 19.09 -43.33
C CYS A 626 32.69 17.89 -44.17
C CYS A 626 32.69 17.89 -44.17
N SER A 627 32.67 16.70 -43.56
CA SER A 627 32.83 15.39 -44.25
C SER A 627 31.46 14.72 -44.38
N CYS A 628 30.56 15.29 -45.20
CA CYS A 628 29.16 14.82 -45.39
C CYS A 628 29.13 13.38 -45.89
N ASN A 629 28.19 12.57 -45.39
CA ASN A 629 27.89 11.21 -45.89
C ASN A 629 27.54 11.32 -47.36
N PRO A 630 28.07 10.43 -48.24
CA PRO A 630 27.76 10.50 -49.67
C PRO A 630 26.27 10.27 -49.99
N SER A 631 25.53 9.58 -49.10
CA SER A 631 24.08 9.28 -49.18
C SER A 631 23.26 10.56 -49.34
N ILE A 632 23.62 11.60 -48.59
CA ILE A 632 22.86 12.88 -48.48
C ILE A 632 22.92 13.62 -49.82
N LEU A 633 21.79 14.13 -50.30
CA LEU A 633 21.66 14.90 -51.57
C LEU A 633 21.76 16.40 -51.25
N PRO A 634 22.93 17.03 -51.43
CA PRO A 634 23.08 18.45 -51.08
C PRO A 634 22.14 19.38 -51.84
N ILE A 635 22.09 20.66 -51.42
CA ILE A 635 21.19 21.72 -51.97
C ILE A 635 21.90 22.43 -53.11
N GLU A 636 21.55 22.10 -54.36
CA GLU A 636 22.31 22.45 -55.60
C GLU A 636 21.98 23.89 -56.03
N ASP A 637 20.71 24.31 -55.90
CA ASP A 637 20.28 25.71 -56.14
C ASP A 637 19.37 26.14 -54.98
N PHE A 638 19.93 26.92 -54.04
CA PHE A 638 19.24 27.39 -52.81
C PHE A 638 18.11 28.35 -53.21
N GLN A 639 18.41 29.38 -54.00
CA GLN A 639 17.40 30.42 -54.39
C GLN A 639 16.18 29.76 -55.05
N THR A 640 16.38 28.68 -55.83
CA THR A 640 15.29 27.90 -56.49
C THR A 640 14.46 27.17 -55.43
N GLN A 641 15.11 26.43 -54.52
CA GLN A 641 14.49 25.47 -53.55
C GLN A 641 13.74 26.22 -52.44
N PHE A 642 14.03 27.52 -52.23
CA PHE A 642 13.51 28.35 -51.11
C PHE A 642 12.92 29.67 -51.63
N ASN A 643 12.57 29.74 -52.93
CA ASN A 643 11.65 30.78 -53.48
C ASN A 643 10.28 30.10 -53.62
N LEU A 644 9.45 30.20 -52.59
CA LEU A 644 8.19 29.43 -52.45
C LEU A 644 7.00 30.29 -52.90
N THR A 645 6.04 29.67 -53.58
CA THR A 645 4.74 30.28 -53.94
C THR A 645 3.94 30.44 -52.64
N VAL A 646 3.20 31.55 -52.53
CA VAL A 646 2.22 31.79 -51.42
C VAL A 646 1.33 30.54 -51.25
N ALA A 647 0.93 29.91 -52.36
CA ALA A 647 0.19 28.63 -52.41
C ALA A 647 0.96 27.53 -51.66
N GLU A 648 2.27 27.43 -51.90
CA GLU A 648 3.16 26.40 -51.30
C GLU A 648 3.41 26.75 -49.82
N GLU A 649 3.57 28.04 -49.49
CA GLU A 649 3.83 28.53 -48.11
C GLU A 649 2.64 28.17 -47.21
N LYS A 650 1.43 28.50 -47.66
CA LYS A 650 0.13 28.22 -46.97
C LYS A 650 0.03 26.72 -46.66
N ILE A 651 0.49 25.85 -47.56
CA ILE A 651 0.45 24.37 -47.38
C ILE A 651 1.34 24.01 -46.18
N ILE A 652 2.53 24.61 -46.11
CA ILE A 652 3.57 24.31 -45.08
C ILE A 652 3.10 24.85 -43.73
N LYS A 653 2.68 26.13 -43.70
CA LYS A 653 2.20 26.84 -42.49
C LYS A 653 1.09 26.02 -41.82
N HIS A 654 0.15 25.48 -42.60
CA HIS A 654 -1.00 24.65 -42.14
C HIS A 654 -0.50 23.32 -41.57
N GLU A 655 0.64 22.79 -42.05
CA GLU A 655 1.15 21.43 -41.70
C GLU A 655 2.09 21.49 -40.49
N THR A 656 2.78 22.61 -40.27
CA THR A 656 3.88 22.76 -39.27
C THR A 656 3.41 23.64 -38.10
N LEU A 657 2.49 24.56 -38.34
CA LEU A 657 1.96 25.49 -37.31
C LEU A 657 0.43 25.42 -37.29
N PRO A 658 -0.17 24.23 -37.01
CA PRO A 658 -1.63 24.08 -37.01
C PRO A 658 -2.31 24.88 -35.89
N TYR A 659 -1.55 25.32 -34.90
CA TYR A 659 -2.07 26.05 -33.72
C TYR A 659 -1.63 27.51 -33.79
N GLY A 660 -0.94 27.89 -34.86
CA GLY A 660 -0.27 29.19 -34.99
C GLY A 660 1.17 29.11 -34.57
N ARG A 661 1.98 30.06 -35.01
CA ARG A 661 3.42 30.12 -34.67
C ARG A 661 3.53 30.59 -33.22
N PRO A 662 4.50 30.07 -32.45
CA PRO A 662 4.87 30.69 -31.19
C PRO A 662 5.08 32.21 -31.37
N ARG A 663 4.55 33.01 -30.45
CA ARG A 663 4.73 34.48 -30.42
C ARG A 663 5.79 34.79 -29.37
N VAL A 664 6.63 35.81 -29.59
CA VAL A 664 7.76 36.16 -28.69
C VAL A 664 7.36 37.39 -27.86
N LEU A 665 7.45 37.29 -26.53
CA LEU A 665 6.95 38.34 -25.60
C LEU A 665 8.11 39.14 -24.98
N GLN A 666 9.36 38.78 -25.31
CA GLN A 666 10.60 39.46 -24.84
C GLN A 666 10.63 40.90 -25.37
N LYS A 667 11.26 41.82 -24.62
CA LYS A 667 11.26 43.29 -24.89
C LYS A 667 12.19 43.62 -26.07
N GLU A 668 13.50 43.38 -25.90
CA GLU A 668 14.53 43.52 -26.96
C GLU A 668 14.72 42.15 -27.63
N ASN A 669 14.19 41.98 -28.85
CA ASN A 669 14.42 40.76 -29.67
C ASN A 669 14.20 41.05 -31.16
N THR A 670 15.00 40.39 -32.00
CA THR A 670 14.91 40.41 -33.48
C THR A 670 14.87 38.95 -33.97
N ILE A 671 13.67 38.40 -34.02
CA ILE A 671 13.37 37.02 -34.51
C ILE A 671 12.87 37.15 -35.95
N CYS A 672 13.18 36.17 -36.79
CA CYS A 672 12.70 36.10 -38.20
C CYS A 672 12.24 34.68 -38.51
N LEU A 673 11.16 34.55 -39.28
CA LEU A 673 10.58 33.27 -39.70
C LEU A 673 11.44 32.67 -40.81
N LEU A 674 11.87 31.42 -40.67
CA LEU A 674 12.48 30.62 -41.76
C LEU A 674 11.51 29.51 -42.15
N SER A 675 11.08 29.48 -43.42
CA SER A 675 10.30 28.36 -44.01
C SER A 675 11.25 27.26 -44.49
N GLN A 676 10.82 26.02 -44.37
CA GLN A 676 11.46 24.82 -44.97
C GLN A 676 10.28 23.92 -45.35
N HIS A 677 10.48 22.77 -45.99
CA HIS A 677 9.35 21.97 -46.53
C HIS A 677 8.71 21.14 -45.42
N GLN A 678 9.49 20.72 -44.41
CA GLN A 678 9.03 19.82 -43.32
C GLN A 678 8.88 20.57 -41.98
N PHE A 679 9.37 21.82 -41.85
CA PHE A 679 9.41 22.55 -40.55
C PHE A 679 9.55 24.06 -40.74
N MET A 680 8.97 24.85 -39.84
CA MET A 680 9.15 26.33 -39.72
C MET A 680 9.96 26.59 -38.45
N SER A 681 10.54 27.79 -38.30
CA SER A 681 11.41 28.15 -37.16
C SER A 681 11.47 29.66 -36.97
N GLY A 682 11.72 30.10 -35.73
CA GLY A 682 12.01 31.49 -35.38
C GLY A 682 13.48 31.61 -35.02
N TYR A 683 14.26 32.34 -35.83
CA TYR A 683 15.73 32.43 -35.71
C TYR A 683 16.10 33.75 -35.03
N SER A 684 17.01 33.69 -34.04
CA SER A 684 17.57 34.86 -33.32
C SER A 684 18.94 35.20 -33.89
N GLN A 685 19.06 36.35 -34.55
CA GLN A 685 20.34 36.89 -35.07
C GLN A 685 21.21 37.26 -33.85
N ASP A 686 20.56 37.68 -32.76
CA ASP A 686 21.22 38.18 -31.52
C ASP A 686 21.95 37.05 -30.78
N ILE A 687 21.50 35.79 -30.88
CA ILE A 687 22.17 34.64 -30.19
C ILE A 687 22.58 33.55 -31.19
N LEU A 688 22.40 33.78 -32.49
CA LEU A 688 22.92 32.92 -33.59
C LEU A 688 22.37 31.50 -33.42
N MET A 689 21.04 31.39 -33.35
CA MET A 689 20.33 30.17 -32.87
C MET A 689 18.84 30.35 -33.07
N PRO A 690 18.09 29.28 -33.41
CA PRO A 690 16.62 29.34 -33.36
C PRO A 690 16.11 29.27 -31.91
N LEU A 691 15.13 30.11 -31.58
CA LEU A 691 14.41 30.11 -30.27
C LEU A 691 13.39 28.97 -30.28
N TRP A 692 12.90 28.57 -31.45
CA TRP A 692 11.90 27.47 -31.59
C TRP A 692 11.88 26.95 -33.03
N THR A 693 11.72 25.62 -33.20
CA THR A 693 11.26 24.98 -34.46
C THR A 693 9.92 24.30 -34.20
N SER A 694 9.12 24.17 -35.24
CA SER A 694 7.81 23.47 -35.25
C SER A 694 7.74 22.54 -36.46
N TYR A 695 7.46 21.26 -36.25
CA TYR A 695 7.20 20.25 -37.32
C TYR A 695 6.11 19.30 -36.85
N THR A 696 5.62 18.43 -37.75
CA THR A 696 4.59 17.40 -37.45
C THR A 696 5.06 16.04 -37.97
N VAL A 697 5.25 15.08 -37.07
CA VAL A 697 5.48 13.64 -37.40
C VAL A 697 4.11 12.99 -37.61
N ASP A 698 3.86 12.40 -38.78
CA ASP A 698 2.60 11.68 -39.12
C ASP A 698 2.78 10.20 -38.74
N ARG A 699 1.67 9.47 -38.60
CA ARG A 699 1.66 8.05 -38.13
C ARG A 699 2.57 7.20 -39.04
N ASN A 700 2.46 7.39 -40.36
CA ASN A 700 3.18 6.59 -41.39
C ASN A 700 4.38 7.38 -41.94
N ASP A 701 5.23 7.94 -41.07
CA ASP A 701 6.48 8.66 -41.46
C ASP A 701 7.70 7.78 -41.19
N SER A 702 8.81 8.07 -41.89
CA SER A 702 10.06 7.27 -41.89
C SER A 702 11.20 8.01 -41.17
N PHE A 703 11.95 7.27 -40.36
CA PHE A 703 13.09 7.74 -39.53
C PHE A 703 14.35 7.00 -40.00
N SER A 704 15.30 7.73 -40.62
CA SER A 704 16.52 7.15 -41.24
C SER A 704 17.56 6.82 -40.18
N THR A 705 18.31 5.73 -40.40
CA THR A 705 19.47 5.26 -39.57
C THR A 705 20.78 5.78 -40.16
N GLU A 706 20.75 6.35 -41.37
CA GLU A 706 21.95 6.87 -42.11
C GLU A 706 22.62 7.94 -41.23
N ASP A 707 23.96 7.91 -41.14
CA ASP A 707 24.78 8.89 -40.40
C ASP A 707 24.64 10.27 -41.05
N PHE A 708 24.51 11.34 -40.24
CA PHE A 708 24.47 12.75 -40.71
C PHE A 708 25.43 13.62 -39.89
N SER A 709 26.38 12.99 -39.17
CA SER A 709 27.37 13.69 -38.32
C SER A 709 28.33 14.47 -39.23
N ASN A 710 28.82 15.62 -38.74
CA ASN A 710 29.85 16.44 -39.43
C ASN A 710 29.37 16.74 -40.86
N CYS A 711 28.07 17.00 -41.02
CA CYS A 711 27.47 17.50 -42.29
C CYS A 711 26.55 18.69 -42.00
N LEU A 712 26.79 19.81 -42.68
CA LEU A 712 26.01 21.08 -42.60
C LEU A 712 25.97 21.74 -43.97
N TYR A 713 24.84 22.33 -44.34
CA TYR A 713 24.64 23.15 -45.56
C TYR A 713 24.41 24.60 -45.13
N GLN A 714 25.01 25.54 -45.84
CA GLN A 714 24.94 27.00 -45.57
C GLN A 714 23.51 27.48 -45.85
N ASP A 715 22.94 28.27 -44.94
CA ASP A 715 21.64 28.95 -45.14
C ASP A 715 21.94 30.38 -45.61
N PHE A 716 21.63 30.67 -46.88
CA PHE A 716 22.02 31.93 -47.55
C PHE A 716 21.10 33.07 -47.10
N ARG A 717 20.23 32.82 -46.11
CA ARG A 717 19.28 33.84 -45.59
C ARG A 717 19.87 34.59 -44.39
N ILE A 718 20.93 34.06 -43.77
CA ILE A 718 21.63 34.73 -42.63
C ILE A 718 23.13 34.78 -42.92
N PRO A 719 23.83 35.84 -42.44
CA PRO A 719 25.28 35.90 -42.56
C PRO A 719 25.95 34.64 -41.97
N LEU A 720 26.94 34.11 -42.69
CA LEU A 720 27.73 32.93 -42.24
C LEU A 720 28.59 33.36 -41.04
N SER A 721 28.66 32.52 -40.01
CA SER A 721 29.38 32.77 -38.74
C SER A 721 30.26 31.57 -38.40
N PRO A 722 31.45 31.79 -37.79
CA PRO A 722 32.37 30.70 -37.47
C PRO A 722 31.72 29.55 -36.68
N VAL A 723 30.76 29.84 -35.80
CA VAL A 723 30.10 28.79 -34.94
C VAL A 723 29.03 28.02 -35.72
N HIS A 724 28.77 28.35 -37.00
CA HIS A 724 27.83 27.63 -37.89
C HIS A 724 28.56 26.62 -38.79
N LYS A 725 29.88 26.46 -38.62
CA LYS A 725 30.74 25.64 -39.52
C LYS A 725 31.14 24.34 -38.81
N CYS A 726 31.14 23.21 -39.53
CA CYS A 726 31.59 21.89 -39.02
C CYS A 726 32.99 22.04 -38.41
N SER A 727 33.79 22.95 -38.98
CA SER A 727 35.19 23.25 -38.58
C SER A 727 35.27 23.69 -37.11
N PHE A 728 34.31 24.50 -36.63
CA PHE A 728 34.25 24.99 -35.23
C PHE A 728 34.08 23.83 -34.24
N TYR A 729 33.32 22.82 -34.66
CA TYR A 729 32.92 21.67 -33.82
C TYR A 729 33.87 20.48 -34.05
N LYS A 730 34.64 20.43 -35.15
CA LYS A 730 35.50 19.28 -35.49
C LYS A 730 36.51 19.04 -34.37
N ASN A 731 36.44 17.86 -33.74
CA ASN A 731 37.29 17.42 -32.59
C ASN A 731 37.33 18.50 -31.50
N ASN A 732 36.18 19.15 -31.25
CA ASN A 732 35.96 20.16 -30.18
C ASN A 732 35.45 19.43 -28.93
N THR A 733 36.21 19.51 -27.83
CA THR A 733 36.01 18.69 -26.61
C THR A 733 35.07 19.42 -25.65
N LYS A 734 34.87 20.73 -25.83
CA LYS A 734 34.17 21.63 -24.86
C LYS A 734 32.67 21.66 -25.15
N VAL A 735 32.28 21.57 -26.43
CA VAL A 735 30.86 21.54 -26.86
C VAL A 735 30.77 20.82 -28.22
N SER A 736 29.58 20.32 -28.55
CA SER A 736 29.23 19.82 -29.89
C SER A 736 28.00 20.61 -30.37
N TYR A 737 27.23 20.07 -31.30
CA TYR A 737 26.00 20.72 -31.81
C TYR A 737 24.92 19.66 -32.00
N GLY A 738 23.67 20.12 -32.10
CA GLY A 738 22.48 19.29 -32.38
C GLY A 738 21.48 20.06 -33.21
N PHE A 739 20.55 19.34 -33.84
CA PHE A 739 19.48 19.88 -34.71
C PHE A 739 18.15 19.87 -33.96
N LEU A 740 17.39 20.97 -34.02
CA LEU A 740 16.04 21.09 -33.42
C LEU A 740 15.07 20.21 -34.22
N SER A 741 14.81 20.57 -35.47
CA SER A 741 14.03 19.73 -36.43
C SER A 741 14.94 18.59 -36.87
N PRO A 742 14.50 17.32 -36.76
CA PRO A 742 15.40 16.18 -36.89
C PRO A 742 15.67 15.85 -38.35
N PRO A 743 16.95 15.83 -38.79
CA PRO A 743 17.29 15.34 -40.11
C PRO A 743 16.85 13.90 -40.40
N GLN A 744 16.66 13.06 -39.37
CA GLN A 744 16.28 11.63 -39.52
C GLN A 744 14.87 11.50 -40.12
N LEU A 745 14.06 12.57 -40.10
CA LEU A 745 12.64 12.55 -40.51
C LEU A 745 12.51 13.01 -41.96
N ASN A 746 12.33 12.06 -42.88
CA ASN A 746 12.02 12.32 -44.31
C ASN A 746 10.57 11.89 -44.59
N LYS A 747 9.83 12.71 -45.33
CA LYS A 747 8.43 12.46 -45.75
C LYS A 747 8.38 12.09 -47.24
N ASN A 748 9.18 12.76 -48.08
CA ASN A 748 9.23 12.63 -49.57
C ASN A 748 10.17 11.50 -49.99
N SER A 749 11.23 11.21 -49.22
CA SER A 749 12.23 10.14 -49.50
C SER A 749 12.33 9.18 -48.31
N SER A 750 13.25 8.22 -48.41
CA SER A 750 13.59 7.21 -47.37
C SER A 750 15.02 7.46 -46.86
N GLY A 751 15.65 8.56 -47.31
CA GLY A 751 17.05 8.92 -46.98
C GLY A 751 17.12 9.84 -45.77
N ILE A 752 17.85 10.96 -45.89
CA ILE A 752 17.98 12.02 -44.85
C ILE A 752 17.46 13.34 -45.44
N TYR A 753 16.67 14.07 -44.66
CA TYR A 753 16.06 15.37 -45.03
C TYR A 753 17.18 16.42 -45.00
N SER A 754 17.59 16.87 -46.20
CA SER A 754 18.78 17.74 -46.40
C SER A 754 18.52 19.12 -45.82
N GLU A 755 17.30 19.65 -45.98
CA GLU A 755 16.92 21.03 -45.53
C GLU A 755 17.10 21.18 -44.01
N ALA A 756 16.99 20.08 -43.26
CA ALA A 756 17.18 20.04 -41.79
C ALA A 756 18.66 20.24 -41.43
N LEU A 757 19.57 20.11 -42.40
CA LEU A 757 21.04 20.22 -42.18
C LEU A 757 21.48 21.68 -42.34
N LEU A 758 20.55 22.61 -42.57
CA LEU A 758 20.87 24.05 -42.65
C LEU A 758 21.52 24.51 -41.34
N THR A 759 22.38 25.52 -41.41
CA THR A 759 23.12 26.12 -40.26
C THR A 759 22.15 26.82 -39.32
N THR A 760 20.96 27.16 -39.80
CA THR A 760 19.93 27.89 -39.02
C THR A 760 19.17 26.94 -38.09
N ASN A 761 19.34 25.62 -38.26
CA ASN A 761 18.62 24.56 -37.48
C ASN A 761 19.60 23.83 -36.54
N ILE A 762 20.64 24.50 -36.05
CA ILE A 762 21.60 23.86 -35.08
C ILE A 762 21.65 24.68 -33.79
N VAL A 763 21.87 23.97 -32.68
CA VAL A 763 22.05 24.56 -31.32
C VAL A 763 23.28 23.93 -30.69
N PRO A 764 24.12 24.70 -29.98
CA PRO A 764 25.21 24.13 -29.20
C PRO A 764 24.63 23.06 -28.27
N MET A 765 25.32 21.92 -28.14
CA MET A 765 24.82 20.74 -27.40
C MET A 765 26.02 19.92 -26.92
N TYR A 766 26.12 19.73 -25.59
CA TYR A 766 27.14 18.86 -24.94
C TYR A 766 26.97 17.43 -25.48
N GLN A 767 28.08 16.72 -25.61
CA GLN A 767 28.15 15.35 -26.19
C GLN A 767 27.34 14.39 -25.29
N SER A 768 27.31 14.62 -23.98
CA SER A 768 26.56 13.75 -23.02
C SER A 768 25.05 13.90 -23.23
N PHE A 769 24.57 15.10 -23.51
CA PHE A 769 23.15 15.39 -23.81
C PHE A 769 22.74 14.78 -25.15
N GLN A 770 23.68 14.61 -26.08
CA GLN A 770 23.40 14.05 -27.43
C GLN A 770 22.78 12.66 -27.29
N VAL A 771 23.18 11.88 -26.28
CA VAL A 771 22.65 10.50 -26.04
C VAL A 771 21.13 10.60 -25.89
N ILE A 772 20.68 11.51 -25.01
CA ILE A 772 19.25 11.80 -24.71
C ILE A 772 18.57 12.24 -26.00
N TRP A 773 19.12 13.27 -26.63
CA TRP A 773 18.55 13.92 -27.84
C TRP A 773 18.39 12.89 -28.96
N ARG A 774 19.42 12.09 -29.23
CA ARG A 774 19.39 11.05 -30.29
C ARG A 774 18.28 10.04 -29.97
N TYR A 775 18.28 9.47 -28.76
CA TYR A 775 17.29 8.45 -28.33
C TYR A 775 15.86 8.99 -28.55
N PHE A 776 15.62 10.25 -28.18
CA PHE A 776 14.29 10.89 -28.30
C PHE A 776 13.85 10.87 -29.77
N HIS A 777 14.72 11.33 -30.67
CA HIS A 777 14.38 11.59 -32.10
C HIS A 777 14.39 10.27 -32.89
N ASP A 778 15.26 9.32 -32.55
CA ASP A 778 15.37 8.02 -33.25
C ASP A 778 14.23 7.09 -32.80
N THR A 779 14.08 6.87 -31.48
CA THR A 779 13.21 5.81 -30.88
C THR A 779 11.85 6.40 -30.45
N LEU A 780 11.85 7.30 -29.48
CA LEU A 780 10.64 7.75 -28.72
C LEU A 780 9.68 8.50 -29.64
N LEU A 781 10.18 9.48 -30.38
CA LEU A 781 9.34 10.37 -31.22
C LEU A 781 8.52 9.51 -32.18
N ARG A 782 9.12 8.45 -32.74
CA ARG A 782 8.42 7.50 -33.65
C ARG A 782 7.31 6.79 -32.87
N LYS A 783 7.62 6.31 -31.66
CA LYS A 783 6.66 5.55 -30.79
C LYS A 783 5.48 6.45 -30.42
N TYR A 784 5.74 7.69 -30.00
CA TYR A 784 4.70 8.70 -29.65
C TYR A 784 3.79 8.91 -30.88
N ALA A 785 4.38 9.11 -32.05
CA ALA A 785 3.66 9.42 -33.32
C ALA A 785 2.67 8.30 -33.65
N GLU A 786 3.09 7.04 -33.47
CA GLU A 786 2.29 5.83 -33.76
C GLU A 786 1.10 5.74 -32.80
N GLU A 787 1.37 5.87 -31.49
CA GLU A 787 0.38 5.71 -30.39
C GLU A 787 -0.70 6.80 -30.46
N ARG A 788 -0.38 8.00 -30.97
CA ARG A 788 -1.27 9.19 -30.90
C ARG A 788 -1.77 9.59 -32.30
N ASN A 789 -1.43 8.83 -33.34
CA ASN A 789 -1.88 9.06 -34.73
C ASN A 789 -1.34 10.42 -35.22
N GLY A 790 -0.04 10.64 -35.01
CA GLY A 790 0.65 11.90 -35.35
C GLY A 790 0.93 12.75 -34.11
N VAL A 791 1.94 13.62 -34.18
CA VAL A 791 2.31 14.53 -33.06
C VAL A 791 3.02 15.77 -33.62
N ASN A 792 2.43 16.94 -33.42
CA ASN A 792 3.09 18.25 -33.65
C ASN A 792 4.16 18.45 -32.58
N VAL A 793 5.36 18.90 -32.98
CA VAL A 793 6.51 19.10 -32.06
C VAL A 793 6.97 20.56 -32.15
N VAL A 794 7.21 21.18 -31.00
CA VAL A 794 7.92 22.49 -30.91
C VAL A 794 9.03 22.29 -29.89
N SER A 795 10.28 22.51 -30.31
CA SER A 795 11.46 22.35 -29.44
C SER A 795 12.37 23.55 -29.64
N GLY A 796 13.27 23.78 -28.68
CA GLY A 796 14.09 25.01 -28.63
C GLY A 796 15.04 24.99 -27.45
N PRO A 797 16.00 25.93 -27.43
CA PRO A 797 16.89 26.11 -26.29
C PRO A 797 16.20 26.88 -25.16
N VAL A 798 16.78 26.82 -23.96
CA VAL A 798 16.33 27.58 -22.76
C VAL A 798 17.57 28.15 -22.09
N PHE A 799 17.51 29.42 -21.71
CA PHE A 799 18.59 30.14 -20.99
C PHE A 799 18.04 30.67 -19.67
N ASP A 800 18.26 29.92 -18.59
CA ASP A 800 17.83 30.31 -17.22
C ASP A 800 19.05 30.27 -16.31
N PHE A 801 19.98 31.21 -16.50
CA PHE A 801 21.27 31.29 -15.76
C PHE A 801 20.99 31.78 -14.34
N ASP A 802 19.85 32.44 -14.14
CA ASP A 802 19.42 32.96 -12.81
C ASP A 802 18.61 31.89 -12.07
N TYR A 803 18.33 30.75 -12.72
CA TYR A 803 17.59 29.58 -12.18
C TYR A 803 16.34 30.08 -11.44
N ASP A 804 15.58 30.98 -12.08
CA ASP A 804 14.39 31.63 -11.48
C ASP A 804 13.13 31.26 -12.28
N GLY A 805 13.25 30.29 -13.21
CA GLY A 805 12.15 29.79 -14.06
C GLY A 805 11.73 30.79 -15.12
N ARG A 806 12.47 31.89 -15.30
CA ARG A 806 12.19 32.95 -16.31
C ARG A 806 13.32 32.98 -17.33
N CYS A 807 13.01 33.20 -18.61
CA CYS A 807 13.99 33.50 -19.68
C CYS A 807 14.83 34.70 -19.24
N ASP A 808 16.13 34.66 -19.46
CA ASP A 808 17.06 35.79 -19.12
C ASP A 808 16.91 36.85 -20.22
N SER A 809 17.06 38.13 -19.85
CA SER A 809 17.05 39.28 -20.79
C SER A 809 18.22 39.15 -21.76
N LEU A 810 18.15 39.78 -22.94
CA LEU A 810 19.25 39.80 -23.93
C LEU A 810 20.47 40.48 -23.29
N GLU A 811 20.26 41.59 -22.57
CA GLU A 811 21.29 42.31 -21.78
C GLU A 811 22.06 41.28 -20.93
N ASN A 812 21.35 40.47 -20.13
CA ASN A 812 21.94 39.45 -19.22
C ASN A 812 22.65 38.36 -20.03
N LEU A 813 22.17 38.04 -21.24
CA LEU A 813 22.68 36.92 -22.06
C LEU A 813 24.07 37.25 -22.61
N ARG A 814 24.34 38.51 -22.92
CA ARG A 814 25.66 39.03 -23.42
C ARG A 814 26.78 38.57 -22.48
N GLN A 815 26.58 38.70 -21.16
CA GLN A 815 27.63 38.43 -20.13
C GLN A 815 27.71 36.94 -19.81
N LYS A 816 26.88 36.09 -20.43
CA LYS A 816 26.78 34.64 -20.12
C LYS A 816 27.36 33.78 -21.24
N ARG A 817 27.86 34.41 -22.32
N ARG A 817 27.86 34.40 -22.31
CA ARG A 817 28.48 33.70 -23.46
CA ARG A 817 28.48 33.70 -23.46
C ARG A 817 29.83 33.13 -23.00
C ARG A 817 29.83 33.13 -23.00
N ARG A 818 30.16 31.92 -23.45
CA ARG A 818 31.47 31.27 -23.23
C ARG A 818 32.37 31.54 -24.44
N VAL A 819 33.69 31.53 -24.21
CA VAL A 819 34.75 31.65 -25.26
C VAL A 819 35.33 30.25 -25.52
N ILE A 820 35.08 29.72 -26.71
CA ILE A 820 35.55 28.38 -27.16
C ILE A 820 36.16 28.61 -28.55
N ARG A 821 37.41 28.17 -28.73
CA ARG A 821 38.22 28.43 -29.96
C ARG A 821 38.08 29.91 -30.36
N ASN A 822 38.24 30.81 -29.37
CA ASN A 822 38.31 32.28 -29.58
C ASN A 822 37.01 32.78 -30.24
N GLN A 823 35.91 32.02 -30.14
CA GLN A 823 34.57 32.48 -30.55
C GLN A 823 33.67 32.60 -29.31
N GLU A 824 32.80 33.61 -29.30
CA GLU A 824 31.77 33.81 -28.25
C GLU A 824 30.57 32.92 -28.61
N ILE A 825 30.25 31.96 -27.74
CA ILE A 825 29.09 31.04 -27.92
C ILE A 825 28.26 31.04 -26.65
N LEU A 826 26.93 31.02 -26.81
CA LEU A 826 25.91 30.95 -25.73
C LEU A 826 25.40 29.50 -25.63
N ILE A 827 25.67 28.81 -24.53
CA ILE A 827 25.25 27.39 -24.35
C ILE A 827 23.97 27.34 -23.52
N PRO A 828 22.87 26.77 -24.06
CA PRO A 828 21.62 26.59 -23.32
C PRO A 828 21.77 25.86 -21.97
N THR A 829 21.02 26.30 -20.96
CA THR A 829 20.87 25.65 -19.63
C THR A 829 19.95 24.42 -19.76
N HIS A 830 18.95 24.51 -20.64
CA HIS A 830 17.95 23.44 -20.87
C HIS A 830 17.53 23.43 -22.34
N PHE A 831 16.91 22.32 -22.76
CA PHE A 831 16.14 22.21 -24.03
C PHE A 831 14.69 21.86 -23.68
N PHE A 832 13.75 22.57 -24.28
CA PHE A 832 12.31 22.29 -24.14
C PHE A 832 11.83 21.50 -25.37
N ILE A 833 10.81 20.67 -25.13
CA ILE A 833 10.01 19.94 -26.16
C ILE A 833 8.54 20.09 -25.76
N VAL A 834 7.66 20.35 -26.72
CA VAL A 834 6.18 20.39 -26.50
C VAL A 834 5.53 19.50 -27.56
N LEU A 835 5.07 18.31 -27.17
CA LEU A 835 4.30 17.38 -28.03
C LEU A 835 2.81 17.73 -27.94
N THR A 836 2.12 17.79 -29.09
CA THR A 836 0.66 18.08 -29.20
C THR A 836 0.02 17.11 -30.20
N SER A 837 -0.95 16.30 -29.76
CA SER A 837 -1.81 15.43 -30.62
C SER A 837 -3.27 15.70 -30.24
N CYS A 838 -4.22 14.85 -30.68
CA CYS A 838 -5.65 15.00 -30.33
C CYS A 838 -6.02 14.01 -29.22
N LYS A 839 -6.95 14.42 -28.34
CA LYS A 839 -7.61 13.53 -27.34
C LYS A 839 -8.17 12.31 -28.07
N ASP A 840 -8.89 12.56 -29.17
CA ASP A 840 -9.46 11.54 -30.08
C ASP A 840 -8.39 11.12 -31.09
N THR A 841 -7.89 9.88 -30.98
CA THR A 841 -6.81 9.33 -31.85
C THR A 841 -7.34 9.04 -33.26
N SER A 842 -8.64 9.14 -33.49
CA SER A 842 -9.27 9.05 -34.84
C SER A 842 -8.88 10.28 -35.67
N GLN A 843 -8.44 11.36 -35.03
CA GLN A 843 -8.07 12.63 -35.70
C GLN A 843 -6.54 12.80 -35.63
N THR A 844 -5.95 13.49 -36.61
CA THR A 844 -4.49 13.80 -36.65
C THR A 844 -4.28 15.19 -36.07
N PRO A 845 -3.04 15.53 -35.63
CA PRO A 845 -2.76 16.82 -34.99
C PRO A 845 -3.24 18.10 -35.70
N LEU A 846 -3.58 18.02 -36.97
CA LEU A 846 -3.94 19.17 -37.85
C LEU A 846 -5.44 19.46 -37.73
N HIS A 847 -6.24 18.48 -37.27
CA HIS A 847 -7.73 18.54 -37.15
C HIS A 847 -8.18 17.96 -35.79
N CYS A 848 -7.72 18.53 -34.67
CA CYS A 848 -8.16 18.14 -33.29
C CYS A 848 -9.32 19.05 -32.84
N GLU A 849 -10.39 18.46 -32.30
CA GLU A 849 -11.41 19.19 -31.51
C GLU A 849 -10.78 19.56 -30.14
N ASN A 850 -10.01 18.64 -29.55
CA ASN A 850 -9.40 18.80 -28.21
C ASN A 850 -7.92 18.36 -28.22
N LEU A 851 -7.04 19.24 -27.70
CA LEU A 851 -5.57 19.03 -27.71
C LEU A 851 -5.16 18.15 -26.53
N ASP A 852 -4.30 17.16 -26.77
CA ASP A 852 -3.58 16.36 -25.73
C ASP A 852 -2.10 16.73 -25.78
N THR A 853 -1.59 17.35 -24.71
CA THR A 853 -0.22 17.94 -24.66
C THR A 853 0.66 17.15 -23.69
N LEU A 854 1.97 17.31 -23.88
CA LEU A 854 3.01 16.70 -23.05
C LEU A 854 4.29 17.49 -23.29
N ALA A 855 4.79 18.19 -22.28
CA ALA A 855 5.94 19.12 -22.41
C ALA A 855 7.06 18.72 -21.44
N PHE A 856 8.29 19.06 -21.80
CA PHE A 856 9.54 18.73 -21.06
C PHE A 856 10.41 19.98 -21.03
N ILE A 857 11.11 20.19 -19.92
CA ILE A 857 12.26 21.14 -19.82
C ILE A 857 13.47 20.31 -19.39
N LEU A 858 14.16 19.70 -20.36
CA LEU A 858 15.30 18.77 -20.15
C LEU A 858 16.54 19.58 -19.75
N PRO A 859 17.20 19.25 -18.61
CA PRO A 859 18.43 19.92 -18.23
C PRO A 859 19.57 19.53 -19.17
N HIS A 860 20.37 20.54 -19.55
CA HIS A 860 21.50 20.46 -20.51
C HIS A 860 22.80 20.35 -19.72
N ARG A 861 23.22 19.13 -19.40
CA ARG A 861 24.34 18.88 -18.48
C ARG A 861 25.48 18.19 -19.24
N THR A 862 26.71 18.45 -18.79
CA THR A 862 27.98 17.99 -19.40
C THR A 862 28.16 16.48 -19.18
N ASP A 863 27.52 15.91 -18.16
CA ASP A 863 27.52 14.44 -17.90
C ASP A 863 26.07 13.95 -17.78
N ASN A 864 25.88 12.65 -17.61
CA ASN A 864 24.55 12.02 -17.32
C ASN A 864 24.62 11.36 -15.94
N SER A 865 25.24 12.04 -14.96
CA SER A 865 25.37 11.55 -13.56
C SER A 865 23.99 11.49 -12.91
N GLU A 866 23.07 12.36 -13.32
CA GLU A 866 21.65 12.40 -12.84
C GLU A 866 21.02 11.01 -12.99
N SER A 867 21.28 10.32 -14.10
CA SER A 867 20.54 9.10 -14.52
C SER A 867 21.27 7.80 -14.14
N CYS A 868 22.47 7.87 -13.56
CA CYS A 868 23.29 6.70 -13.12
C CYS A 868 23.33 5.63 -14.23
N VAL A 869 23.99 5.94 -15.34
CA VAL A 869 23.87 5.23 -16.64
C VAL A 869 24.43 3.80 -16.55
N HIS A 870 25.64 3.65 -16.01
CA HIS A 870 26.53 2.46 -16.14
C HIS A 870 25.77 1.14 -15.92
N GLY A 871 25.99 0.16 -16.82
CA GLY A 871 25.50 -1.23 -16.71
C GLY A 871 23.99 -1.35 -16.85
N LYS A 872 23.34 -0.37 -17.47
CA LYS A 872 21.87 -0.32 -17.69
C LYS A 872 21.63 -0.01 -19.18
N HIS A 873 20.51 -0.50 -19.76
CA HIS A 873 20.13 -0.27 -21.18
C HIS A 873 19.84 1.22 -21.38
N ASP A 874 20.33 1.80 -22.48
CA ASP A 874 20.09 3.21 -22.91
C ASP A 874 18.57 3.45 -22.95
N SER A 875 17.81 2.45 -23.38
CA SER A 875 16.34 2.50 -23.53
C SER A 875 15.71 3.12 -22.27
N SER A 876 15.89 2.43 -21.14
CA SER A 876 15.19 2.71 -19.86
C SER A 876 15.39 4.17 -19.45
N TRP A 877 16.64 4.58 -19.16
CA TRP A 877 16.95 5.76 -18.30
C TRP A 877 16.54 7.06 -18.98
N VAL A 878 16.48 7.11 -20.32
CA VAL A 878 16.19 8.39 -21.04
C VAL A 878 14.71 8.74 -20.84
N GLU A 879 13.80 7.76 -20.90
CA GLU A 879 12.33 8.00 -20.72
C GLU A 879 12.06 8.37 -19.26
N GLU A 880 12.78 7.76 -18.32
CA GLU A 880 12.67 8.03 -16.85
C GLU A 880 13.04 9.49 -16.57
N LEU A 881 14.08 10.01 -17.24
CA LEU A 881 14.60 11.39 -17.08
C LEU A 881 13.63 12.38 -17.71
N LEU A 882 13.03 12.01 -18.83
CA LEU A 882 12.00 12.84 -19.53
C LEU A 882 10.81 13.02 -18.60
N MET A 883 10.29 11.91 -18.06
N MET A 883 10.29 11.92 -18.05
CA MET A 883 9.14 11.83 -17.12
CA MET A 883 9.08 11.95 -17.19
C MET A 883 9.39 12.74 -15.91
C MET A 883 9.37 12.74 -15.89
N LEU A 884 10.56 12.65 -15.31
CA LEU A 884 10.90 13.41 -14.09
C LEU A 884 10.90 14.92 -14.42
N HIS A 885 11.31 15.29 -15.63
CA HIS A 885 11.54 16.68 -16.07
C HIS A 885 10.41 17.15 -16.99
N ARG A 886 9.21 16.56 -16.87
CA ARG A 886 8.01 17.05 -17.57
C ARG A 886 7.64 18.39 -16.94
N ALA A 887 6.83 19.19 -17.63
CA ALA A 887 6.41 20.52 -17.17
C ALA A 887 5.08 20.91 -17.80
N ARG A 888 4.42 21.90 -17.20
CA ARG A 888 3.25 22.57 -17.78
C ARG A 888 3.75 23.36 -18.99
N ILE A 889 2.92 23.53 -20.02
CA ILE A 889 3.26 24.40 -21.17
C ILE A 889 3.51 25.82 -20.64
N THR A 890 2.76 26.25 -19.62
CA THR A 890 2.94 27.56 -18.94
C THR A 890 4.36 27.66 -18.39
N ASP A 891 4.98 26.56 -17.95
CA ASP A 891 6.36 26.57 -17.39
C ASP A 891 7.33 26.90 -18.52
N VAL A 892 7.15 26.22 -19.66
CA VAL A 892 7.92 26.43 -20.92
C VAL A 892 7.76 27.90 -21.32
N GLU A 893 6.53 28.41 -21.34
CA GLU A 893 6.21 29.79 -21.77
C GLU A 893 7.05 30.78 -20.94
N HIS A 894 7.08 30.61 -19.62
CA HIS A 894 7.75 31.56 -18.70
C HIS A 894 9.27 31.55 -18.91
N ILE A 895 9.84 30.39 -19.24
CA ILE A 895 11.32 30.15 -19.25
C ILE A 895 11.90 30.36 -20.66
N THR A 896 11.05 30.42 -21.68
CA THR A 896 11.46 30.70 -23.09
C THR A 896 11.02 32.11 -23.51
N GLY A 897 10.03 32.70 -22.84
CA GLY A 897 9.40 33.96 -23.24
C GLY A 897 8.56 33.80 -24.50
N LEU A 898 8.12 32.56 -24.79
CA LEU A 898 7.20 32.26 -25.92
C LEU A 898 5.77 32.12 -25.41
N SER A 899 4.80 32.15 -26.32
CA SER A 899 3.35 31.94 -26.07
C SER A 899 2.75 31.11 -27.22
N PHE A 900 2.21 29.93 -26.91
CA PHE A 900 1.75 28.92 -27.89
C PHE A 900 0.22 28.97 -28.07
N TYR A 901 -0.25 28.33 -29.15
CA TYR A 901 -1.66 27.96 -29.39
C TYR A 901 -2.56 29.20 -29.62
N GLN A 902 -1.99 30.37 -29.91
CA GLN A 902 -2.78 31.64 -30.03
C GLN A 902 -3.76 31.60 -31.22
N GLN A 903 -3.74 30.58 -32.08
CA GLN A 903 -4.66 30.54 -33.27
C GLN A 903 -5.75 29.49 -33.07
N ARG A 904 -5.88 28.91 -31.87
CA ARG A 904 -6.94 27.94 -31.57
C ARG A 904 -8.27 28.70 -31.41
N LYS A 905 -9.36 28.13 -31.92
CA LYS A 905 -10.70 28.76 -31.92
C LYS A 905 -11.28 28.74 -30.50
N GLU A 906 -10.80 27.86 -29.61
CA GLU A 906 -11.23 27.75 -28.19
C GLU A 906 -11.18 29.12 -27.52
N PRO A 907 -12.04 29.40 -26.51
CA PRO A 907 -11.86 30.57 -25.65
C PRO A 907 -10.50 30.53 -24.93
N VAL A 908 -9.98 31.69 -24.54
CA VAL A 908 -8.63 31.84 -23.94
C VAL A 908 -8.55 31.02 -22.64
N SER A 909 -9.57 31.13 -21.79
CA SER A 909 -9.60 30.47 -20.46
C SER A 909 -9.48 28.95 -20.65
N ASP A 910 -10.03 28.38 -21.72
CA ASP A 910 -9.92 26.92 -22.01
C ASP A 910 -8.48 26.56 -22.37
N ILE A 911 -7.78 27.46 -23.08
CA ILE A 911 -6.35 27.27 -23.47
C ILE A 911 -5.48 27.37 -22.21
N LEU A 912 -5.74 28.35 -21.35
CA LEU A 912 -5.02 28.51 -20.06
C LEU A 912 -5.17 27.24 -19.22
N LYS A 913 -6.37 26.63 -19.23
CA LYS A 913 -6.63 25.36 -18.52
C LYS A 913 -5.66 24.30 -19.07
N LEU A 914 -5.50 24.26 -20.40
CA LEU A 914 -4.66 23.27 -21.13
C LEU A 914 -3.17 23.53 -20.85
N LYS A 915 -2.76 24.79 -20.81
CA LYS A 915 -1.34 25.17 -20.64
C LYS A 915 -0.89 24.95 -19.20
N THR A 916 -1.79 25.05 -18.21
CA THR A 916 -1.45 24.85 -16.78
C THR A 916 -1.52 23.37 -16.39
N HIS A 917 -2.00 22.48 -17.27
CA HIS A 917 -2.05 21.02 -17.01
C HIS A 917 -0.63 20.47 -16.86
N LEU A 918 -0.40 19.58 -15.88
CA LEU A 918 0.83 18.74 -15.78
C LEU A 918 0.44 17.28 -15.95
N PRO A 919 0.99 16.55 -16.96
CA PRO A 919 0.63 15.15 -17.14
C PRO A 919 1.07 14.32 -15.91
N THR A 920 0.16 13.51 -15.36
CA THR A 920 0.45 12.46 -14.34
C THR A 920 0.12 11.10 -14.95
N PHE A 921 0.90 10.05 -14.65
CA PHE A 921 0.74 8.69 -15.24
C PHE A 921 0.52 7.67 -14.11
N GLU B 104 -43.93 14.92 28.64
CA GLU B 104 -45.03 13.93 28.86
C GLU B 104 -46.03 14.05 27.70
N VAL B 105 -46.51 15.26 27.41
CA VAL B 105 -47.63 15.55 26.46
C VAL B 105 -47.11 15.58 25.01
N LYS B 106 -45.81 15.76 24.81
CA LYS B 106 -45.15 15.89 23.47
C LYS B 106 -44.44 14.58 23.08
N SER B 107 -44.67 13.49 23.80
CA SER B 107 -43.97 12.18 23.62
C SER B 107 -44.99 11.04 23.44
N CYS B 108 -44.61 9.99 22.70
CA CYS B 108 -45.40 8.75 22.50
C CYS B 108 -45.15 7.73 23.63
N LYS B 109 -44.24 8.02 24.56
CA LYS B 109 -43.97 7.15 25.74
C LYS B 109 -45.33 6.84 26.39
N GLY B 110 -45.66 5.55 26.51
CA GLY B 110 -46.88 5.05 27.18
C GLY B 110 -48.10 4.98 26.28
N ARG B 111 -48.07 5.59 25.09
CA ARG B 111 -49.27 5.85 24.26
C ARG B 111 -49.17 5.24 22.87
N CYS B 112 -48.19 4.38 22.56
CA CYS B 112 -48.01 3.88 21.17
C CYS B 112 -49.36 3.32 20.68
N PHE B 113 -49.82 3.80 19.52
CA PHE B 113 -50.97 3.26 18.74
C PHE B 113 -52.32 3.55 19.45
N GLU B 114 -52.33 4.39 20.47
CA GLU B 114 -53.57 4.85 21.17
C GLU B 114 -54.01 6.18 20.54
N ARG B 115 -55.32 6.33 20.30
CA ARG B 115 -56.01 7.61 19.96
C ARG B 115 -55.74 8.64 21.06
N THR B 116 -55.57 9.91 20.66
CA THR B 116 -55.37 11.09 21.56
C THR B 116 -56.32 12.20 21.09
N PHE B 117 -56.48 13.28 21.87
CA PHE B 117 -57.17 14.51 21.38
C PHE B 117 -56.17 15.66 21.15
N GLY B 118 -55.67 16.27 22.22
CA GLY B 118 -55.07 17.63 22.17
C GLY B 118 -53.56 17.61 21.89
N ASN B 119 -53.02 16.52 21.35
CA ASN B 119 -51.57 16.22 21.36
C ASN B 119 -51.11 15.73 19.99
N CYS B 120 -49.79 15.70 19.76
CA CYS B 120 -49.14 15.01 18.63
C CYS B 120 -49.59 13.54 18.63
N ARG B 121 -49.56 12.88 17.48
N ARG B 121 -49.58 12.87 17.47
CA ARG B 121 -50.17 11.52 17.30
CA ARG B 121 -50.18 11.52 17.27
C ARG B 121 -49.10 10.43 17.33
C ARG B 121 -49.10 10.43 17.32
N CYS B 122 -49.50 9.21 17.69
CA CYS B 122 -48.64 8.01 17.80
C CYS B 122 -49.31 6.82 17.12
N ASP B 123 -50.02 7.06 16.02
CA ASP B 123 -50.65 5.98 15.19
C ASP B 123 -50.03 6.07 13.78
N ALA B 124 -50.14 4.99 13.00
CA ALA B 124 -49.47 4.83 11.68
C ALA B 124 -49.85 5.98 10.74
N ALA B 125 -51.06 6.53 10.90
CA ALA B 125 -51.67 7.54 10.01
C ALA B 125 -50.98 8.89 10.20
N CYS B 126 -50.33 9.14 11.34
CA CYS B 126 -49.69 10.44 11.69
C CYS B 126 -48.66 10.83 10.62
N VAL B 127 -48.02 9.84 9.99
CA VAL B 127 -46.87 10.05 9.05
C VAL B 127 -47.34 10.96 7.90
N GLU B 128 -48.36 10.53 7.18
CA GLU B 128 -48.96 11.24 6.01
C GLU B 128 -49.47 12.62 6.45
N LEU B 129 -50.04 12.73 7.65
CA LEU B 129 -50.64 13.99 8.18
C LEU B 129 -49.55 14.90 8.75
N GLY B 130 -48.32 14.39 8.91
CA GLY B 130 -47.15 15.12 9.43
C GLY B 130 -47.37 15.68 10.84
N ASN B 131 -48.11 14.95 11.69
CA ASN B 131 -48.45 15.38 13.06
C ASN B 131 -48.00 14.30 14.07
N CYS B 132 -47.02 13.45 13.72
CA CYS B 132 -46.42 12.49 14.68
C CYS B 132 -45.71 13.25 15.79
N CYS B 133 -45.64 12.71 17.01
CA CYS B 133 -44.69 13.21 18.04
C CYS B 133 -43.27 13.02 17.47
N LEU B 134 -42.32 13.85 17.90
CA LEU B 134 -40.92 13.78 17.40
C LEU B 134 -40.35 12.39 17.64
N ASP B 135 -40.84 11.65 18.66
CA ASP B 135 -40.23 10.36 19.10
C ASP B 135 -41.07 9.15 18.69
N TYR B 136 -42.02 9.30 17.76
CA TYR B 136 -42.94 8.21 17.34
C TYR B 136 -42.16 7.00 16.82
N GLN B 137 -41.20 7.23 15.91
CA GLN B 137 -40.40 6.17 15.23
C GLN B 137 -39.57 5.40 16.26
N GLU B 138 -38.83 6.11 17.12
CA GLU B 138 -37.90 5.53 18.12
C GLU B 138 -38.71 4.71 19.13
N THR B 139 -39.84 5.26 19.58
CA THR B 139 -40.68 4.69 20.67
C THR B 139 -41.50 3.49 20.17
N CYS B 140 -42.11 3.58 18.98
CA CYS B 140 -43.20 2.67 18.54
C CYS B 140 -42.77 1.73 17.39
N ILE B 141 -41.87 2.14 16.50
CA ILE B 141 -41.58 1.37 15.27
C ILE B 141 -40.22 0.67 15.36
N GLU B 142 -39.15 1.41 15.66
CA GLU B 142 -37.74 0.90 15.76
C GLU B 142 -37.73 -0.44 16.51
N PRO B 143 -38.36 -0.57 17.70
CA PRO B 143 -38.32 -1.83 18.45
C PRO B 143 -38.74 -3.08 17.68
N GLU B 144 -39.40 -2.94 16.53
CA GLU B 144 -39.79 -4.06 15.62
C GLU B 144 -38.59 -4.51 14.78
N HIS B 145 -37.52 -3.73 14.73
CA HIS B 145 -36.37 -3.94 13.80
C HIS B 145 -35.01 -3.99 14.53
N ILE B 146 -34.94 -3.70 15.83
CA ILE B 146 -33.65 -3.67 16.59
C ILE B 146 -33.70 -4.70 17.74
N TRP B 147 -32.53 -5.10 18.24
N TRP B 147 -32.53 -5.10 18.23
CA TRP B 147 -32.37 -6.07 19.34
CA TRP B 147 -32.35 -6.08 19.33
C TRP B 147 -31.79 -5.39 20.59
C TRP B 147 -31.78 -5.39 20.58
N THR B 148 -31.76 -4.06 20.60
CA THR B 148 -31.12 -3.24 21.66
C THR B 148 -32.17 -2.42 22.43
N CYS B 149 -31.95 -2.25 23.74
CA CYS B 149 -32.55 -1.16 24.52
C CYS B 149 -31.71 0.09 24.32
N ASN B 150 -32.31 1.22 24.66
CA ASN B 150 -31.61 2.53 24.81
C ASN B 150 -32.25 3.17 26.04
N LYS B 151 -31.67 4.25 26.56
CA LYS B 151 -32.13 4.81 27.87
C LYS B 151 -33.57 5.32 27.75
N PHE B 152 -34.08 5.51 26.52
CA PHE B 152 -35.45 6.03 26.27
C PHE B 152 -36.47 4.89 26.04
N ARG B 153 -36.03 3.63 25.97
CA ARG B 153 -36.97 2.46 25.94
C ARG B 153 -37.10 1.90 27.36
N CYS B 154 -36.20 2.28 28.27
CA CYS B 154 -36.19 1.81 29.67
C CYS B 154 -37.52 2.17 30.33
N GLY B 155 -38.31 1.15 30.68
CA GLY B 155 -39.64 1.31 31.30
C GLY B 155 -40.73 1.54 30.27
N GLU B 156 -40.49 1.17 29.00
CA GLU B 156 -41.51 1.28 27.93
C GLU B 156 -42.73 0.46 28.34
N LYS B 157 -43.91 0.86 27.88
CA LYS B 157 -45.10 -0.01 27.80
C LYS B 157 -44.76 -1.10 26.79
N ARG B 158 -44.88 -2.36 27.17
CA ARG B 158 -44.62 -3.52 26.29
C ARG B 158 -45.37 -3.29 24.96
N LEU B 159 -44.64 -3.40 23.85
CA LEU B 159 -45.18 -3.43 22.46
C LEU B 159 -45.27 -4.90 22.05
N THR B 160 -46.32 -5.29 21.33
CA THR B 160 -46.60 -6.72 21.02
C THR B 160 -45.67 -7.18 19.89
N ARG B 161 -45.21 -6.27 19.04
CA ARG B 161 -44.49 -6.58 17.77
C ARG B 161 -42.98 -6.42 17.96
N SER B 162 -42.53 -5.96 19.14
CA SER B 162 -41.10 -5.69 19.42
C SER B 162 -40.32 -7.01 19.47
N LEU B 163 -39.09 -7.04 18.95
CA LEU B 163 -38.23 -8.25 18.86
C LEU B 163 -37.80 -8.70 20.26
N CYS B 164 -37.45 -7.75 21.12
CA CYS B 164 -37.22 -7.95 22.58
C CYS B 164 -37.80 -6.76 23.32
N ALA B 165 -37.87 -6.85 24.66
CA ALA B 165 -38.57 -5.89 25.54
C ALA B 165 -37.57 -5.12 26.41
N CYS B 166 -37.92 -3.88 26.76
CA CYS B 166 -37.19 -3.05 27.76
C CYS B 166 -38.18 -2.58 28.84
N SER B 167 -39.32 -3.26 28.97
CA SER B 167 -40.38 -2.99 29.97
C SER B 167 -39.92 -3.48 31.35
N ASP B 168 -40.55 -2.96 32.41
CA ASP B 168 -40.24 -3.32 33.82
C ASP B 168 -40.45 -4.83 34.03
N ASP B 169 -41.40 -5.43 33.31
CA ASP B 169 -41.80 -6.86 33.44
C ASP B 169 -40.91 -7.80 32.59
N CYS B 170 -39.90 -7.30 31.87
CA CYS B 170 -39.15 -8.10 30.86
C CYS B 170 -38.40 -9.25 31.56
N LYS B 171 -37.87 -9.02 32.77
CA LYS B 171 -37.11 -10.04 33.53
C LYS B 171 -38.02 -11.22 33.82
N ASP B 172 -39.21 -10.96 34.40
CA ASP B 172 -40.23 -11.98 34.74
C ASP B 172 -40.63 -12.78 33.49
N LYS B 173 -40.92 -12.12 32.36
CA LYS B 173 -41.37 -12.81 31.12
C LYS B 173 -40.16 -13.37 30.35
N GLY B 174 -38.93 -12.99 30.77
CA GLY B 174 -37.65 -13.52 30.27
C GLY B 174 -37.43 -13.25 28.79
N ASP B 175 -37.58 -11.99 28.35
CA ASP B 175 -37.35 -11.58 26.93
C ASP B 175 -36.77 -10.17 26.86
N CYS B 176 -36.12 -9.69 27.93
CA CYS B 176 -35.29 -8.46 27.92
C CYS B 176 -34.31 -8.53 26.74
N CYS B 177 -34.04 -7.40 26.11
CA CYS B 177 -32.90 -7.28 25.16
C CYS B 177 -31.63 -7.59 25.93
N ILE B 178 -30.63 -8.17 25.28
CA ILE B 178 -29.34 -8.58 25.91
C ILE B 178 -28.76 -7.42 26.73
N ASN B 179 -28.82 -6.19 26.20
CA ASN B 179 -28.14 -5.01 26.81
C ASN B 179 -29.03 -4.34 27.86
N TYR B 180 -30.17 -4.94 28.24
CA TYR B 180 -31.18 -4.33 29.16
C TYR B 180 -30.53 -3.96 30.50
N SER B 181 -29.88 -4.92 31.14
CA SER B 181 -29.25 -4.72 32.47
C SER B 181 -28.23 -3.58 32.40
N SER B 182 -27.44 -3.48 31.33
CA SER B 182 -26.35 -2.48 31.26
C SER B 182 -26.95 -1.09 30.99
N VAL B 183 -27.99 -0.99 30.18
CA VAL B 183 -28.59 0.32 29.76
C VAL B 183 -29.59 0.80 30.81
N CYS B 184 -30.45 -0.09 31.33
CA CYS B 184 -31.64 0.26 32.14
C CYS B 184 -31.41 0.08 33.65
N GLN B 185 -30.55 -0.85 34.07
CA GLN B 185 -30.35 -1.19 35.51
C GLN B 185 -28.92 -0.82 35.96
N GLY B 186 -28.15 -0.14 35.11
CA GLY B 186 -26.87 0.50 35.49
C GLY B 186 -25.78 -0.51 35.80
N GLU B 187 -25.92 -1.77 35.35
CA GLU B 187 -24.80 -2.76 35.36
C GLU B 187 -23.79 -2.35 34.30
N LYS B 188 -22.56 -2.82 34.38
CA LYS B 188 -21.55 -2.63 33.31
C LYS B 188 -21.77 -3.69 32.23
N SER B 189 -21.64 -3.33 30.95
CA SER B 189 -21.53 -4.29 29.82
C SER B 189 -20.23 -5.09 30.00
N TRP B 190 -20.13 -6.28 29.40
CA TRP B 190 -18.90 -7.09 29.53
C TRP B 190 -17.69 -6.26 29.11
N VAL B 191 -17.77 -5.54 27.99
CA VAL B 191 -16.58 -4.82 27.44
C VAL B 191 -16.17 -3.71 28.40
N GLU B 192 -17.08 -3.17 29.21
CA GLU B 192 -16.79 -2.06 30.17
C GLU B 192 -16.03 -2.55 31.40
N GLU B 193 -16.10 -3.85 31.71
CA GLU B 193 -15.44 -4.42 32.92
C GLU B 193 -13.94 -4.51 32.66
N PRO B 194 -13.12 -4.21 33.68
CA PRO B 194 -11.68 -4.45 33.57
C PRO B 194 -11.38 -5.95 33.42
N CYS B 195 -10.23 -6.26 32.82
CA CYS B 195 -9.70 -7.64 32.72
C CYS B 195 -9.76 -8.29 34.09
N GLU B 196 -10.13 -9.57 34.10
CA GLU B 196 -10.24 -10.44 35.29
C GLU B 196 -9.27 -11.61 35.07
N SER B 197 -8.62 -12.08 36.13
CA SER B 197 -7.98 -13.43 36.15
C SER B 197 -9.07 -14.44 36.45
N ILE B 198 -9.24 -15.43 35.58
CA ILE B 198 -10.20 -16.55 35.77
C ILE B 198 -9.38 -17.83 35.98
N ASN B 199 -8.90 -18.04 37.20
CA ASN B 199 -8.09 -19.23 37.56
C ASN B 199 -9.05 -20.37 37.89
N GLU B 200 -10.01 -20.11 38.78
CA GLU B 200 -11.15 -21.02 39.11
C GLU B 200 -12.34 -20.59 38.26
N PRO B 201 -12.90 -21.46 37.41
CA PRO B 201 -14.08 -21.10 36.64
C PRO B 201 -15.28 -20.93 37.58
N GLN B 202 -16.20 -20.04 37.20
CA GLN B 202 -17.53 -19.90 37.86
C GLN B 202 -18.56 -20.50 36.92
N CYS B 203 -18.85 -21.79 37.09
CA CYS B 203 -19.71 -22.59 36.19
C CYS B 203 -20.89 -23.16 36.96
N PRO B 204 -22.06 -23.34 36.31
CA PRO B 204 -23.17 -24.05 36.93
C PRO B 204 -22.87 -25.56 36.95
N ALA B 205 -23.73 -26.33 37.61
CA ALA B 205 -23.64 -27.79 37.69
C ALA B 205 -23.79 -28.36 36.29
N GLY B 206 -22.95 -29.33 35.93
CA GLY B 206 -22.93 -29.93 34.57
C GLY B 206 -21.69 -29.50 33.81
N PHE B 207 -21.12 -28.36 34.21
CA PHE B 207 -19.98 -27.70 33.54
C PHE B 207 -18.73 -27.80 34.42
N GLU B 208 -18.55 -28.93 35.11
CA GLU B 208 -17.30 -29.23 35.86
C GLU B 208 -16.14 -29.24 34.85
N THR B 209 -16.37 -29.78 33.65
CA THR B 209 -15.64 -29.41 32.41
C THR B 209 -16.42 -28.25 31.79
N PRO B 210 -15.80 -27.07 31.62
CA PRO B 210 -16.53 -25.91 31.10
C PRO B 210 -16.79 -26.07 29.61
N PRO B 211 -17.78 -25.36 29.05
CA PRO B 211 -18.07 -25.45 27.62
C PRO B 211 -17.01 -24.70 26.80
N THR B 212 -16.88 -25.07 25.52
CA THR B 212 -16.05 -24.35 24.52
C THR B 212 -16.97 -23.89 23.38
N LEU B 213 -16.88 -22.62 22.99
CA LEU B 213 -17.58 -22.06 21.81
C LEU B 213 -16.53 -21.61 20.79
N LEU B 214 -16.66 -22.14 19.57
CA LEU B 214 -15.81 -21.82 18.40
C LEU B 214 -16.60 -20.87 17.52
N PHE B 215 -16.17 -19.60 17.45
CA PHE B 215 -16.92 -18.47 16.84
C PHE B 215 -16.11 -17.98 15.64
N SER B 216 -16.59 -18.31 14.44
CA SER B 216 -15.91 -17.95 13.16
C SER B 216 -16.51 -16.67 12.58
N LEU B 217 -15.63 -15.73 12.23
CA LEU B 217 -15.92 -14.55 11.40
C LEU B 217 -15.25 -14.79 10.04
N ASP B 218 -16.02 -15.25 9.06
CA ASP B 218 -15.54 -15.61 7.70
C ASP B 218 -14.73 -14.44 7.15
N GLY B 219 -13.55 -14.72 6.60
CA GLY B 219 -12.74 -13.74 5.84
C GLY B 219 -12.24 -12.58 6.69
N PHE B 220 -12.15 -12.76 8.01
CA PHE B 220 -11.54 -11.77 8.93
C PHE B 220 -10.03 -11.96 8.86
N ARG B 221 -9.35 -11.18 8.03
CA ARG B 221 -7.86 -11.24 7.92
C ARG B 221 -7.26 -10.65 9.19
N ALA B 222 -6.16 -11.21 9.65
CA ALA B 222 -5.46 -10.77 10.87
C ALA B 222 -5.24 -9.25 10.85
N GLU B 223 -4.91 -8.71 9.68
CA GLU B 223 -4.51 -7.29 9.52
C GLU B 223 -5.66 -6.38 10.01
N TYR B 224 -6.91 -6.77 9.81
CA TYR B 224 -8.08 -5.95 10.21
C TYR B 224 -7.93 -5.54 11.68
N LEU B 225 -7.45 -6.43 12.56
CA LEU B 225 -7.34 -6.14 14.01
C LEU B 225 -6.09 -5.30 14.27
N HIS B 226 -4.99 -5.57 13.54
CA HIS B 226 -3.74 -4.77 13.60
C HIS B 226 -4.07 -3.29 13.38
N THR B 227 -4.87 -2.99 12.36
CA THR B 227 -5.11 -1.64 11.81
C THR B 227 -6.35 -1.01 12.42
N TRP B 228 -7.43 -1.77 12.61
CA TRP B 228 -8.76 -1.22 12.98
C TRP B 228 -9.15 -1.60 14.42
N GLY B 229 -8.19 -2.04 15.23
CA GLY B 229 -8.41 -2.46 16.63
C GLY B 229 -9.11 -1.36 17.39
N GLY B 230 -8.73 -0.11 17.15
CA GLY B 230 -9.32 1.08 17.80
C GLY B 230 -10.80 1.26 17.47
N LEU B 231 -11.30 0.66 16.37
CA LEU B 231 -12.73 0.73 15.98
C LEU B 231 -13.49 -0.52 16.47
N LEU B 232 -12.78 -1.48 17.09
CA LEU B 232 -13.28 -2.83 17.46
C LEU B 232 -13.04 -3.06 18.95
N PRO B 233 -13.77 -2.37 19.85
CA PRO B 233 -13.50 -2.44 21.29
C PRO B 233 -13.65 -3.83 21.92
N VAL B 234 -14.67 -4.60 21.52
CA VAL B 234 -14.96 -5.92 22.16
C VAL B 234 -13.81 -6.88 21.81
N ILE B 235 -13.53 -7.05 20.53
CA ILE B 235 -12.45 -7.98 20.07
C ILE B 235 -11.13 -7.48 20.67
N SER B 236 -10.93 -6.17 20.73
CA SER B 236 -9.72 -5.57 21.34
C SER B 236 -9.61 -5.98 22.80
N LYS B 237 -10.71 -5.98 23.56
CA LYS B 237 -10.69 -6.38 24.99
C LYS B 237 -10.40 -7.88 25.13
N LEU B 238 -11.02 -8.73 24.30
CA LEU B 238 -10.74 -10.19 24.29
C LEU B 238 -9.23 -10.40 24.08
N LYS B 239 -8.62 -9.67 23.15
CA LYS B 239 -7.16 -9.73 22.89
C LYS B 239 -6.40 -9.38 24.17
N LYS B 240 -6.73 -8.22 24.76
CA LYS B 240 -6.03 -7.64 25.91
C LYS B 240 -6.12 -8.57 27.13
N CYS B 241 -7.29 -9.17 27.36
CA CYS B 241 -7.58 -9.96 28.59
C CYS B 241 -7.34 -11.46 28.34
N GLY B 242 -7.04 -11.85 27.11
CA GLY B 242 -6.99 -13.27 26.72
C GLY B 242 -5.66 -13.68 26.13
N THR B 243 -5.72 -14.69 25.27
CA THR B 243 -4.59 -15.32 24.55
C THR B 243 -4.77 -15.04 23.06
N TYR B 244 -3.79 -14.38 22.44
CA TYR B 244 -3.87 -13.82 21.06
C TYR B 244 -2.61 -14.17 20.28
N THR B 245 -2.73 -14.36 18.98
CA THR B 245 -1.59 -14.39 18.03
C THR B 245 -1.87 -13.35 16.95
N LYS B 246 -0.85 -12.60 16.53
CA LYS B 246 -0.97 -11.57 15.46
C LYS B 246 -1.40 -12.25 14.17
N ASN B 247 -1.05 -13.53 13.98
CA ASN B 247 -1.33 -14.27 12.73
C ASN B 247 -1.55 -15.76 13.03
N MET B 248 -2.70 -16.30 12.65
CA MET B 248 -2.91 -17.76 12.58
C MET B 248 -2.82 -18.18 11.11
N ARG B 249 -1.93 -19.12 10.79
CA ARG B 249 -1.71 -19.57 9.39
C ARG B 249 -2.82 -20.54 8.99
N PRO B 250 -3.61 -20.22 7.97
CA PRO B 250 -4.62 -21.15 7.48
C PRO B 250 -3.98 -22.27 6.65
N VAL B 251 -4.81 -23.21 6.19
CA VAL B 251 -4.41 -24.28 5.24
C VAL B 251 -4.63 -23.75 3.82
N TYR B 252 -3.82 -24.24 2.88
CA TYR B 252 -3.95 -24.04 1.42
C TYR B 252 -4.93 -25.07 0.90
N PRO B 253 -5.85 -24.72 -0.03
CA PRO B 253 -6.05 -23.34 -0.45
C PRO B 253 -6.86 -22.55 0.59
N THR B 254 -6.54 -21.25 0.73
CA THR B 254 -7.08 -20.35 1.79
C THR B 254 -8.53 -20.01 1.46
N LYS B 255 -9.40 -21.02 1.58
CA LYS B 255 -10.84 -20.92 1.22
C LYS B 255 -11.69 -21.35 2.42
N THR B 256 -12.98 -21.03 2.37
CA THR B 256 -13.93 -21.17 3.51
C THR B 256 -14.08 -22.64 3.94
N PHE B 257 -14.54 -23.54 3.06
CA PHE B 257 -14.85 -24.94 3.44
C PHE B 257 -13.58 -25.70 3.84
N PRO B 258 -12.49 -25.66 3.06
CA PRO B 258 -11.23 -26.28 3.48
C PRO B 258 -10.76 -25.91 4.89
N ASN B 259 -10.79 -24.63 5.25
CA ASN B 259 -10.18 -24.13 6.51
C ASN B 259 -11.11 -24.41 7.70
N HIS B 260 -12.42 -24.19 7.56
CA HIS B 260 -13.42 -24.50 8.61
C HIS B 260 -13.34 -25.99 8.97
N TYR B 261 -13.25 -26.87 7.97
CA TYR B 261 -13.22 -28.33 8.22
C TYR B 261 -11.86 -28.70 8.81
N SER B 262 -10.78 -28.04 8.39
CA SER B 262 -9.42 -28.26 8.97
C SER B 262 -9.44 -27.87 10.45
N ILE B 263 -10.14 -26.80 10.82
CA ILE B 263 -10.12 -26.29 12.22
C ILE B 263 -10.74 -27.34 13.15
N VAL B 264 -11.78 -28.05 12.70
CA VAL B 264 -12.57 -28.99 13.57
C VAL B 264 -12.09 -30.44 13.39
N THR B 265 -11.08 -30.69 12.55
CA THR B 265 -10.53 -32.06 12.32
C THR B 265 -9.04 -32.13 12.63
N GLY B 266 -8.33 -30.99 12.62
CA GLY B 266 -6.87 -30.94 12.78
C GLY B 266 -6.15 -31.56 11.58
N LEU B 267 -6.84 -31.72 10.46
CA LEU B 267 -6.30 -32.39 9.25
C LEU B 267 -6.06 -31.35 8.14
N TYR B 268 -5.01 -31.54 7.35
CA TYR B 268 -4.83 -30.86 6.03
C TYR B 268 -5.97 -31.27 5.12
N PRO B 269 -6.41 -30.41 4.18
CA PRO B 269 -7.48 -30.77 3.24
C PRO B 269 -7.21 -32.05 2.44
N GLU B 270 -5.95 -32.27 2.05
CA GLU B 270 -5.51 -33.48 1.30
C GLU B 270 -5.94 -34.73 2.06
N SER B 271 -6.12 -34.64 3.39
CA SER B 271 -6.47 -35.79 4.27
C SER B 271 -7.96 -35.76 4.66
N HIS B 272 -8.60 -34.59 4.79
CA HIS B 272 -10.02 -34.52 5.23
C HIS B 272 -10.96 -34.45 4.02
N GLY B 273 -10.42 -34.26 2.82
CA GLY B 273 -11.16 -34.46 1.55
C GLY B 273 -11.87 -33.23 1.06
N ILE B 274 -12.02 -32.18 1.88
CA ILE B 274 -12.67 -30.92 1.44
C ILE B 274 -11.56 -29.98 0.94
N ILE B 275 -11.09 -30.20 -0.28
CA ILE B 275 -9.88 -29.52 -0.82
C ILE B 275 -10.27 -28.17 -1.44
N ASP B 276 -11.56 -27.91 -1.67
CA ASP B 276 -12.06 -26.58 -2.14
C ASP B 276 -13.58 -26.53 -2.05
N ASN B 277 -14.17 -25.36 -2.29
CA ASN B 277 -15.63 -25.11 -2.25
C ASN B 277 -16.27 -25.80 -3.46
N LYS B 278 -15.46 -26.05 -4.51
CA LYS B 278 -15.85 -26.79 -5.76
C LYS B 278 -14.74 -27.80 -6.10
N MET B 279 -15.08 -29.07 -6.33
CA MET B 279 -14.10 -30.14 -6.68
C MET B 279 -14.78 -31.30 -7.40
N TYR B 280 -13.97 -32.17 -8.02
CA TYR B 280 -14.40 -33.39 -8.73
C TYR B 280 -13.65 -34.60 -8.16
N ASP B 281 -14.38 -35.67 -7.80
CA ASP B 281 -13.80 -36.99 -7.41
C ASP B 281 -13.93 -37.94 -8.59
N PRO B 282 -12.82 -38.46 -9.15
CA PRO B 282 -12.88 -39.38 -10.29
C PRO B 282 -13.38 -40.78 -9.92
N LYS B 283 -13.06 -41.28 -8.72
CA LYS B 283 -13.55 -42.60 -8.23
C LYS B 283 -15.08 -42.55 -8.04
N MET B 284 -15.64 -41.42 -7.58
CA MET B 284 -17.10 -41.24 -7.36
C MET B 284 -17.75 -40.77 -8.66
N ASN B 285 -16.95 -40.20 -9.57
CA ASN B 285 -17.43 -39.49 -10.79
C ASN B 285 -18.59 -38.57 -10.41
N ALA B 286 -18.37 -37.70 -9.42
CA ALA B 286 -19.33 -36.64 -8.98
C ALA B 286 -18.57 -35.33 -8.74
N SER B 287 -19.28 -34.20 -8.86
CA SER B 287 -18.76 -32.85 -8.52
C SER B 287 -19.39 -32.39 -7.20
N PHE B 288 -18.61 -31.66 -6.40
CA PHE B 288 -19.02 -31.06 -5.11
C PHE B 288 -19.24 -29.56 -5.32
N SER B 289 -20.37 -29.05 -4.85
CA SER B 289 -20.75 -27.61 -4.87
C SER B 289 -21.53 -27.29 -3.59
N LEU B 290 -21.46 -26.04 -3.13
CA LEU B 290 -22.19 -25.56 -1.93
C LEU B 290 -23.66 -25.31 -2.29
N LYS B 291 -23.99 -25.26 -3.59
CA LYS B 291 -25.35 -24.97 -4.13
C LYS B 291 -26.02 -26.26 -4.63
N SER B 292 -25.33 -27.40 -4.52
CA SER B 292 -25.74 -28.74 -5.03
C SER B 292 -26.18 -29.63 -3.87
N LYS B 293 -26.87 -30.73 -4.15
CA LYS B 293 -27.30 -31.75 -3.14
C LYS B 293 -26.09 -32.60 -2.72
N GLU B 294 -24.99 -32.56 -3.48
CA GLU B 294 -23.75 -33.34 -3.19
C GLU B 294 -23.04 -32.77 -1.95
N LYS B 295 -23.35 -31.54 -1.55
CA LYS B 295 -22.85 -30.88 -0.31
C LYS B 295 -23.20 -31.72 0.93
N PHE B 296 -24.30 -32.48 0.86
CA PHE B 296 -24.84 -33.27 2.00
C PHE B 296 -24.39 -34.74 1.90
N ASN B 297 -23.64 -35.10 0.85
CA ASN B 297 -23.17 -36.50 0.64
C ASN B 297 -22.01 -36.78 1.60
N PRO B 298 -22.19 -37.66 2.60
CA PRO B 298 -21.12 -37.97 3.55
C PRO B 298 -19.77 -38.39 2.94
N GLU B 299 -19.77 -38.91 1.71
CA GLU B 299 -18.56 -39.50 1.09
C GLU B 299 -17.45 -38.45 0.99
N TRP B 300 -17.81 -37.17 0.83
CA TRP B 300 -16.86 -36.03 0.65
C TRP B 300 -16.05 -35.80 1.93
N TYR B 301 -16.70 -35.90 3.10
CA TYR B 301 -16.15 -35.45 4.40
C TYR B 301 -15.44 -36.63 5.08
N LYS B 302 -14.11 -36.58 5.15
CA LYS B 302 -13.29 -37.61 5.84
C LYS B 302 -12.93 -37.10 7.23
N GLY B 303 -12.00 -37.78 7.91
CA GLY B 303 -11.52 -37.45 9.27
C GLY B 303 -12.64 -37.55 10.30
N GLU B 304 -12.42 -36.94 11.46
CA GLU B 304 -13.36 -36.95 12.60
C GLU B 304 -13.50 -35.52 13.12
N PRO B 305 -14.61 -34.83 12.81
CA PRO B 305 -14.84 -33.49 13.36
C PRO B 305 -15.03 -33.58 14.88
N ILE B 306 -14.65 -32.51 15.59
CA ILE B 306 -14.57 -32.50 17.08
C ILE B 306 -15.93 -32.88 17.68
N TRP B 307 -17.04 -32.55 17.03
CA TRP B 307 -18.39 -32.87 17.57
C TRP B 307 -18.62 -34.39 17.52
N VAL B 308 -17.97 -35.12 16.61
CA VAL B 308 -17.99 -36.60 16.56
C VAL B 308 -17.08 -37.14 17.66
N THR B 309 -15.85 -36.67 17.74
CA THR B 309 -14.87 -37.00 18.82
C THR B 309 -15.58 -36.86 20.16
N ALA B 310 -16.27 -35.75 20.36
CA ALA B 310 -16.99 -35.38 21.60
C ALA B 310 -18.09 -36.40 21.88
N LYS B 311 -18.85 -36.80 20.87
CA LYS B 311 -20.03 -37.71 21.04
C LYS B 311 -19.57 -39.06 21.59
N TYR B 312 -18.53 -39.65 20.98
CA TYR B 312 -17.92 -40.93 21.38
C TYR B 312 -17.46 -40.87 22.86
N GLN B 313 -17.16 -39.68 23.40
CA GLN B 313 -16.65 -39.51 24.79
C GLN B 313 -17.67 -38.76 25.65
N GLY B 314 -18.95 -38.79 25.27
CA GLY B 314 -20.08 -38.49 26.17
C GLY B 314 -20.52 -37.03 26.17
N LEU B 315 -19.96 -36.16 25.31
CA LEU B 315 -20.27 -34.71 25.30
C LEU B 315 -21.17 -34.40 24.10
N LYS B 316 -22.24 -33.65 24.36
CA LYS B 316 -23.17 -33.16 23.32
C LYS B 316 -22.62 -31.87 22.70
N SER B 317 -23.02 -31.58 21.47
CA SER B 317 -22.54 -30.45 20.65
C SER B 317 -23.74 -29.68 20.11
N GLY B 318 -23.59 -28.37 19.95
CA GLY B 318 -24.61 -27.46 19.41
C GLY B 318 -23.99 -26.52 18.40
N THR B 319 -24.27 -26.72 17.12
CA THR B 319 -23.65 -25.95 16.01
C THR B 319 -24.70 -25.02 15.40
N PHE B 320 -24.52 -23.70 15.51
CA PHE B 320 -25.31 -22.71 14.71
C PHE B 320 -24.43 -22.32 13.52
N PHE B 321 -24.39 -23.26 12.57
CA PHE B 321 -23.61 -23.21 11.30
C PHE B 321 -22.13 -23.52 11.58
N TRP B 322 -21.62 -24.44 10.77
CA TRP B 322 -20.20 -24.75 10.54
C TRP B 322 -20.15 -25.68 9.34
N PRO B 323 -19.25 -25.51 8.35
CA PRO B 323 -19.06 -26.51 7.31
C PRO B 323 -18.95 -27.95 7.85
N GLY B 324 -19.84 -28.84 7.41
CA GLY B 324 -19.90 -30.25 7.84
C GLY B 324 -20.97 -30.53 8.89
N SER B 325 -21.39 -29.51 9.64
CA SER B 325 -22.31 -29.69 10.79
C SER B 325 -23.74 -29.99 10.33
N ASP B 326 -24.06 -29.73 9.05
CA ASP B 326 -25.40 -30.05 8.48
C ASP B 326 -25.32 -31.32 7.63
N VAL B 327 -24.31 -32.16 7.87
CA VAL B 327 -24.04 -33.41 7.12
C VAL B 327 -23.94 -34.56 8.13
N GLU B 328 -24.44 -35.74 7.78
CA GLU B 328 -24.28 -36.99 8.57
C GLU B 328 -22.88 -37.56 8.32
N ILE B 329 -21.94 -37.31 9.24
CA ILE B 329 -20.51 -37.74 9.15
C ILE B 329 -20.30 -38.90 10.12
N ASN B 330 -19.72 -40.00 9.63
CA ASN B 330 -19.62 -41.31 10.36
C ASN B 330 -20.98 -41.61 11.02
N GLY B 331 -22.08 -41.34 10.32
CA GLY B 331 -23.45 -41.65 10.78
C GLY B 331 -23.93 -40.74 11.91
N ILE B 332 -23.21 -39.66 12.23
CA ILE B 332 -23.50 -38.76 13.39
C ILE B 332 -23.77 -37.32 12.91
N PHE B 333 -24.81 -36.69 13.44
CA PHE B 333 -25.01 -35.21 13.44
C PHE B 333 -24.66 -34.65 14.82
N PRO B 334 -24.36 -33.33 14.93
CA PRO B 334 -24.34 -32.67 16.23
C PRO B 334 -25.69 -32.84 16.92
N ASP B 335 -25.72 -32.82 18.26
CA ASP B 335 -26.97 -33.02 19.04
C ASP B 335 -27.96 -31.92 18.70
N ILE B 336 -27.48 -30.72 18.42
CA ILE B 336 -28.29 -29.58 17.89
C ILE B 336 -27.52 -29.00 16.72
N TYR B 337 -28.18 -28.81 15.57
CA TYR B 337 -27.54 -28.25 14.35
C TYR B 337 -28.59 -27.50 13.53
N LYS B 338 -28.13 -26.63 12.63
CA LYS B 338 -29.01 -25.83 11.75
C LYS B 338 -28.62 -26.13 10.30
N MET B 339 -29.63 -26.37 9.46
CA MET B 339 -29.43 -26.41 7.99
C MET B 339 -29.02 -25.01 7.57
N TYR B 340 -27.93 -24.90 6.81
CA TYR B 340 -27.35 -23.58 6.49
C TYR B 340 -28.43 -22.71 5.84
N ASN B 341 -28.45 -21.44 6.22
CA ASN B 341 -29.41 -20.41 5.74
C ASN B 341 -28.80 -19.05 6.10
N GLY B 342 -28.04 -18.47 5.16
CA GLY B 342 -27.26 -17.24 5.37
C GLY B 342 -28.15 -16.04 5.64
N SER B 343 -29.47 -16.16 5.44
CA SER B 343 -30.44 -15.06 5.64
C SER B 343 -30.72 -14.82 7.12
N VAL B 344 -30.41 -15.81 7.97
CA VAL B 344 -30.72 -15.74 9.42
C VAL B 344 -29.86 -14.64 10.00
N PRO B 345 -30.45 -13.59 10.60
CA PRO B 345 -29.69 -12.46 11.11
C PRO B 345 -28.73 -12.91 12.23
N PHE B 346 -27.55 -12.31 12.29
CA PHE B 346 -26.49 -12.65 13.28
C PHE B 346 -27.10 -12.71 14.69
N GLU B 347 -27.91 -11.71 15.04
CA GLU B 347 -28.48 -11.56 16.39
C GLU B 347 -29.24 -12.84 16.77
N GLU B 348 -29.98 -13.44 15.84
CA GLU B 348 -30.83 -14.64 16.12
C GLU B 348 -29.93 -15.86 16.36
N ARG B 349 -28.81 -15.95 15.65
CA ARG B 349 -27.82 -17.04 15.84
C ARG B 349 -27.29 -16.98 17.27
N ILE B 350 -26.83 -15.81 17.71
CA ILE B 350 -26.25 -15.60 19.07
C ILE B 350 -27.32 -15.91 20.12
N LEU B 351 -28.54 -15.39 19.95
CA LEU B 351 -29.66 -15.56 20.92
C LEU B 351 -29.97 -17.06 21.07
N ALA B 352 -29.90 -17.84 19.99
CA ALA B 352 -30.18 -19.29 19.98
C ALA B 352 -29.11 -20.02 20.79
N VAL B 353 -27.83 -19.72 20.57
CA VAL B 353 -26.70 -20.33 21.33
C VAL B 353 -26.91 -20.03 22.82
N LEU B 354 -27.38 -18.82 23.15
CA LEU B 354 -27.59 -18.40 24.56
C LEU B 354 -28.75 -19.20 25.17
N GLN B 355 -29.73 -19.58 24.36
CA GLN B 355 -30.82 -20.51 24.77
C GLN B 355 -30.24 -21.90 25.03
N TRP B 356 -29.37 -22.40 24.15
CA TRP B 356 -28.76 -23.76 24.32
C TRP B 356 -27.97 -23.82 25.64
N LEU B 357 -27.32 -22.72 26.03
CA LEU B 357 -26.49 -22.67 27.28
C LEU B 357 -27.41 -22.68 28.51
N GLN B 358 -28.70 -22.46 28.33
CA GLN B 358 -29.71 -22.49 29.43
C GLN B 358 -30.50 -23.81 29.40
N LEU B 359 -30.18 -24.74 28.50
CA LEU B 359 -30.82 -26.09 28.50
C LEU B 359 -30.51 -26.76 29.81
N PRO B 360 -31.41 -27.62 30.33
CA PRO B 360 -31.07 -28.49 31.46
C PRO B 360 -29.86 -29.39 31.14
N LYS B 361 -29.08 -29.70 32.17
CA LYS B 361 -27.70 -30.25 32.10
C LYS B 361 -27.65 -31.51 31.23
N ASP B 362 -28.68 -32.34 31.26
CA ASP B 362 -28.67 -33.64 30.53
C ASP B 362 -28.71 -33.40 29.02
N GLU B 363 -29.34 -32.32 28.53
CA GLU B 363 -29.47 -32.07 27.06
C GLU B 363 -28.59 -30.89 26.61
N ARG B 364 -27.93 -30.20 27.54
CA ARG B 364 -27.11 -29.00 27.22
C ARG B 364 -25.75 -29.40 26.66
N PRO B 365 -25.39 -28.93 25.44
CA PRO B 365 -24.07 -29.19 24.88
C PRO B 365 -22.88 -28.63 25.67
N HIS B 366 -21.68 -29.17 25.42
CA HIS B 366 -20.37 -28.67 25.91
C HIS B 366 -19.62 -27.94 24.78
N PHE B 367 -19.75 -28.43 23.55
CA PHE B 367 -19.09 -27.84 22.37
C PHE B 367 -20.14 -27.11 21.53
N TYR B 368 -19.90 -25.82 21.26
CA TYR B 368 -20.76 -24.92 20.47
C TYR B 368 -19.97 -24.36 19.29
N THR B 369 -20.64 -24.04 18.19
CA THR B 369 -20.05 -23.25 17.08
C THR B 369 -21.00 -22.13 16.69
N LEU B 370 -20.41 -21.05 16.19
CA LEU B 370 -21.10 -19.88 15.61
C LEU B 370 -20.31 -19.51 14.36
N TYR B 371 -21.02 -19.29 13.24
CA TYR B 371 -20.42 -18.84 11.97
C TYR B 371 -21.19 -17.61 11.49
N LEU B 372 -20.48 -16.52 11.17
CA LEU B 372 -21.02 -15.31 10.50
C LEU B 372 -20.33 -15.12 9.14
N GLU B 373 -21.05 -14.62 8.13
CA GLU B 373 -20.54 -14.49 6.74
C GLU B 373 -19.67 -13.23 6.59
N GLU B 374 -19.64 -12.35 7.59
CA GLU B 374 -18.88 -11.08 7.53
C GLU B 374 -17.63 -11.22 8.39
N PRO B 375 -16.53 -10.53 8.07
CA PRO B 375 -16.48 -9.54 6.99
C PRO B 375 -16.07 -10.05 5.59
N ASP B 376 -16.29 -11.34 5.29
CA ASP B 376 -15.94 -11.93 3.97
C ASP B 376 -16.81 -11.30 2.88
N SER B 377 -18.14 -11.23 3.09
CA SER B 377 -19.12 -10.67 2.13
C SER B 377 -18.68 -9.28 1.70
N SER B 378 -18.52 -8.37 2.65
CA SER B 378 -18.15 -6.96 2.39
C SER B 378 -16.76 -6.93 1.75
N GLY B 379 -15.87 -7.84 2.13
CA GLY B 379 -14.50 -7.92 1.59
C GLY B 379 -14.51 -8.15 0.09
N HIS B 380 -15.25 -9.15 -0.39
CA HIS B 380 -15.44 -9.45 -1.83
C HIS B 380 -16.04 -8.22 -2.51
N SER B 381 -17.21 -7.78 -2.03
CA SER B 381 -18.09 -6.78 -2.68
C SER B 381 -17.39 -5.42 -2.82
N TYR B 382 -16.59 -5.02 -1.83
CA TYR B 382 -16.10 -3.62 -1.73
C TYR B 382 -14.57 -3.58 -1.55
N GLY B 383 -13.92 -4.73 -1.29
CA GLY B 383 -12.47 -4.80 -1.09
C GLY B 383 -12.09 -4.64 0.39
N PRO B 384 -10.94 -5.21 0.82
CA PRO B 384 -10.56 -5.22 2.24
C PRO B 384 -10.27 -3.83 2.84
N VAL B 385 -9.95 -2.84 2.01
CA VAL B 385 -9.79 -1.43 2.50
C VAL B 385 -10.94 -0.61 1.91
N SER B 386 -12.03 -0.50 2.66
CA SER B 386 -13.30 0.15 2.24
C SER B 386 -14.11 0.56 3.48
N SER B 387 -14.97 1.55 3.31
CA SER B 387 -15.97 1.97 4.32
C SER B 387 -16.88 0.78 4.66
N GLU B 388 -17.19 -0.06 3.68
CA GLU B 388 -18.16 -1.17 3.88
C GLU B 388 -17.52 -2.23 4.79
N VAL B 389 -16.23 -2.52 4.62
CA VAL B 389 -15.50 -3.50 5.48
C VAL B 389 -15.41 -2.93 6.89
N ILE B 390 -15.11 -1.65 7.07
CA ILE B 390 -15.04 -1.02 8.42
C ILE B 390 -16.39 -1.16 9.12
N LYS B 391 -17.50 -0.89 8.42
CA LYS B 391 -18.85 -0.98 9.02
C LYS B 391 -19.16 -2.45 9.35
N ALA B 392 -18.66 -3.38 8.54
CA ALA B 392 -18.87 -4.84 8.73
C ALA B 392 -18.10 -5.32 9.96
N LEU B 393 -16.87 -4.81 10.14
CA LEU B 393 -16.00 -5.13 11.29
C LEU B 393 -16.66 -4.59 12.58
N GLN B 394 -17.19 -3.38 12.54
CA GLN B 394 -17.90 -2.80 13.70
C GLN B 394 -19.11 -3.67 14.03
N ARG B 395 -19.79 -4.19 13.00
CA ARG B 395 -21.01 -5.01 13.19
C ARG B 395 -20.63 -6.32 13.88
N VAL B 396 -19.67 -7.08 13.36
CA VAL B 396 -19.25 -8.38 13.98
C VAL B 396 -18.69 -8.11 15.39
N ASP B 397 -18.00 -6.98 15.61
CA ASP B 397 -17.51 -6.60 16.96
C ASP B 397 -18.71 -6.51 17.90
N GLY B 398 -19.74 -5.76 17.48
CA GLY B 398 -21.02 -5.62 18.22
C GLY B 398 -21.63 -6.97 18.51
N MET B 399 -21.59 -7.91 17.56
CA MET B 399 -22.20 -9.26 17.70
C MET B 399 -21.42 -10.07 18.74
N VAL B 400 -20.09 -10.03 18.73
CA VAL B 400 -19.24 -10.68 19.77
C VAL B 400 -19.63 -10.09 21.14
N GLY B 401 -19.80 -8.77 21.19
CA GLY B 401 -20.21 -8.04 22.42
C GLY B 401 -21.56 -8.51 22.89
N MET B 402 -22.48 -8.77 21.96
CA MET B 402 -23.83 -9.28 22.29
C MET B 402 -23.70 -10.66 22.95
N LEU B 403 -22.81 -11.52 22.43
CA LEU B 403 -22.58 -12.85 23.05
C LEU B 403 -22.06 -12.65 24.48
N MET B 404 -21.03 -11.81 24.66
CA MET B 404 -20.35 -11.64 25.97
C MET B 404 -21.34 -11.03 26.98
N ASP B 405 -22.11 -10.03 26.56
CA ASP B 405 -23.18 -9.40 27.38
C ASP B 405 -24.16 -10.50 27.77
N GLY B 406 -24.48 -11.39 26.84
CA GLY B 406 -25.44 -12.50 27.06
C GLY B 406 -24.90 -13.49 28.06
N LEU B 407 -23.63 -13.87 27.93
CA LEU B 407 -22.95 -14.81 28.84
C LEU B 407 -22.90 -14.20 30.24
N LYS B 408 -22.59 -12.90 30.34
CA LYS B 408 -22.54 -12.15 31.62
C LYS B 408 -23.91 -12.24 32.31
N GLU B 409 -25.00 -12.00 31.58
CA GLU B 409 -26.39 -12.08 32.14
C GLU B 409 -26.60 -13.46 32.76
N LEU B 410 -26.06 -14.51 32.14
CA LEU B 410 -26.23 -15.93 32.55
C LEU B 410 -25.17 -16.36 33.58
N ASN B 411 -24.26 -15.48 33.96
CA ASN B 411 -23.07 -15.81 34.80
C ASN B 411 -22.29 -16.97 34.17
N LEU B 412 -22.06 -16.90 32.88
CA LEU B 412 -21.23 -17.87 32.10
C LEU B 412 -19.98 -17.17 31.53
N HIS B 413 -19.77 -15.89 31.81
CA HIS B 413 -18.64 -15.11 31.28
C HIS B 413 -17.32 -15.42 32.02
N ARG B 414 -17.37 -16.18 33.12
CA ARG B 414 -16.14 -16.73 33.75
C ARG B 414 -16.22 -18.25 33.72
N CYS B 415 -16.91 -18.81 32.72
CA CYS B 415 -17.17 -20.27 32.58
C CYS B 415 -16.76 -20.73 31.18
N LEU B 416 -17.43 -20.19 30.17
CA LEU B 416 -17.26 -20.58 28.74
C LEU B 416 -15.85 -20.22 28.24
N ASN B 417 -15.21 -21.17 27.56
CA ASN B 417 -13.97 -20.94 26.79
C ASN B 417 -14.36 -20.53 25.38
N LEU B 418 -14.10 -19.28 25.00
CA LEU B 418 -14.41 -18.74 23.67
C LEU B 418 -13.15 -18.80 22.83
N ILE B 419 -13.23 -19.37 21.64
CA ILE B 419 -12.18 -19.23 20.58
C ILE B 419 -12.82 -18.45 19.44
N LEU B 420 -12.47 -17.17 19.33
CA LEU B 420 -12.87 -16.28 18.21
C LEU B 420 -11.83 -16.47 17.11
N ILE B 421 -12.27 -16.83 15.91
CA ILE B 421 -11.35 -17.38 14.88
C ILE B 421 -11.87 -16.95 13.50
N SER B 422 -11.02 -17.08 12.46
CA SER B 422 -11.45 -16.97 11.05
C SER B 422 -10.74 -18.04 10.20
N ASP B 423 -11.30 -18.29 9.02
CA ASP B 423 -10.85 -19.35 8.08
C ASP B 423 -9.64 -18.84 7.29
N HIS B 424 -9.59 -17.56 6.98
CA HIS B 424 -8.61 -17.01 6.01
C HIS B 424 -8.72 -15.49 5.93
N GLY B 425 -7.80 -14.87 5.21
CA GLY B 425 -7.78 -13.42 5.01
C GLY B 425 -8.52 -13.01 3.75
N MET B 426 -8.07 -11.93 3.14
CA MET B 426 -8.76 -11.21 2.04
C MET B 426 -7.72 -10.30 1.40
N GLU B 427 -7.74 -10.24 0.06
CA GLU B 427 -6.79 -9.46 -0.76
C GLU B 427 -7.61 -8.68 -1.77
N GLN B 428 -7.10 -7.54 -2.23
CA GLN B 428 -7.72 -6.74 -3.31
C GLN B 428 -7.35 -7.38 -4.66
N GLY B 429 -8.36 -7.87 -5.38
CA GLY B 429 -8.23 -8.31 -6.78
C GLY B 429 -8.17 -7.10 -7.71
N SER B 430 -7.63 -7.30 -8.91
CA SER B 430 -7.51 -6.26 -9.96
C SER B 430 -7.61 -6.93 -11.33
N CYS B 431 -8.38 -6.32 -12.25
CA CYS B 431 -8.57 -6.84 -13.63
C CYS B 431 -7.22 -6.80 -14.38
N LYS B 432 -6.30 -5.94 -13.93
CA LYS B 432 -4.91 -5.84 -14.47
C LYS B 432 -3.99 -6.90 -13.86
N LYS B 433 -4.44 -7.64 -12.84
CA LYS B 433 -3.66 -8.73 -12.19
C LYS B 433 -4.43 -10.05 -12.33
N TYR B 434 -4.92 -10.34 -13.54
CA TYR B 434 -5.64 -11.58 -13.88
C TYR B 434 -5.03 -12.18 -15.14
N ILE B 435 -4.56 -13.42 -15.04
CA ILE B 435 -3.97 -14.20 -16.16
C ILE B 435 -5.10 -15.03 -16.77
N TYR B 436 -5.22 -15.01 -18.10
CA TYR B 436 -6.14 -15.89 -18.87
C TYR B 436 -5.28 -16.85 -19.69
N LEU B 437 -5.56 -18.16 -19.57
CA LEU B 437 -4.73 -19.23 -20.19
C LEU B 437 -4.99 -19.28 -21.70
N ASN B 438 -6.17 -18.86 -22.16
CA ASN B 438 -6.56 -18.89 -23.60
C ASN B 438 -5.53 -18.10 -24.43
N LYS B 439 -4.87 -17.11 -23.82
CA LYS B 439 -3.77 -16.33 -24.46
C LYS B 439 -2.66 -17.28 -24.91
N TYR B 440 -2.38 -18.35 -24.16
CA TYR B 440 -1.24 -19.27 -24.40
C TYR B 440 -1.71 -20.57 -25.08
N LEU B 441 -2.96 -20.98 -24.86
CA LEU B 441 -3.50 -22.31 -25.27
C LEU B 441 -4.51 -22.18 -26.41
N GLY B 442 -5.07 -20.99 -26.64
CA GLY B 442 -6.21 -20.77 -27.56
C GLY B 442 -7.52 -21.19 -26.91
N ASP B 443 -8.66 -20.94 -27.58
CA ASP B 443 -10.03 -21.18 -27.02
C ASP B 443 -10.35 -22.68 -27.06
N VAL B 444 -9.51 -23.50 -26.42
CA VAL B 444 -9.63 -24.98 -26.30
C VAL B 444 -10.88 -25.31 -25.46
N LYS B 445 -11.49 -26.47 -25.72
CA LYS B 445 -12.73 -26.95 -25.03
C LYS B 445 -12.50 -28.35 -24.44
N ASN B 446 -11.25 -28.81 -24.33
CA ASN B 446 -10.89 -30.15 -23.79
C ASN B 446 -10.47 -30.04 -22.31
N ILE B 447 -10.30 -28.82 -21.76
CA ILE B 447 -9.86 -28.60 -20.35
C ILE B 447 -10.90 -27.75 -19.60
N LYS B 448 -11.04 -28.06 -18.31
CA LYS B 448 -11.80 -27.27 -17.29
C LYS B 448 -10.78 -26.70 -16.31
N VAL B 449 -10.75 -25.37 -16.12
CA VAL B 449 -9.78 -24.68 -15.22
C VAL B 449 -10.55 -24.09 -14.03
N ILE B 450 -10.21 -24.52 -12.82
CA ILE B 450 -10.71 -23.94 -11.54
C ILE B 450 -10.04 -22.57 -11.39
N TYR B 451 -10.83 -21.49 -11.40
CA TYR B 451 -10.31 -20.09 -11.45
C TYR B 451 -9.97 -19.62 -10.03
N GLY B 452 -9.25 -18.51 -9.93
CA GLY B 452 -8.82 -17.89 -8.66
C GLY B 452 -7.30 -18.00 -8.45
N PRO B 453 -6.80 -17.66 -7.24
CA PRO B 453 -5.37 -17.72 -6.96
C PRO B 453 -4.83 -19.13 -6.68
N ALA B 454 -5.72 -20.12 -6.47
CA ALA B 454 -5.37 -21.54 -6.22
C ALA B 454 -5.84 -22.39 -7.40
N ALA B 455 -5.59 -21.89 -8.62
CA ALA B 455 -6.13 -22.43 -9.89
C ALA B 455 -5.54 -23.81 -10.16
N ARG B 456 -6.36 -24.67 -10.77
CA ARG B 456 -6.06 -26.09 -11.06
C ARG B 456 -6.67 -26.45 -12.41
N LEU B 457 -6.06 -27.42 -13.10
CA LEU B 457 -6.42 -27.79 -14.51
C LEU B 457 -6.72 -29.30 -14.56
N ARG B 458 -7.76 -29.66 -15.32
CA ARG B 458 -8.16 -31.08 -15.52
C ARG B 458 -8.84 -31.25 -16.87
N PRO B 459 -8.80 -32.47 -17.46
CA PRO B 459 -9.53 -32.75 -18.70
C PRO B 459 -11.06 -32.65 -18.54
N SER B 460 -11.75 -32.23 -19.61
CA SER B 460 -13.23 -32.21 -19.74
C SER B 460 -13.76 -33.64 -19.72
N ASP B 461 -13.08 -34.57 -20.39
CA ASP B 461 -13.49 -35.99 -20.56
C ASP B 461 -13.07 -36.76 -19.29
N VAL B 462 -13.94 -36.75 -18.28
CA VAL B 462 -13.72 -37.45 -16.97
C VAL B 462 -14.91 -38.37 -16.73
N PRO B 463 -14.72 -39.54 -16.09
CA PRO B 463 -13.45 -39.92 -15.48
C PRO B 463 -12.44 -40.58 -16.41
N ASP B 464 -12.72 -40.64 -17.72
CA ASP B 464 -11.99 -41.50 -18.68
C ASP B 464 -10.52 -41.09 -18.73
N LYS B 465 -10.22 -39.83 -19.02
CA LYS B 465 -8.83 -39.35 -19.29
C LYS B 465 -8.19 -38.72 -18.05
N TYR B 466 -8.78 -38.85 -16.86
CA TYR B 466 -8.34 -38.13 -15.62
C TYR B 466 -6.86 -38.42 -15.31
N TYR B 467 -6.42 -39.67 -15.46
CA TYR B 467 -5.03 -40.10 -15.14
C TYR B 467 -4.17 -40.12 -16.42
N SER B 468 -4.76 -40.45 -17.57
CA SER B 468 -4.04 -40.68 -18.85
C SER B 468 -3.66 -39.35 -19.52
N PHE B 469 -4.38 -38.26 -19.23
CA PHE B 469 -4.25 -36.93 -19.89
C PHE B 469 -2.81 -36.40 -19.78
N ASN B 470 -2.39 -35.61 -20.78
CA ASN B 470 -0.98 -35.13 -20.90
C ASN B 470 -0.82 -33.83 -20.11
N TYR B 471 -0.79 -33.93 -18.77
CA TYR B 471 -0.59 -32.80 -17.83
C TYR B 471 0.78 -32.17 -18.07
N GLU B 472 1.82 -33.01 -18.05
CA GLU B 472 3.24 -32.61 -18.22
C GLU B 472 3.43 -31.78 -19.49
N GLY B 473 2.70 -32.14 -20.55
CA GLY B 473 2.68 -31.41 -21.84
C GLY B 473 2.31 -29.96 -21.64
N ILE B 474 1.16 -29.70 -21.02
CA ILE B 474 0.65 -28.31 -20.78
C ILE B 474 1.57 -27.62 -19.79
N ALA B 475 2.03 -28.33 -18.75
CA ALA B 475 3.01 -27.80 -17.76
C ALA B 475 4.17 -27.13 -18.51
N ARG B 476 4.81 -27.86 -19.42
CA ARG B 476 6.01 -27.37 -20.18
C ARG B 476 5.58 -26.25 -21.14
N ASN B 477 4.41 -26.39 -21.78
CA ASN B 477 3.80 -25.38 -22.67
C ASN B 477 3.69 -24.05 -21.90
N LEU B 478 3.34 -24.05 -20.61
CA LEU B 478 2.99 -22.82 -19.84
C LEU B 478 4.15 -22.30 -18.98
N SER B 479 5.29 -22.99 -18.92
CA SER B 479 6.47 -22.57 -18.10
C SER B 479 7.23 -21.44 -18.80
N CYS B 480 7.68 -20.45 -18.03
CA CYS B 480 8.70 -19.45 -18.45
C CYS B 480 8.36 -18.84 -19.82
N ARG B 481 7.07 -18.62 -20.09
CA ARG B 481 6.58 -18.07 -21.38
C ARG B 481 6.73 -16.56 -21.43
N GLU B 482 6.87 -15.90 -20.27
CA GLU B 482 7.19 -14.45 -20.15
C GLU B 482 8.19 -14.26 -19.02
N PRO B 483 9.00 -13.18 -19.04
CA PRO B 483 9.81 -12.80 -17.88
C PRO B 483 8.92 -12.07 -16.87
N ASN B 484 9.21 -12.23 -15.58
CA ASN B 484 8.36 -11.73 -14.46
C ASN B 484 6.92 -12.20 -14.72
N GLN B 485 6.74 -13.48 -15.07
CA GLN B 485 5.44 -14.19 -15.13
C GLN B 485 4.90 -14.28 -13.70
N HIS B 486 3.60 -14.06 -13.49
CA HIS B 486 2.98 -13.97 -12.15
C HIS B 486 2.30 -15.29 -11.77
N PHE B 487 2.58 -16.37 -12.50
CA PHE B 487 2.07 -17.74 -12.18
C PHE B 487 3.12 -18.77 -12.56
N LYS B 488 2.88 -20.02 -12.17
CA LYS B 488 3.87 -21.12 -12.27
C LYS B 488 3.09 -22.42 -12.29
N PRO B 489 3.18 -23.22 -13.39
CA PRO B 489 2.51 -24.52 -13.43
C PRO B 489 3.34 -25.52 -12.59
N TYR B 490 2.66 -26.30 -11.77
CA TYR B 490 3.24 -27.34 -10.87
C TYR B 490 2.38 -28.60 -10.99
N LEU B 491 3.00 -29.73 -11.33
CA LEU B 491 2.39 -31.04 -10.98
C LEU B 491 2.29 -31.07 -9.45
N LYS B 492 1.17 -31.56 -8.92
CA LYS B 492 0.86 -31.62 -7.45
C LYS B 492 2.09 -31.96 -6.61
N HIS B 493 2.81 -33.01 -7.00
CA HIS B 493 3.89 -33.62 -6.18
C HIS B 493 5.13 -32.72 -6.16
N PHE B 494 5.20 -31.73 -7.06
CA PHE B 494 6.34 -30.77 -7.16
C PHE B 494 6.05 -29.48 -6.39
N LEU B 495 4.80 -29.26 -5.95
CA LEU B 495 4.41 -28.14 -5.04
C LEU B 495 5.23 -28.24 -3.76
N PRO B 496 5.56 -27.10 -3.13
CA PRO B 496 6.23 -27.09 -1.82
C PRO B 496 5.52 -28.01 -0.82
N LYS B 497 6.29 -28.78 -0.06
CA LYS B 497 5.74 -29.81 0.88
C LYS B 497 4.98 -29.12 2.01
N ARG B 498 5.37 -27.89 2.36
CA ARG B 498 4.72 -27.08 3.42
C ARG B 498 3.23 -26.87 3.10
N LEU B 499 2.83 -26.90 1.82
CA LEU B 499 1.41 -26.74 1.39
C LEU B 499 0.61 -28.03 1.61
N HIS B 500 1.25 -29.19 1.80
CA HIS B 500 0.58 -30.50 2.00
C HIS B 500 -0.67 -30.59 1.12
N PHE B 501 -0.51 -30.40 -0.20
CA PHE B 501 -1.62 -30.31 -1.19
C PHE B 501 -1.32 -31.21 -2.39
N ALA B 502 -1.46 -32.54 -2.22
CA ALA B 502 -1.15 -33.54 -3.27
C ALA B 502 -1.85 -34.88 -3.02
N LYS B 503 -1.84 -35.43 -1.80
CA LYS B 503 -2.27 -36.82 -1.49
C LYS B 503 -3.59 -37.15 -2.19
N SER B 504 -4.61 -36.31 -2.06
CA SER B 504 -6.00 -36.62 -2.53
C SER B 504 -6.04 -36.70 -4.05
N ASP B 505 -6.83 -37.64 -4.58
CA ASP B 505 -7.12 -37.76 -6.03
C ASP B 505 -8.07 -36.63 -6.45
N ARG B 506 -8.67 -35.91 -5.49
CA ARG B 506 -9.58 -34.76 -5.76
C ARG B 506 -8.77 -33.49 -6.06
N ILE B 507 -7.47 -33.52 -5.78
CA ILE B 507 -6.52 -32.44 -6.18
C ILE B 507 -6.07 -32.73 -7.61
N GLU B 508 -6.49 -31.89 -8.56
CA GLU B 508 -6.18 -32.06 -10.01
C GLU B 508 -4.67 -32.22 -10.14
N PRO B 509 -4.17 -33.18 -10.94
CA PRO B 509 -2.73 -33.39 -11.13
C PRO B 509 -1.90 -32.17 -11.58
N LEU B 510 -2.52 -31.18 -12.23
CA LEU B 510 -1.84 -29.90 -12.58
C LEU B 510 -2.48 -28.76 -11.79
N THR B 511 -1.66 -28.07 -10.98
CA THR B 511 -2.05 -26.88 -10.16
C THR B 511 -1.26 -25.67 -10.65
N PHE B 512 -1.70 -24.46 -10.28
CA PHE B 512 -0.95 -23.20 -10.51
C PHE B 512 -0.65 -22.54 -9.17
N TYR B 513 0.56 -22.01 -9.02
CA TYR B 513 0.97 -21.17 -7.87
C TYR B 513 1.01 -19.71 -8.34
N LEU B 514 0.14 -18.87 -7.78
CA LEU B 514 -0.01 -17.44 -8.17
C LEU B 514 0.75 -16.54 -7.19
N ASP B 515 1.35 -15.47 -7.71
CA ASP B 515 2.02 -14.41 -6.90
C ASP B 515 0.95 -13.67 -6.12
N PRO B 516 1.31 -13.00 -5.01
CA PRO B 516 0.36 -12.18 -4.26
C PRO B 516 -0.46 -11.24 -5.17
N GLN B 517 -1.78 -11.16 -4.92
CA GLN B 517 -2.73 -10.25 -5.60
C GLN B 517 -3.12 -10.77 -6.99
N TRP B 518 -2.48 -11.84 -7.49
CA TRP B 518 -2.74 -12.37 -8.86
C TRP B 518 -3.68 -13.58 -8.81
N GLN B 519 -4.50 -13.70 -9.88
CA GLN B 519 -5.49 -14.79 -10.08
C GLN B 519 -5.40 -15.28 -11.52
N LEU B 520 -6.06 -16.39 -11.83
CA LEU B 520 -5.93 -17.12 -13.11
C LEU B 520 -7.27 -17.76 -13.47
N ALA B 521 -7.64 -17.72 -14.75
CA ALA B 521 -8.80 -18.45 -15.31
C ALA B 521 -8.48 -18.90 -16.75
N LEU B 522 -9.32 -19.74 -17.33
CA LEU B 522 -9.22 -20.12 -18.76
C LEU B 522 -9.42 -18.87 -19.64
N ASN B 523 -10.51 -18.13 -19.40
CA ASN B 523 -10.92 -16.95 -20.19
C ASN B 523 -11.77 -16.01 -19.31
N PRO B 524 -11.83 -14.70 -19.65
CA PRO B 524 -12.65 -13.73 -18.90
C PRO B 524 -14.10 -14.12 -18.57
N SER B 525 -14.76 -14.89 -19.44
CA SER B 525 -16.18 -15.30 -19.27
C SER B 525 -16.28 -16.21 -18.03
N GLU B 526 -15.34 -17.14 -17.87
CA GLU B 526 -15.38 -18.22 -16.83
C GLU B 526 -14.64 -17.75 -15.56
N ARG B 527 -15.24 -16.78 -14.86
CA ARG B 527 -14.64 -16.00 -13.75
C ARG B 527 -15.74 -15.03 -13.25
N LYS B 528 -15.67 -14.59 -11.98
CA LYS B 528 -16.56 -13.54 -11.41
C LYS B 528 -15.81 -12.20 -11.51
N TYR B 529 -16.36 -11.09 -11.01
CA TYR B 529 -15.78 -9.74 -11.23
C TYR B 529 -14.32 -9.76 -10.74
N CYS B 530 -13.39 -9.36 -11.61
CA CYS B 530 -11.91 -9.40 -11.35
C CYS B 530 -11.50 -8.33 -10.32
N GLY B 531 -12.32 -7.28 -10.15
CA GLY B 531 -12.01 -6.13 -9.28
C GLY B 531 -12.43 -6.35 -7.84
N SER B 532 -13.05 -7.50 -7.56
CA SER B 532 -13.55 -7.90 -6.23
C SER B 532 -12.37 -8.24 -5.32
N GLY B 533 -12.60 -8.20 -4.00
CA GLY B 533 -11.74 -8.85 -3.02
C GLY B 533 -11.74 -10.35 -3.26
N PHE B 534 -10.65 -11.03 -2.95
CA PHE B 534 -10.51 -12.50 -3.12
C PHE B 534 -9.55 -13.07 -2.09
N HIS B 535 -9.51 -14.40 -2.01
CA HIS B 535 -8.59 -15.19 -1.16
C HIS B 535 -8.43 -16.58 -1.79
N GLY B 536 -7.51 -17.40 -1.25
CA GLY B 536 -7.16 -18.73 -1.80
C GLY B 536 -5.67 -18.83 -2.07
N SER B 537 -4.93 -17.73 -2.01
CA SER B 537 -3.48 -17.68 -2.31
C SER B 537 -2.71 -18.49 -1.27
N ASP B 538 -1.40 -18.65 -1.50
CA ASP B 538 -0.41 -19.27 -0.59
C ASP B 538 -0.73 -18.90 0.87
N ASN B 539 -0.74 -19.89 1.77
CA ASN B 539 -1.18 -19.68 3.17
C ASN B 539 -0.11 -18.94 3.96
N VAL B 540 1.04 -18.58 3.38
CA VAL B 540 2.06 -17.77 4.10
C VAL B 540 2.01 -16.30 3.67
N PHE B 541 1.14 -15.92 2.74
CA PHE B 541 0.99 -14.48 2.35
C PHE B 541 0.36 -13.75 3.55
N SER B 542 0.85 -12.54 3.84
CA SER B 542 0.43 -11.71 5.01
C SER B 542 -1.09 -11.55 5.06
N ASN B 543 -1.70 -11.16 3.94
CA ASN B 543 -3.13 -10.79 3.88
C ASN B 543 -4.01 -12.06 3.90
N MET B 544 -3.42 -13.26 3.88
CA MET B 544 -4.20 -14.53 4.00
C MET B 544 -4.25 -14.99 5.47
N GLN B 545 -3.42 -14.42 6.33
CA GLN B 545 -3.34 -14.83 7.75
C GLN B 545 -4.70 -14.54 8.43
N ALA B 546 -5.04 -15.32 9.45
CA ALA B 546 -6.38 -15.35 10.06
C ALA B 546 -6.35 -14.82 11.50
N LEU B 547 -7.53 -14.60 12.05
CA LEU B 547 -7.78 -14.15 13.44
C LEU B 547 -7.74 -15.36 14.37
N PHE B 548 -7.12 -15.23 15.54
CA PHE B 548 -7.32 -16.18 16.67
C PHE B 548 -7.25 -15.41 17.98
N VAL B 549 -8.33 -15.47 18.77
CA VAL B 549 -8.34 -14.97 20.17
C VAL B 549 -8.99 -16.04 21.04
N GLY B 550 -8.29 -16.46 22.10
CA GLY B 550 -8.80 -17.39 23.12
C GLY B 550 -9.03 -16.66 24.43
N TYR B 551 -10.25 -16.72 24.96
CA TYR B 551 -10.60 -16.10 26.25
C TYR B 551 -11.45 -17.07 27.07
N GLY B 552 -11.11 -17.22 28.36
CA GLY B 552 -11.87 -18.03 29.32
C GLY B 552 -10.96 -18.71 30.33
N PRO B 553 -11.52 -19.56 31.21
CA PRO B 553 -10.75 -20.18 32.30
C PRO B 553 -9.56 -21.01 31.80
N GLY B 554 -9.73 -21.71 30.68
CA GLY B 554 -8.70 -22.57 30.08
C GLY B 554 -7.50 -21.79 29.56
N PHE B 555 -7.69 -20.51 29.22
CA PHE B 555 -6.68 -19.71 28.47
C PHE B 555 -5.97 -18.75 29.41
N LYS B 556 -4.68 -18.53 29.14
CA LYS B 556 -3.87 -17.50 29.81
C LYS B 556 -4.43 -16.11 29.48
N HIS B 557 -4.05 -15.11 30.27
CA HIS B 557 -4.55 -13.72 30.18
C HIS B 557 -3.40 -12.79 29.79
N GLY B 558 -3.58 -12.00 28.73
CA GLY B 558 -2.62 -10.97 28.29
C GLY B 558 -1.37 -11.56 27.67
N ILE B 559 -1.50 -12.73 27.03
CA ILE B 559 -0.41 -13.47 26.33
C ILE B 559 -0.54 -13.24 24.81
N GLU B 560 0.58 -12.93 24.16
CA GLU B 560 0.67 -12.75 22.69
C GLU B 560 1.59 -13.84 22.14
N ALA B 561 1.03 -14.95 21.66
CA ALA B 561 1.78 -16.15 21.22
C ALA B 561 2.34 -15.92 19.82
N ASP B 562 3.46 -16.57 19.49
CA ASP B 562 4.03 -16.53 18.12
C ASP B 562 3.01 -17.19 17.19
N THR B 563 3.13 -16.93 15.90
CA THR B 563 2.26 -17.49 14.84
C THR B 563 2.21 -19.01 14.99
N PHE B 564 1.00 -19.60 14.93
CA PHE B 564 0.76 -21.06 14.85
C PHE B 564 -0.26 -21.34 13.73
N GLU B 565 -0.43 -22.61 13.39
CA GLU B 565 -1.29 -23.06 12.26
C GLU B 565 -2.64 -23.52 12.80
N ASN B 566 -3.70 -23.35 12.03
CA ASN B 566 -5.09 -23.64 12.49
C ASN B 566 -5.28 -25.15 12.70
N ILE B 567 -4.38 -25.99 12.16
CA ILE B 567 -4.47 -27.48 12.32
C ILE B 567 -4.11 -27.85 13.76
N GLU B 568 -3.52 -26.94 14.53
CA GLU B 568 -3.14 -27.19 15.94
C GLU B 568 -4.37 -26.98 16.85
N VAL B 569 -5.44 -26.37 16.34
CA VAL B 569 -6.58 -25.91 17.17
C VAL B 569 -7.43 -27.12 17.60
N TYR B 570 -7.54 -28.17 16.79
CA TYR B 570 -8.35 -29.39 17.12
C TYR B 570 -7.86 -29.96 18.46
N ASN B 571 -6.55 -30.18 18.58
CA ASN B 571 -5.92 -30.73 19.82
C ASN B 571 -6.24 -29.80 21.00
N LEU B 572 -6.09 -28.49 20.80
CA LEU B 572 -6.31 -27.44 21.84
C LEU B 572 -7.76 -27.54 22.33
N MET B 573 -8.73 -27.60 21.42
CA MET B 573 -10.16 -27.68 21.80
C MET B 573 -10.42 -29.00 22.53
N CYS B 574 -9.79 -30.09 22.09
CA CYS B 574 -9.89 -31.42 22.77
C CYS B 574 -9.38 -31.28 24.22
N ASP B 575 -8.26 -30.60 24.44
CA ASP B 575 -7.66 -30.43 25.79
C ASP B 575 -8.63 -29.61 26.65
N LEU B 576 -9.27 -28.60 26.07
CA LEU B 576 -10.21 -27.70 26.80
C LEU B 576 -11.43 -28.49 27.27
N LEU B 577 -11.77 -29.59 26.59
CA LEU B 577 -12.97 -30.43 26.85
C LEU B 577 -12.57 -31.78 27.47
N ASN B 578 -11.30 -31.96 27.84
CA ASN B 578 -10.74 -33.24 28.34
C ASN B 578 -11.15 -34.41 27.43
N LEU B 579 -11.08 -34.21 26.11
CA LEU B 579 -11.26 -35.28 25.10
C LEU B 579 -9.89 -35.81 24.68
N THR B 580 -9.83 -37.10 24.35
CA THR B 580 -8.70 -37.73 23.64
C THR B 580 -8.88 -37.44 22.14
N PRO B 581 -7.95 -36.68 21.52
CA PRO B 581 -8.10 -36.31 20.12
C PRO B 581 -7.92 -37.54 19.23
N ALA B 582 -8.74 -37.64 18.18
CA ALA B 582 -8.50 -38.55 17.03
C ALA B 582 -7.16 -38.19 16.40
N PRO B 583 -6.49 -39.13 15.69
CA PRO B 583 -5.23 -38.83 15.03
C PRO B 583 -5.41 -37.70 14.00
N ASN B 584 -4.50 -36.73 14.04
CA ASN B 584 -4.61 -35.49 13.22
C ASN B 584 -3.20 -34.97 12.92
N ASN B 585 -3.09 -33.85 12.20
CA ASN B 585 -1.82 -33.30 11.68
C ASN B 585 -1.25 -32.26 12.64
N GLY B 586 -1.98 -31.95 13.71
CA GLY B 586 -1.48 -31.12 14.83
C GLY B 586 -0.45 -31.87 15.63
N THR B 587 0.51 -31.14 16.21
CA THR B 587 1.53 -31.68 17.14
C THR B 587 1.04 -31.41 18.57
N HIS B 588 0.42 -32.43 19.19
CA HIS B 588 -0.18 -32.37 20.55
C HIS B 588 0.88 -31.91 21.56
N GLY B 589 0.61 -30.81 22.26
CA GLY B 589 1.55 -30.19 23.21
C GLY B 589 2.18 -28.93 22.66
N SER B 590 2.17 -28.72 21.33
CA SER B 590 2.80 -27.55 20.68
C SER B 590 2.09 -26.26 21.13
N LEU B 591 0.82 -26.33 21.57
CA LEU B 591 0.03 -25.16 22.02
C LEU B 591 -0.20 -25.16 23.53
N ASN B 592 0.57 -25.91 24.33
CA ASN B 592 0.40 -25.98 25.80
C ASN B 592 0.64 -24.59 26.41
N HIS B 593 1.50 -23.79 25.80
CA HIS B 593 1.87 -22.41 26.26
C HIS B 593 0.66 -21.46 26.21
N LEU B 594 -0.42 -21.81 25.51
CA LEU B 594 -1.68 -21.03 25.46
C LEU B 594 -2.56 -21.33 26.70
N LEU B 595 -2.35 -22.45 27.37
CA LEU B 595 -3.30 -23.00 28.40
C LEU B 595 -2.78 -22.75 29.82
N LYS B 596 -3.68 -22.39 30.74
CA LYS B 596 -3.36 -22.24 32.18
C LYS B 596 -2.84 -23.57 32.73
N ASN B 597 -3.54 -24.65 32.44
CA ASN B 597 -3.27 -26.02 32.97
C ASN B 597 -3.28 -27.01 31.80
N PRO B 598 -2.14 -27.18 31.10
CA PRO B 598 -2.03 -28.17 30.04
C PRO B 598 -2.41 -29.56 30.58
N VAL B 599 -3.20 -30.34 29.84
CA VAL B 599 -3.68 -31.69 30.29
C VAL B 599 -2.83 -32.79 29.66
N TYR B 600 -2.17 -32.52 28.53
CA TYR B 600 -1.27 -33.48 27.83
C TYR B 600 0.18 -33.01 27.94
N THR B 601 1.02 -33.80 28.60
CA THR B 601 2.49 -33.57 28.72
C THR B 601 3.18 -34.44 27.68
N PRO B 602 3.67 -33.88 26.56
CA PRO B 602 4.25 -34.67 25.49
C PRO B 602 5.62 -35.23 25.85
N LYS B 603 6.02 -36.34 25.22
CA LYS B 603 7.36 -36.97 25.36
C LYS B 603 7.99 -37.09 23.98
N HIS B 604 9.31 -36.87 23.90
CA HIS B 604 10.14 -37.18 22.71
C HIS B 604 9.85 -38.62 22.31
N PRO B 605 9.73 -38.94 21.00
CA PRO B 605 9.45 -40.31 20.57
C PRO B 605 10.70 -41.18 20.76
N LYS B 606 10.51 -42.41 21.28
CA LYS B 606 11.59 -43.36 21.63
C LYS B 606 12.03 -44.10 20.36
N GLU B 607 13.34 -44.28 20.19
CA GLU B 607 13.97 -44.95 19.02
C GLU B 607 13.68 -46.46 19.09
N VAL B 608 13.35 -47.08 17.94
CA VAL B 608 12.80 -48.47 17.87
C VAL B 608 13.92 -49.48 18.12
N HIS B 609 14.92 -49.53 17.23
CA HIS B 609 16.14 -50.36 17.36
C HIS B 609 17.32 -49.45 17.69
N PRO B 610 18.29 -49.90 18.51
CA PRO B 610 19.48 -49.10 18.80
C PRO B 610 20.45 -49.03 17.60
N LEU B 611 21.26 -47.97 17.55
CA LEU B 611 22.25 -47.72 16.46
C LEU B 611 23.13 -48.97 16.29
N VAL B 612 23.25 -49.48 15.07
CA VAL B 612 24.03 -50.71 14.72
C VAL B 612 25.54 -50.36 14.74
N PRO B 620 40.62 -54.83 1.30
CA PRO B 620 41.61 -54.71 0.22
C PRO B 620 41.44 -53.44 -0.64
N ARG B 621 42.47 -52.58 -0.64
CA ARG B 621 42.48 -51.27 -1.37
C ARG B 621 42.11 -51.56 -2.83
N ASP B 622 40.93 -51.11 -3.28
CA ASP B 622 40.41 -51.33 -4.66
C ASP B 622 40.47 -50.02 -5.44
N ASN B 623 40.83 -50.09 -6.72
CA ASN B 623 40.85 -48.93 -7.67
C ASN B 623 39.40 -48.70 -8.13
N LEU B 624 38.90 -47.47 -7.97
CA LEU B 624 37.50 -47.07 -8.28
C LEU B 624 37.46 -46.33 -9.63
N GLY B 625 38.63 -46.01 -10.19
CA GLY B 625 38.77 -45.34 -11.49
C GLY B 625 38.70 -43.83 -11.35
N CYS B 626 39.00 -43.31 -10.16
CA CYS B 626 38.83 -41.88 -9.78
C CYS B 626 40.10 -41.08 -10.15
N SER B 627 39.92 -39.89 -10.73
CA SER B 627 40.99 -39.01 -11.26
C SER B 627 41.16 -37.80 -10.34
N CYS B 628 41.56 -38.02 -9.08
CA CYS B 628 41.60 -36.98 -8.00
C CYS B 628 42.56 -35.85 -8.38
N ASN B 629 42.19 -34.61 -8.04
CA ASN B 629 43.04 -33.40 -8.14
C ASN B 629 44.30 -33.64 -7.31
N PRO B 630 45.50 -33.29 -7.83
CA PRO B 630 46.76 -33.53 -7.11
C PRO B 630 46.85 -32.79 -5.76
N SER B 631 46.13 -31.68 -5.59
CA SER B 631 46.07 -30.84 -4.35
C SER B 631 45.63 -31.66 -3.14
N ILE B 632 44.64 -32.54 -3.35
CA ILE B 632 43.96 -33.35 -2.29
C ILE B 632 44.97 -34.32 -1.66
N LEU B 633 45.00 -34.41 -0.32
CA LEU B 633 45.88 -35.33 0.46
C LEU B 633 45.09 -36.59 0.82
N PRO B 634 45.19 -37.69 0.04
CA PRO B 634 44.34 -38.87 0.27
C PRO B 634 44.53 -39.52 1.65
N ILE B 635 43.62 -40.43 2.01
CA ILE B 635 43.56 -41.10 3.35
C ILE B 635 44.34 -42.42 3.28
N GLU B 636 45.58 -42.43 3.79
CA GLU B 636 46.40 -43.65 4.02
C GLU B 636 46.45 -43.94 5.52
N LEU B 644 39.68 -43.24 16.46
CA LEU B 644 39.94 -42.01 17.25
C LEU B 644 39.94 -42.35 18.75
N THR B 645 40.79 -41.67 19.53
CA THR B 645 40.83 -41.74 21.01
C THR B 645 39.41 -41.42 21.54
N VAL B 646 38.75 -42.37 22.21
CA VAL B 646 37.35 -42.22 22.70
C VAL B 646 37.23 -40.90 23.48
N ALA B 647 38.25 -40.53 24.26
CA ALA B 647 38.38 -39.23 24.96
C ALA B 647 38.29 -38.06 23.97
N GLU B 648 38.99 -38.17 22.82
CA GLU B 648 39.00 -37.16 21.73
C GLU B 648 37.66 -37.19 20.96
N GLU B 649 37.07 -38.38 20.79
CA GLU B 649 35.78 -38.63 20.07
C GLU B 649 34.66 -37.79 20.70
N LYS B 650 34.57 -37.78 22.04
CA LYS B 650 33.58 -36.98 22.82
C LYS B 650 33.64 -35.49 22.42
N ILE B 651 34.81 -34.94 22.07
CA ILE B 651 34.97 -33.52 21.62
C ILE B 651 34.41 -33.33 20.20
N ILE B 652 34.32 -34.39 19.39
CA ILE B 652 33.71 -34.35 18.02
C ILE B 652 32.19 -34.41 18.17
N LYS B 653 31.67 -35.37 18.93
CA LYS B 653 30.21 -35.55 19.22
C LYS B 653 29.63 -34.22 19.76
N HIS B 654 30.35 -33.54 20.65
CA HIS B 654 29.97 -32.25 21.25
C HIS B 654 29.95 -31.13 20.20
N GLU B 655 30.77 -31.22 19.14
CA GLU B 655 30.91 -30.16 18.11
C GLU B 655 29.93 -30.36 16.93
N THR B 656 29.56 -31.61 16.62
CA THR B 656 28.78 -31.98 15.42
C THR B 656 27.33 -32.32 15.78
N LEU B 657 27.07 -32.78 17.01
CA LEU B 657 25.72 -33.13 17.52
C LEU B 657 25.45 -32.41 18.85
N PRO B 658 25.47 -31.06 18.87
CA PRO B 658 25.28 -30.30 20.11
C PRO B 658 23.88 -30.47 20.71
N TYR B 659 22.93 -30.96 19.91
CA TYR B 659 21.51 -31.11 20.30
C TYR B 659 21.16 -32.59 20.45
N GLY B 660 22.18 -33.46 20.32
CA GLY B 660 21.99 -34.92 20.26
C GLY B 660 21.87 -35.39 18.81
N ARG B 661 22.13 -36.67 18.57
CA ARG B 661 22.07 -37.27 17.21
C ARG B 661 20.60 -37.41 16.83
N PRO B 662 20.25 -37.18 15.54
CA PRO B 662 18.95 -37.58 15.03
C PRO B 662 18.64 -39.03 15.38
N ARG B 663 17.42 -39.30 15.83
CA ARG B 663 16.93 -40.67 16.14
C ARG B 663 16.03 -41.11 14.98
N VAL B 664 16.04 -42.41 14.66
CA VAL B 664 15.24 -43.00 13.55
C VAL B 664 14.03 -43.71 14.15
N LEU B 665 12.81 -43.38 13.68
CA LEU B 665 11.53 -43.86 14.25
C LEU B 665 10.90 -44.93 13.35
N GLN B 666 11.52 -45.22 12.19
CA GLN B 666 10.99 -46.17 11.17
C GLN B 666 11.00 -47.59 11.74
N LYS B 667 10.07 -48.44 11.26
CA LYS B 667 9.73 -49.77 11.85
C LYS B 667 10.84 -50.80 11.55
N GLU B 668 11.03 -51.16 10.27
CA GLU B 668 12.19 -51.98 9.80
C GLU B 668 13.27 -51.02 9.28
N ASN B 669 14.34 -50.80 10.06
CA ASN B 669 15.50 -49.98 9.61
C ASN B 669 16.76 -50.30 10.42
N THR B 670 17.92 -50.23 9.75
CA THR B 670 19.27 -50.50 10.32
C THR B 670 20.19 -49.33 9.96
N ILE B 671 20.27 -48.33 10.83
CA ILE B 671 21.23 -47.19 10.73
C ILE B 671 22.43 -47.49 11.62
N CYS B 672 23.63 -47.02 11.23
CA CYS B 672 24.87 -47.15 12.04
C CYS B 672 25.64 -45.82 11.99
N LEU B 673 26.26 -45.46 13.12
CA LEU B 673 26.99 -44.19 13.29
C LEU B 673 28.36 -44.29 12.62
N LEU B 674 28.69 -43.34 11.74
CA LEU B 674 30.03 -43.20 11.09
C LEU B 674 30.67 -41.90 11.61
N SER B 675 31.86 -42.00 12.19
CA SER B 675 32.67 -40.84 12.66
C SER B 675 33.46 -40.23 11.48
N GLN B 676 33.71 -38.93 11.57
CA GLN B 676 34.81 -38.22 10.87
C GLN B 676 35.24 -37.09 11.81
N HIS B 677 36.26 -36.32 11.46
CA HIS B 677 36.84 -35.24 12.31
C HIS B 677 35.92 -34.01 12.30
N GLN B 678 35.24 -33.74 11.18
CA GLN B 678 34.44 -32.49 10.96
C GLN B 678 32.93 -32.78 10.97
N PHE B 679 32.48 -34.03 10.91
CA PHE B 679 31.04 -34.38 10.76
C PHE B 679 30.78 -35.85 11.14
N MET B 680 29.62 -36.13 11.77
CA MET B 680 29.10 -37.51 12.01
C MET B 680 27.91 -37.77 11.08
N SER B 681 27.48 -39.03 10.93
CA SER B 681 26.43 -39.43 9.97
C SER B 681 25.78 -40.75 10.40
N GLY B 682 24.54 -40.95 9.96
CA GLY B 682 23.80 -42.22 10.07
C GLY B 682 23.72 -42.86 8.70
N TYR B 683 24.35 -44.02 8.53
CA TYR B 683 24.43 -44.76 7.24
C TYR B 683 23.37 -45.86 7.22
N SER B 684 22.64 -45.98 6.10
CA SER B 684 21.67 -47.07 5.83
C SER B 684 22.32 -48.12 4.93
N GLN B 685 22.53 -49.33 5.48
CA GLN B 685 23.02 -50.51 4.71
C GLN B 685 21.92 -50.91 3.71
N ASP B 686 20.66 -50.70 4.09
CA ASP B 686 19.45 -51.10 3.32
C ASP B 686 19.29 -50.27 2.05
N ILE B 687 19.78 -49.02 2.02
CA ILE B 687 19.62 -48.07 0.88
C ILE B 687 21.00 -47.64 0.35
N LEU B 688 22.10 -48.11 0.95
CA LEU B 688 23.50 -47.84 0.50
C LEU B 688 23.74 -46.33 0.41
N MET B 689 23.48 -45.62 1.51
CA MET B 689 23.34 -44.14 1.53
C MET B 689 23.18 -43.65 2.97
N PRO B 690 23.72 -42.46 3.32
CA PRO B 690 23.42 -41.84 4.61
C PRO B 690 22.01 -41.22 4.63
N LEU B 691 21.27 -41.45 5.73
CA LEU B 691 19.93 -40.86 5.98
C LEU B 691 20.11 -39.44 6.51
N TRP B 692 21.25 -39.14 7.14
CA TRP B 692 21.55 -37.79 7.70
C TRP B 692 23.06 -37.63 7.95
N THR B 693 23.61 -36.45 7.67
CA THR B 693 24.91 -35.98 8.20
C THR B 693 24.67 -34.75 9.07
N SER B 694 25.55 -34.53 10.05
CA SER B 694 25.52 -33.37 10.98
C SER B 694 26.93 -32.78 11.07
N TYR B 695 27.07 -31.49 10.78
CA TYR B 695 28.34 -30.72 10.94
C TYR B 695 28.03 -29.31 11.43
N THR B 696 29.06 -28.56 11.81
CA THR B 696 28.94 -27.16 12.28
C THR B 696 29.94 -26.27 11.53
N VAL B 697 29.42 -25.29 10.78
CA VAL B 697 30.21 -24.19 10.16
C VAL B 697 30.39 -23.09 11.22
N ASP B 698 31.64 -22.73 11.55
CA ASP B 698 31.96 -21.66 12.52
C ASP B 698 32.09 -20.33 11.77
N ARG B 699 32.05 -19.21 12.51
CA ARG B 699 32.14 -17.83 11.98
C ARG B 699 33.39 -17.68 11.09
N ASN B 700 34.54 -18.18 11.54
CA ASN B 700 35.88 -17.97 10.90
C ASN B 700 36.29 -19.21 10.10
N ASP B 701 35.36 -19.84 9.36
CA ASP B 701 35.63 -21.03 8.51
C ASP B 701 35.67 -20.59 7.04
N SER B 702 36.33 -21.37 6.18
CA SER B 702 36.56 -21.07 4.74
C SER B 702 36.14 -22.28 3.88
N PHE B 703 35.64 -22.00 2.67
CA PHE B 703 35.27 -23.00 1.63
C PHE B 703 36.20 -22.83 0.43
N SER B 704 37.06 -23.83 0.16
CA SER B 704 38.13 -23.79 -0.87
C SER B 704 37.53 -24.00 -2.27
N THR B 705 38.13 -23.33 -3.28
CA THR B 705 37.65 -23.26 -4.69
C THR B 705 38.09 -24.52 -5.47
N GLU B 706 39.06 -25.27 -4.95
CA GLU B 706 39.73 -26.40 -5.64
C GLU B 706 38.69 -27.43 -6.09
N ASP B 707 38.79 -27.89 -7.34
CA ASP B 707 37.89 -28.90 -7.96
C ASP B 707 38.08 -30.24 -7.24
N PHE B 708 36.99 -30.95 -6.97
CA PHE B 708 37.00 -32.30 -6.35
C PHE B 708 36.07 -33.25 -7.13
N SER B 709 35.76 -32.92 -8.39
CA SER B 709 34.90 -33.74 -9.29
C SER B 709 35.63 -35.04 -9.62
N ASN B 710 34.86 -36.13 -9.78
CA ASN B 710 35.30 -37.49 -10.19
C ASN B 710 36.20 -38.15 -9.15
N CYS B 711 36.41 -37.55 -7.95
CA CYS B 711 37.31 -38.06 -6.88
C CYS B 711 36.49 -38.64 -5.72
N LEU B 712 36.78 -39.90 -5.35
CA LEU B 712 36.19 -40.63 -4.19
C LEU B 712 37.26 -41.50 -3.54
N TYR B 713 37.15 -41.76 -2.23
CA TYR B 713 37.98 -42.74 -1.47
C TYR B 713 37.11 -43.95 -1.12
N GLN B 714 37.58 -44.81 -0.21
CA GLN B 714 36.87 -46.05 0.22
C GLN B 714 36.77 -46.05 1.75
N ASP B 715 35.57 -46.33 2.28
CA ASP B 715 35.35 -46.56 3.73
C ASP B 715 35.37 -48.08 3.95
N PHE B 716 36.40 -48.58 4.63
CA PHE B 716 36.60 -50.02 4.94
C PHE B 716 35.59 -50.47 6.01
N ARG B 717 34.65 -49.60 6.39
CA ARG B 717 33.62 -49.87 7.43
C ARG B 717 32.34 -50.42 6.78
N ILE B 718 32.15 -50.25 5.47
CA ILE B 718 30.93 -50.69 4.72
C ILE B 718 31.35 -51.49 3.49
N PRO B 719 30.56 -52.49 3.06
CA PRO B 719 30.83 -53.23 1.83
C PRO B 719 30.94 -52.28 0.63
N LEU B 720 31.94 -52.49 -0.24
CA LEU B 720 32.02 -51.82 -1.57
C LEU B 720 30.85 -52.30 -2.44
N SER B 721 30.19 -51.36 -3.14
CA SER B 721 28.97 -51.61 -3.96
C SER B 721 29.12 -50.90 -5.31
N PRO B 722 28.53 -51.42 -6.41
CA PRO B 722 28.66 -50.79 -7.73
C PRO B 722 28.28 -49.29 -7.73
N VAL B 723 27.27 -48.92 -6.95
CA VAL B 723 26.69 -47.54 -6.89
C VAL B 723 27.60 -46.60 -6.08
N HIS B 724 28.65 -47.12 -5.43
CA HIS B 724 29.60 -46.34 -4.59
C HIS B 724 30.88 -45.98 -5.38
N LYS B 725 30.94 -46.33 -6.68
CA LYS B 725 32.19 -46.27 -7.50
C LYS B 725 32.10 -45.12 -8.52
N CYS B 726 33.19 -44.36 -8.69
CA CYS B 726 33.37 -43.31 -9.75
C CYS B 726 32.90 -43.84 -11.11
N SER B 727 33.12 -45.14 -11.35
CA SER B 727 32.81 -45.88 -12.60
C SER B 727 31.31 -45.79 -12.93
N PHE B 728 30.45 -45.93 -11.92
CA PHE B 728 28.96 -45.89 -12.05
C PHE B 728 28.52 -44.52 -12.57
N TYR B 729 29.21 -43.45 -12.17
CA TYR B 729 28.83 -42.04 -12.49
C TYR B 729 29.64 -41.52 -13.69
N LYS B 730 30.78 -42.14 -14.04
CA LYS B 730 31.70 -41.65 -15.10
C LYS B 730 30.94 -41.58 -16.44
N ASN B 731 30.82 -40.37 -17.00
CA ASN B 731 30.12 -40.06 -18.28
C ASN B 731 28.71 -40.68 -18.28
N ASN B 732 28.03 -40.66 -17.12
CA ASN B 732 26.64 -41.16 -16.92
C ASN B 732 25.65 -39.99 -17.15
N THR B 733 24.75 -40.11 -18.13
CA THR B 733 23.84 -39.02 -18.58
C THR B 733 22.54 -39.02 -17.76
N LYS B 734 22.22 -40.12 -17.08
CA LYS B 734 20.91 -40.35 -16.39
C LYS B 734 20.96 -39.83 -14.95
N VAL B 735 22.12 -39.89 -14.29
CA VAL B 735 22.31 -39.52 -12.85
C VAL B 735 23.75 -39.06 -12.62
N SER B 736 23.98 -38.29 -11.56
CA SER B 736 25.34 -37.97 -11.02
C SER B 736 25.33 -38.31 -9.53
N TYR B 737 26.22 -37.69 -8.75
CA TYR B 737 26.28 -37.87 -7.27
C TYR B 737 26.63 -36.53 -6.61
N GLY B 738 26.39 -36.43 -5.30
CA GLY B 738 26.72 -35.26 -4.46
C GLY B 738 27.08 -35.68 -3.04
N PHE B 739 27.73 -34.79 -2.29
CA PHE B 739 28.21 -35.01 -0.90
C PHE B 739 27.30 -34.27 0.09
N LEU B 740 26.87 -34.96 1.15
CA LEU B 740 26.03 -34.37 2.23
C LEU B 740 26.87 -33.37 3.02
N SER B 741 27.89 -33.83 3.74
CA SER B 741 28.90 -32.97 4.40
C SER B 741 29.83 -32.42 3.33
N PRO B 742 30.03 -31.09 3.25
CA PRO B 742 30.69 -30.46 2.10
C PRO B 742 32.20 -30.63 2.16
N PRO B 743 32.84 -31.24 1.13
CA PRO B 743 34.30 -31.30 1.05
C PRO B 743 35.01 -29.93 1.09
N GLN B 744 34.33 -28.85 0.71
CA GLN B 744 34.91 -27.48 0.63
C GLN B 744 35.33 -26.98 2.01
N LEU B 745 34.82 -27.58 3.10
CA LEU B 745 35.07 -27.13 4.50
C LEU B 745 36.21 -27.93 5.14
N ASN B 746 37.11 -27.28 5.90
CA ASN B 746 38.17 -27.97 6.69
C ASN B 746 38.47 -27.16 7.98
N SER B 750 41.84 -24.96 5.71
CA SER B 750 43.05 -25.63 5.15
C SER B 750 42.66 -26.48 3.93
N GLY B 751 43.03 -26.02 2.72
CA GLY B 751 42.85 -26.76 1.45
C GLY B 751 41.44 -27.33 1.30
N ILE B 752 41.31 -28.64 1.08
CA ILE B 752 40.02 -29.39 0.99
C ILE B 752 40.07 -30.54 2.03
N TYR B 753 38.95 -30.79 2.72
CA TYR B 753 38.83 -31.94 3.66
C TYR B 753 38.68 -33.22 2.83
N SER B 754 39.73 -34.05 2.81
CA SER B 754 39.80 -35.33 2.06
C SER B 754 38.78 -36.32 2.63
N GLU B 755 38.62 -36.33 3.96
CA GLU B 755 37.71 -37.21 4.75
C GLU B 755 36.28 -37.14 4.21
N ALA B 756 35.86 -35.97 3.72
CA ALA B 756 34.50 -35.70 3.19
C ALA B 756 34.29 -36.41 1.85
N LEU B 757 35.38 -36.87 1.21
CA LEU B 757 35.34 -37.54 -0.12
C LEU B 757 35.13 -39.05 0.05
N LEU B 758 34.92 -39.54 1.29
CA LEU B 758 34.56 -40.95 1.56
C LEU B 758 33.31 -41.35 0.77
N THR B 759 33.22 -42.62 0.39
CA THR B 759 32.10 -43.25 -0.37
C THR B 759 30.82 -43.24 0.48
N THR B 760 30.96 -43.14 1.80
CA THR B 760 29.82 -43.19 2.76
C THR B 760 29.10 -41.84 2.82
N ASN B 761 29.69 -40.77 2.26
CA ASN B 761 29.17 -39.38 2.31
C ASN B 761 28.70 -38.93 0.91
N ILE B 762 28.20 -39.84 0.08
CA ILE B 762 27.70 -39.48 -1.29
C ILE B 762 26.25 -39.96 -1.43
N VAL B 763 25.45 -39.18 -2.18
CA VAL B 763 24.02 -39.46 -2.48
C VAL B 763 23.80 -39.29 -3.98
N PRO B 764 23.02 -40.17 -4.63
CA PRO B 764 22.66 -39.99 -6.03
C PRO B 764 22.03 -38.60 -6.19
N MET B 765 22.38 -37.88 -7.26
CA MET B 765 21.98 -36.46 -7.46
C MET B 765 21.97 -36.13 -8.96
N TYR B 766 20.83 -35.74 -9.51
CA TYR B 766 20.69 -35.26 -10.91
C TYR B 766 21.61 -34.05 -11.12
N GLN B 767 22.14 -33.93 -12.35
CA GLN B 767 23.14 -32.89 -12.75
C GLN B 767 22.53 -31.50 -12.59
N SER B 768 21.23 -31.35 -12.86
CA SER B 768 20.50 -30.06 -12.78
C SER B 768 20.39 -29.59 -11.33
N PHE B 769 20.16 -30.51 -10.39
CA PHE B 769 20.07 -30.21 -8.94
C PHE B 769 21.45 -29.81 -8.39
N GLN B 770 22.53 -30.29 -9.02
CA GLN B 770 23.92 -29.99 -8.56
C GLN B 770 24.15 -28.47 -8.54
N VAL B 771 23.55 -27.73 -9.47
CA VAL B 771 23.70 -26.23 -9.55
C VAL B 771 23.25 -25.64 -8.22
N ILE B 772 22.05 -26.02 -7.76
CA ILE B 772 21.43 -25.60 -6.47
C ILE B 772 22.36 -26.00 -5.33
N TRP B 773 22.70 -27.28 -5.26
CA TRP B 773 23.51 -27.91 -4.19
C TRP B 773 24.86 -27.18 -4.07
N ARG B 774 25.56 -26.99 -5.19
CA ARG B 774 26.88 -26.30 -5.23
C ARG B 774 26.71 -24.89 -4.68
N TYR B 775 25.79 -24.10 -5.24
CA TYR B 775 25.55 -22.68 -4.85
C TYR B 775 25.31 -22.59 -3.34
N PHE B 776 24.51 -23.50 -2.77
CA PHE B 776 24.18 -23.51 -1.32
C PHE B 776 25.48 -23.64 -0.52
N HIS B 777 26.32 -24.62 -0.85
CA HIS B 777 27.51 -25.01 -0.06
C HIS B 777 28.67 -24.02 -0.30
N ASP B 778 28.80 -23.49 -1.52
CA ASP B 778 29.88 -22.54 -1.90
C ASP B 778 29.56 -21.13 -1.37
N THR B 779 28.38 -20.60 -1.68
CA THR B 779 27.99 -19.17 -1.46
C THR B 779 27.19 -19.01 -0.16
N LEU B 780 25.98 -19.58 -0.12
CA LEU B 780 24.94 -19.29 0.90
C LEU B 780 25.41 -19.74 2.29
N LEU B 781 25.87 -20.99 2.42
CA LEU B 781 26.24 -21.60 3.72
C LEU B 781 27.27 -20.71 4.41
N ARG B 782 28.22 -20.14 3.66
CA ARG B 782 29.25 -19.21 4.21
C ARG B 782 28.55 -17.94 4.71
N LYS B 783 27.62 -17.38 3.92
CA LYS B 783 26.88 -16.12 4.24
C LYS B 783 26.04 -16.34 5.51
N TYR B 784 25.30 -17.45 5.59
CA TYR B 784 24.46 -17.82 6.76
C TYR B 784 25.36 -17.91 8.01
N ALA B 785 26.50 -18.59 7.91
CA ALA B 785 27.44 -18.83 9.04
C ALA B 785 27.91 -17.50 9.63
N GLU B 786 28.21 -16.52 8.76
CA GLU B 786 28.73 -15.17 9.13
C GLU B 786 27.62 -14.39 9.85
N GLU B 787 26.41 -14.36 9.27
CA GLU B 787 25.24 -13.57 9.76
C GLU B 787 24.76 -14.09 11.12
N ARG B 788 24.94 -15.39 11.41
CA ARG B 788 24.37 -16.07 12.62
C ARG B 788 25.45 -16.44 13.63
N ASN B 789 26.73 -16.14 13.36
CA ASN B 789 27.88 -16.44 14.25
C ASN B 789 27.99 -17.96 14.43
N GLY B 790 27.96 -18.70 13.30
CA GLY B 790 28.01 -20.17 13.27
C GLY B 790 26.64 -20.77 12.99
N VAL B 791 26.62 -21.98 12.43
CA VAL B 791 25.36 -22.69 12.08
C VAL B 791 25.61 -24.20 12.07
N ASN B 792 24.95 -24.93 12.95
CA ASN B 792 24.85 -26.43 12.89
C ASN B 792 23.98 -26.80 11.70
N VAL B 793 24.40 -27.79 10.91
CA VAL B 793 23.68 -28.26 9.69
C VAL B 793 23.38 -29.75 9.83
N VAL B 794 22.16 -30.15 9.50
CA VAL B 794 21.78 -31.58 9.30
C VAL B 794 21.11 -31.64 7.93
N SER B 795 21.63 -32.45 7.02
CA SER B 795 21.07 -32.62 5.65
C SER B 795 21.02 -34.12 5.33
N GLY B 796 20.23 -34.49 4.33
CA GLY B 796 19.94 -35.89 3.99
C GLY B 796 18.99 -36.02 2.80
N PRO B 797 18.81 -37.25 2.29
CA PRO B 797 17.84 -37.52 1.22
C PRO B 797 16.42 -37.66 1.78
N VAL B 798 15.41 -37.60 0.91
CA VAL B 798 13.98 -37.79 1.23
C VAL B 798 13.35 -38.67 0.14
N PHE B 799 12.58 -39.67 0.55
CA PHE B 799 11.89 -40.62 -0.35
C PHE B 799 10.38 -40.57 -0.07
N ASP B 800 9.65 -39.78 -0.86
CA ASP B 800 8.18 -39.64 -0.75
C ASP B 800 7.55 -39.92 -2.12
N PHE B 801 7.58 -41.19 -2.55
CA PHE B 801 7.09 -41.66 -3.87
C PHE B 801 5.56 -41.66 -3.87
N ASP B 802 4.95 -41.68 -2.68
CA ASP B 802 3.48 -41.63 -2.50
C ASP B 802 3.00 -40.18 -2.40
N TYR B 803 3.93 -39.22 -2.37
CA TYR B 803 3.69 -37.75 -2.29
C TYR B 803 2.62 -37.47 -1.22
N ASP B 804 2.78 -38.05 -0.04
CA ASP B 804 1.81 -37.95 1.08
C ASP B 804 2.47 -37.29 2.30
N GLY B 805 3.66 -36.71 2.12
CA GLY B 805 4.41 -35.98 3.16
C GLY B 805 5.02 -36.91 4.20
N ARG B 806 4.95 -38.23 4.00
CA ARG B 806 5.50 -39.25 4.92
C ARG B 806 6.64 -40.01 4.22
N CYS B 807 7.70 -40.34 4.97
CA CYS B 807 8.76 -41.29 4.53
C CYS B 807 8.09 -42.59 4.11
N ASP B 808 8.51 -43.18 2.98
CA ASP B 808 8.00 -44.48 2.49
C ASP B 808 8.66 -45.58 3.34
N SER B 809 7.94 -46.67 3.58
CA SER B 809 8.45 -47.89 4.28
C SER B 809 9.62 -48.48 3.49
N LEU B 810 10.51 -49.22 4.15
CA LEU B 810 11.63 -49.95 3.50
C LEU B 810 11.05 -50.94 2.47
N GLU B 811 10.00 -51.68 2.87
CA GLU B 811 9.22 -52.60 1.98
C GLU B 811 8.90 -51.88 0.67
N ASN B 812 8.27 -50.70 0.73
CA ASN B 812 7.85 -49.89 -0.44
C ASN B 812 9.08 -49.41 -1.23
N LEU B 813 10.19 -49.14 -0.55
CA LEU B 813 11.42 -48.55 -1.16
C LEU B 813 12.10 -49.56 -2.10
N ARG B 814 12.05 -50.85 -1.76
CA ARG B 814 12.62 -51.97 -2.57
C ARG B 814 12.12 -51.89 -4.02
N GLN B 815 10.81 -51.66 -4.21
CA GLN B 815 10.14 -51.69 -5.53
C GLN B 815 10.30 -50.35 -6.26
N LYS B 816 10.96 -49.35 -5.66
CA LYS B 816 11.08 -47.98 -6.22
C LYS B 816 12.51 -47.71 -6.72
N ARG B 817 13.42 -48.68 -6.58
CA ARG B 817 14.83 -48.54 -7.03
C ARG B 817 14.87 -48.51 -8.57
N ARG B 818 15.69 -47.63 -9.13
CA ARG B 818 15.92 -47.48 -10.59
C ARG B 818 17.21 -48.22 -10.95
N VAL B 819 17.35 -48.65 -12.21
CA VAL B 819 18.56 -49.35 -12.74
C VAL B 819 19.33 -48.37 -13.64
N ILE B 820 20.54 -47.99 -13.24
CA ILE B 820 21.47 -47.14 -14.06
C ILE B 820 22.82 -47.85 -14.24
N ARG B 821 23.06 -48.38 -15.45
CA ARG B 821 24.23 -49.22 -15.81
C ARG B 821 24.47 -50.24 -14.68
N ASN B 822 23.41 -50.94 -14.26
CA ASN B 822 23.44 -51.98 -13.19
C ASN B 822 23.97 -51.37 -11.89
N ILE B 825 19.64 -48.73 -7.86
CA ILE B 825 19.91 -47.44 -7.18
C ILE B 825 18.58 -46.77 -6.81
N LEU B 826 18.52 -46.17 -5.61
CA LEU B 826 17.34 -45.43 -5.09
C LEU B 826 17.62 -43.93 -5.25
N ILE B 827 16.83 -43.23 -6.07
CA ILE B 827 17.02 -41.77 -6.30
C ILE B 827 16.04 -40.99 -5.40
N PRO B 828 16.56 -40.12 -4.51
CA PRO B 828 15.71 -39.27 -3.66
C PRO B 828 14.70 -38.42 -4.45
N THR B 829 13.49 -38.27 -3.90
CA THR B 829 12.43 -37.34 -4.39
C THR B 829 12.80 -35.91 -3.99
N HIS B 830 13.42 -35.74 -2.81
CA HIS B 830 13.81 -34.43 -2.24
C HIS B 830 15.10 -34.56 -1.43
N PHE B 831 15.75 -33.43 -1.14
CA PHE B 831 16.85 -33.30 -0.15
C PHE B 831 16.43 -32.28 0.92
N PHE B 832 16.61 -32.64 2.18
CA PHE B 832 16.31 -31.75 3.34
C PHE B 832 17.61 -31.15 3.85
N ILE B 833 17.50 -29.94 4.40
CA ILE B 833 18.55 -29.18 5.15
C ILE B 833 17.88 -28.59 6.39
N VAL B 834 18.54 -28.64 7.55
CA VAL B 834 18.04 -28.02 8.83
C VAL B 834 19.20 -27.21 9.42
N LEU B 835 19.13 -25.88 9.30
CA LEU B 835 20.10 -24.94 9.89
C LEU B 835 19.64 -24.59 11.31
N THR B 836 20.58 -24.57 12.28
CA THR B 836 20.35 -24.23 13.71
C THR B 836 21.47 -23.33 14.22
N SER B 837 21.14 -22.12 14.67
CA SER B 837 22.05 -21.18 15.40
C SER B 837 21.33 -20.72 16.67
N CYS B 838 21.82 -19.67 17.34
CA CYS B 838 21.20 -19.11 18.58
C CYS B 838 20.41 -17.84 18.23
N LYS B 839 19.31 -17.60 18.94
CA LYS B 839 18.54 -16.32 18.92
C LYS B 839 19.51 -15.17 19.18
N ASP B 840 20.35 -15.30 20.21
CA ASP B 840 21.43 -14.34 20.56
C ASP B 840 22.68 -14.65 19.72
N THR B 841 23.00 -13.79 18.75
CA THR B 841 24.12 -13.94 17.79
C THR B 841 25.47 -13.70 18.50
N SER B 842 25.46 -13.24 19.76
CA SER B 842 26.64 -13.17 20.66
C SER B 842 26.82 -14.51 21.39
N GLN B 843 26.43 -15.60 20.73
CA GLN B 843 26.54 -17.00 21.21
C GLN B 843 26.69 -17.91 19.98
N THR B 844 27.46 -18.99 20.08
CA THR B 844 27.71 -19.94 18.96
C THR B 844 26.74 -21.11 19.09
N PRO B 845 26.45 -21.84 17.98
CA PRO B 845 25.51 -22.96 17.99
C PRO B 845 25.67 -24.03 19.07
N LEU B 846 26.83 -24.09 19.73
CA LEU B 846 27.17 -25.15 20.73
C LEU B 846 26.65 -24.75 22.12
N HIS B 847 26.41 -23.45 22.35
CA HIS B 847 25.99 -22.88 23.66
C HIS B 847 24.84 -21.87 23.47
N CYS B 848 23.70 -22.30 22.92
CA CYS B 848 22.48 -21.46 22.75
C CYS B 848 21.53 -21.60 23.95
N GLU B 849 21.05 -20.49 24.48
CA GLU B 849 19.92 -20.45 25.46
C GLU B 849 18.62 -20.77 24.69
N ASN B 850 18.47 -20.21 23.49
CA ASN B 850 17.27 -20.39 22.60
C ASN B 850 17.73 -20.66 21.16
N LEU B 851 17.16 -21.68 20.52
CA LEU B 851 17.48 -22.08 19.13
C LEU B 851 16.74 -21.19 18.13
N ASP B 852 17.45 -20.75 17.08
CA ASP B 852 16.86 -20.15 15.85
C ASP B 852 17.06 -21.14 14.70
N THR B 853 15.96 -21.66 14.15
CA THR B 853 15.97 -22.74 13.14
C THR B 853 15.51 -22.21 11.78
N LEU B 854 15.83 -22.96 10.73
CA LEU B 854 15.41 -22.68 9.34
C LEU B 854 15.64 -23.97 8.56
N ALA B 855 14.59 -24.58 8.03
CA ALA B 855 14.63 -25.90 7.37
C ALA B 855 14.04 -25.80 5.97
N PHE B 856 14.48 -26.70 5.09
CA PHE B 856 14.10 -26.78 3.66
C PHE B 856 13.82 -28.24 3.31
N ILE B 857 12.85 -28.46 2.43
CA ILE B 857 12.64 -29.74 1.71
C ILE B 857 12.71 -29.43 0.22
N LEU B 858 13.93 -29.43 -0.34
CA LEU B 858 14.21 -29.05 -1.76
C LEU B 858 13.79 -30.19 -2.68
N PRO B 859 12.97 -29.93 -3.71
CA PRO B 859 12.60 -30.96 -4.68
C PRO B 859 13.81 -31.33 -5.55
N HIS B 860 13.98 -32.64 -5.80
CA HIS B 860 15.07 -33.27 -6.58
C HIS B 860 14.60 -33.55 -8.01
N ARG B 861 14.78 -32.59 -8.91
CA ARG B 861 14.20 -32.64 -10.29
C ARG B 861 15.34 -32.69 -11.32
N THR B 862 15.06 -33.32 -12.46
CA THR B 862 16.01 -33.60 -13.57
C THR B 862 16.33 -32.30 -14.34
N ASP B 863 15.45 -31.30 -14.27
CA ASP B 863 15.68 -29.94 -14.85
C ASP B 863 15.47 -28.87 -13.79
N ASN B 864 15.69 -27.60 -14.14
CA ASN B 864 15.42 -26.42 -13.27
C ASN B 864 14.34 -25.55 -13.92
N SER B 865 13.32 -26.17 -14.53
CA SER B 865 12.21 -25.47 -15.22
C SER B 865 11.39 -24.67 -14.20
N GLU B 866 11.33 -25.14 -12.95
CA GLU B 866 10.67 -24.47 -11.81
C GLU B 866 11.14 -23.01 -11.71
N SER B 867 12.44 -22.76 -11.86
CA SER B 867 13.11 -21.49 -11.51
C SER B 867 13.27 -20.56 -12.73
N CYS B 868 12.94 -21.01 -13.94
CA CYS B 868 13.08 -20.23 -15.21
C CYS B 868 14.47 -19.58 -15.30
N VAL B 869 15.52 -20.40 -15.40
CA VAL B 869 16.90 -19.97 -15.79
C VAL B 869 16.89 -19.75 -17.31
N HIS B 870 17.51 -18.66 -17.79
CA HIS B 870 17.52 -18.28 -19.24
C HIS B 870 18.92 -17.78 -19.64
N SER B 875 23.25 -16.32 -9.66
CA SER B 875 22.28 -17.41 -9.31
C SER B 875 21.48 -17.01 -8.07
N SER B 876 20.73 -15.90 -8.19
CA SER B 876 19.78 -15.36 -7.18
C SER B 876 18.52 -16.24 -7.14
N TRP B 877 18.22 -16.92 -8.25
CA TRP B 877 17.09 -17.89 -8.39
C TRP B 877 17.19 -19.04 -7.37
N VAL B 878 18.40 -19.33 -6.89
CA VAL B 878 18.69 -20.44 -5.93
C VAL B 878 18.01 -20.11 -4.60
N GLU B 879 18.20 -18.89 -4.10
CA GLU B 879 17.71 -18.42 -2.77
C GLU B 879 16.19 -18.32 -2.82
N GLU B 880 15.63 -17.89 -3.95
CA GLU B 880 14.16 -17.73 -4.14
C GLU B 880 13.49 -19.11 -4.06
N LEU B 881 14.13 -20.14 -4.63
CA LEU B 881 13.60 -21.53 -4.64
C LEU B 881 13.73 -22.14 -3.24
N LEU B 882 14.81 -21.83 -2.52
CA LEU B 882 15.03 -22.27 -1.12
C LEU B 882 13.90 -21.72 -0.24
N MET B 883 13.66 -20.41 -0.32
CA MET B 883 12.63 -19.70 0.49
C MET B 883 11.25 -20.30 0.20
N LEU B 884 10.90 -20.54 -1.06
CA LEU B 884 9.57 -21.08 -1.43
C LEU B 884 9.39 -22.49 -0.85
N HIS B 885 10.48 -23.26 -0.75
CA HIS B 885 10.47 -24.67 -0.31
C HIS B 885 10.99 -24.80 1.13
N ARG B 886 10.86 -23.75 1.94
CA ARG B 886 11.15 -23.83 3.40
C ARG B 886 10.07 -24.72 4.02
N ALA B 887 10.31 -25.23 5.22
CA ALA B 887 9.36 -26.11 5.92
C ALA B 887 9.59 -26.04 7.43
N ARG B 888 8.58 -26.47 8.19
CA ARG B 888 8.70 -26.71 9.65
C ARG B 888 9.64 -27.89 9.83
N ILE B 889 10.40 -27.93 10.92
CA ILE B 889 11.23 -29.11 11.27
C ILE B 889 10.31 -30.33 11.39
N THR B 890 9.09 -30.15 11.90
CA THR B 890 8.06 -31.21 12.00
C THR B 890 7.77 -31.79 10.61
N ASP B 891 7.85 -30.98 9.55
CA ASP B 891 7.57 -31.45 8.17
C ASP B 891 8.69 -32.41 7.76
N VAL B 892 9.93 -32.00 8.02
CA VAL B 892 11.17 -32.81 7.77
C VAL B 892 11.03 -34.12 8.55
N GLU B 893 10.67 -34.05 9.83
CA GLU B 893 10.56 -35.22 10.73
C GLU B 893 9.60 -36.24 10.10
N HIS B 894 8.45 -35.81 9.61
CA HIS B 894 7.38 -36.70 9.08
C HIS B 894 7.86 -37.38 7.79
N ILE B 895 8.65 -36.69 6.96
CA ILE B 895 8.99 -37.11 5.58
C ILE B 895 10.33 -37.86 5.55
N THR B 896 11.12 -37.80 6.63
CA THR B 896 12.40 -38.53 6.77
C THR B 896 12.25 -39.68 7.79
N GLY B 897 11.26 -39.61 8.68
CA GLY B 897 11.12 -40.54 9.82
C GLY B 897 12.21 -40.32 10.86
N LEU B 898 12.81 -39.13 10.90
CA LEU B 898 13.82 -38.72 11.91
C LEU B 898 13.14 -37.88 13.01
N SER B 899 13.84 -37.69 14.13
CA SER B 899 13.44 -36.86 15.29
C SER B 899 14.67 -36.15 15.87
N PHE B 900 14.68 -34.81 15.85
CA PHE B 900 15.84 -33.95 16.18
C PHE B 900 15.73 -33.38 17.59
N TYR B 901 16.84 -32.85 18.10
CA TYR B 901 16.92 -31.96 19.30
C TYR B 901 16.56 -32.70 20.59
N GLN B 902 16.55 -34.04 20.61
CA GLN B 902 16.10 -34.85 21.78
C GLN B 902 17.01 -34.63 23.01
N GLN B 903 18.14 -33.91 22.89
CA GLN B 903 19.08 -33.74 24.05
C GLN B 903 19.04 -32.30 24.55
N ARG B 904 18.09 -31.48 24.09
CA ARG B 904 17.92 -30.10 24.59
C ARG B 904 17.27 -30.17 25.98
N LYS B 905 17.74 -29.33 26.91
CA LYS B 905 17.30 -29.34 28.32
C LYS B 905 15.88 -28.77 28.44
N GLU B 906 15.42 -27.98 27.44
CA GLU B 906 14.06 -27.38 27.38
C GLU B 906 13.00 -28.46 27.60
N PRO B 907 11.84 -28.14 28.21
CA PRO B 907 10.70 -29.06 28.23
C PRO B 907 10.25 -29.42 26.80
N VAL B 908 9.61 -30.57 26.63
CA VAL B 908 9.25 -31.14 25.30
C VAL B 908 8.32 -30.16 24.58
N SER B 909 7.31 -29.63 25.28
CA SER B 909 6.28 -28.73 24.70
C SER B 909 6.95 -27.51 24.07
N ASP B 910 8.04 -26.99 24.66
CA ASP B 910 8.80 -25.84 24.11
C ASP B 910 9.51 -26.24 22.82
N ILE B 911 10.01 -27.48 22.74
CA ILE B 911 10.70 -28.03 21.53
C ILE B 911 9.65 -28.21 20.41
N LEU B 912 8.48 -28.77 20.74
CA LEU B 912 7.37 -28.94 19.77
C LEU B 912 6.96 -27.57 19.21
N LYS B 913 6.94 -26.54 20.05
CA LYS B 913 6.65 -25.15 19.62
C LYS B 913 7.67 -24.76 18.55
N LEU B 914 8.95 -25.06 18.79
CA LEU B 914 10.10 -24.72 17.91
C LEU B 914 10.04 -25.51 16.60
N LYS B 915 9.67 -26.79 16.67
CA LYS B 915 9.67 -27.71 15.50
C LYS B 915 8.48 -27.39 14.58
N THR B 916 7.38 -26.88 15.12
CA THR B 916 6.15 -26.55 14.33
C THR B 916 6.25 -25.13 13.76
N HIS B 917 7.24 -24.34 14.14
CA HIS B 917 7.45 -22.95 13.62
C HIS B 917 7.76 -23.01 12.12
N LEU B 918 7.17 -22.11 11.33
CA LEU B 918 7.59 -21.85 9.93
C LEU B 918 8.16 -20.43 9.84
N PRO B 919 9.44 -20.25 9.43
CA PRO B 919 10.01 -18.90 9.33
C PRO B 919 9.24 -18.07 8.30
N THR B 920 8.82 -16.86 8.68
CA THR B 920 7.95 -15.96 7.88
C THR B 920 8.76 -14.71 7.52
N PHE B 921 8.79 -14.34 6.23
CA PHE B 921 9.49 -13.13 5.71
C PHE B 921 8.48 -12.19 5.04
C1 NAG C . 6.12 34.16 -9.51
C2 NAG C . 7.22 34.22 -10.59
C3 NAG C . 8.28 35.23 -10.16
C4 NAG C . 7.68 36.55 -9.73
C5 NAG C . 6.45 36.35 -8.83
C6 NAG C . 5.64 37.59 -8.58
C7 NAG C . 7.78 32.31 -12.01
C8 NAG C . 8.50 30.99 -12.11
N2 NAG C . 7.88 32.94 -10.83
O3 NAG C . 9.16 35.46 -11.23
O4 NAG C . 8.72 37.15 -8.98
O5 NAG C . 5.56 35.45 -9.42
O6 NAG C . 5.20 38.10 -9.83
O7 NAG C . 7.14 32.73 -12.96
C1 NAG C . 9.08 38.49 -9.34
C2 NAG C . 9.43 39.23 -8.07
C3 NAG C . 9.82 40.64 -8.41
C4 NAG C . 10.94 40.71 -9.45
C5 NAG C . 10.63 39.78 -10.63
C6 NAG C . 11.87 39.59 -11.52
C7 NAG C . 8.37 38.36 -6.05
C8 NAG C . 7.28 38.54 -5.03
N2 NAG C . 8.38 39.24 -7.07
O3 NAG C . 10.28 41.25 -7.22
O4 NAG C . 10.98 42.07 -9.96
O5 NAG C . 10.21 38.49 -10.20
O6 NAG C . 12.71 38.60 -10.94
O7 NAG C . 9.21 37.44 -5.93
C1 BMA C . 12.04 43.10 -9.86
C2 BMA C . 12.80 43.18 -8.50
C3 BMA C . 14.13 43.87 -8.62
C4 BMA C . 14.90 43.31 -9.79
C5 BMA C . 14.18 43.71 -11.07
C6 BMA C . 14.91 43.24 -12.33
O2 BMA C . 13.09 41.99 -7.73
O3 BMA C . 14.79 43.68 -7.36
O4 BMA C . 16.23 43.82 -9.76
O5 BMA C . 12.86 43.14 -11.08
O6 BMA C . 15.45 44.37 -13.02
C1 BMA C . 14.81 44.80 -6.63
C2 BMA C . 13.77 45.34 -5.65
C3 BMA C . 13.68 46.86 -5.75
C4 BMA C . 15.05 47.51 -5.56
C5 BMA C . 16.15 46.86 -6.41
C6 BMA C . 17.55 47.24 -5.89
O2 BMA C . 14.17 44.93 -4.35
O3 BMA C . 12.77 47.34 -4.76
O4 BMA C . 14.96 48.88 -5.95
O5 BMA C . 16.08 45.43 -6.44
O6 BMA C . 18.00 48.45 -6.51
C1 NAG D . -4.98 28.27 24.71
C2 NAG D . -5.13 29.24 25.88
C3 NAG D . -5.26 28.44 27.18
C4 NAG D . -6.50 27.52 27.04
C5 NAG D . -6.53 26.77 25.70
C6 NAG D . -7.91 26.19 25.40
C7 NAG D . -2.80 30.09 25.89
C8 NAG D . -2.06 31.30 25.41
N2 NAG D . -4.11 30.29 25.82
O3 NAG D . -5.46 29.34 28.27
O4 NAG D . -6.61 26.57 28.12
O5 NAG D . -6.27 27.67 24.64
O6 NAG D . -8.80 27.27 25.12
O7 NAG D . -2.23 29.04 26.22
C1 NAG D . -7.66 26.78 28.92
C2 NAG D . -7.90 25.56 29.82
C3 NAG D . -8.90 25.80 30.94
C4 NAG D . -8.73 27.16 31.60
C5 NAG D . -8.80 28.20 30.48
C6 NAG D . -8.83 29.64 30.96
C7 NAG D . -7.60 23.47 28.62
C8 NAG D . -8.25 22.38 27.82
N2 NAG D . -8.38 24.48 29.00
O3 NAG D . -8.75 24.77 31.92
O4 NAG D . -9.75 27.34 32.63
O5 NAG D . -7.65 28.01 29.65
O6 NAG D . -10.19 29.96 31.26
O7 NAG D . -6.41 23.42 28.90
C1 MAN D . -9.21 27.53 33.98
C2 MAN D . -9.82 26.56 35.00
C3 MAN D . -10.27 27.23 36.30
C4 MAN D . -11.16 28.43 36.04
C5 MAN D . -10.73 29.23 34.81
C6 MAN D . -10.85 30.73 35.03
O2 MAN D . -8.86 25.56 35.34
O3 MAN D . -9.15 27.69 37.06
O4 MAN D . -12.50 27.99 35.86
O5 MAN D . -9.38 28.88 34.46
O6 MAN D . -11.27 31.00 36.37
C1 NAG E . 25.57 34.73 13.04
C2 NAG E . 26.38 35.70 13.90
C3 NAG E . 27.32 34.94 14.83
C4 NAG E . 26.53 33.83 15.57
C5 NAG E . 25.64 33.01 14.63
C6 NAG E . 24.71 32.05 15.36
C7 NAG E . 27.79 36.50 12.03
C8 NAG E . 27.70 37.54 10.95
N2 NAG E . 26.93 36.73 13.02
O3 NAG E . 27.88 35.86 15.76
O4 NAG E . 27.40 32.94 16.30
O5 NAG E . 24.80 33.88 13.90
O6 NAG E . 23.72 32.82 16.03
O7 NAG E . 28.49 35.52 11.90
C1 NAG E . 27.56 33.07 17.62
C2 NAG E . 27.51 31.85 18.53
C3 NAG E . 28.46 31.95 19.72
C4 NAG E . 28.40 33.31 20.42
C5 NAG E . 28.34 34.49 19.44
C6 NAG E . 29.36 35.58 19.72
C7 NAG E . 25.49 30.48 18.75
C8 NAG E . 24.13 30.34 19.37
N2 NAG E . 26.15 31.60 19.03
O3 NAG E . 29.79 31.71 19.27
O4 NAG E . 27.26 33.38 21.28
O5 NAG E . 28.53 34.03 18.10
O6 NAG E . 30.39 35.13 20.59
O7 NAG E . 25.96 29.60 18.04
C1 NAG F . -2.17 -36.18 8.72
C2 NAG F . -0.96 -36.91 8.16
C3 NAG F . -1.41 -38.21 7.48
C4 NAG F . -2.50 -38.96 8.26
C5 NAG F . -3.42 -38.11 9.18
C6 NAG F . -4.03 -38.86 10.37
C7 NAG F . 1.08 -35.76 7.50
C8 NAG F . 1.82 -35.09 6.37
N2 NAG F . -0.18 -36.11 7.24
O3 NAG F . -0.25 -39.05 7.37
O4 NAG F . -3.32 -39.64 7.31
O5 NAG F . -2.70 -37.02 9.72
O6 NAG F . -3.20 -38.76 11.54
O7 NAG F . 1.65 -35.97 8.55
C1 NAG F . -3.31 -41.06 7.58
C2 NAG F . -4.59 -41.71 7.10
C3 NAG F . -4.55 -43.18 7.51
C4 NAG F . -3.27 -43.78 6.95
C5 NAG F . -2.06 -43.04 7.53
C6 NAG F . -0.70 -43.61 7.18
C7 NAG F . -6.44 -40.14 6.92
C8 NAG F . -7.64 -39.55 7.62
N2 NAG F . -5.74 -41.02 7.64
O3 NAG F . -5.69 -43.87 7.00
O4 NAG F . -3.23 -45.20 7.22
O5 NAG F . -2.17 -41.72 7.02
O6 NAG F . -0.42 -43.29 5.81
O7 NAG F . -6.18 -39.81 5.77
C1 BMA F . -3.22 -45.97 5.99
C2 BMA F . -2.35 -47.21 6.13
C3 BMA F . -2.15 -47.81 4.73
C4 BMA F . -3.49 -47.97 3.98
C5 BMA F . -4.45 -46.77 4.15
C6 BMA F . -5.86 -47.07 3.62
O2 BMA F . -2.91 -48.18 7.01
O3 BMA F . -1.47 -49.08 4.82
O4 BMA F . -3.19 -48.12 2.59
O5 BMA F . -4.52 -46.39 5.53
O6 BMA F . -6.56 -47.96 4.49
C1 NAG G . -34.05 -18.69 6.17
C2 NAG G . -35.44 -19.28 6.05
C3 NAG G . -36.42 -18.21 5.64
C4 NAG G . -36.36 -17.05 6.63
C5 NAG G . -34.91 -16.58 6.79
C6 NAG G . -34.74 -15.43 7.78
C7 NAG G . -35.45 -21.63 5.45
C8 NAG G . -36.24 -22.11 6.66
N2 NAG G . -35.33 -20.35 5.10
O3 NAG G . -37.73 -18.76 5.62
O4 NAG G . -37.12 -15.90 6.18
O5 NAG G . -34.10 -17.69 7.19
O6 NAG G . -34.38 -15.93 9.08
O7 NAG G . -34.76 -22.35 4.80
C1 NAG G . -38.56 -15.80 6.43
C2 NAG G . -38.97 -14.31 6.50
C3 NAG G . -40.21 -14.06 7.34
C4 NAG G . -41.10 -15.29 7.49
C5 NAG G . -40.33 -16.43 8.14
C6 NAG G . -41.23 -17.68 8.13
C7 NAG G . -37.20 -12.63 6.10
C8 NAG G . -37.76 -12.26 4.76
N2 NAG G . -37.87 -13.44 6.91
O3 NAG G . -40.93 -13.01 6.66
O4 NAG G . -42.23 -15.01 8.34
O5 NAG G . -39.02 -16.66 7.53
O6 NAG G . -40.45 -18.87 7.95
O7 NAG G . -36.10 -12.27 6.45
P PO4 H . 3.27 20.46 8.90
O2 PO4 H . 4.45 20.32 7.92
O3 PO4 H . 3.66 21.33 10.09
O4 PO4 H . 2.71 19.12 9.39
ZN ZN I . 2.44 17.36 9.29
ZN ZN J . 0.38 20.38 7.07
C1 NAG K . 37.83 13.55 -34.45
C2 NAG K . 38.09 12.34 -33.53
C3 NAG K . 37.76 10.97 -34.13
C4 NAG K . 36.53 11.00 -35.06
C5 NAG K . 36.61 12.21 -36.00
C6 NAG K . 35.45 12.21 -36.98
C7 NAG K . 39.99 12.63 -31.96
C8 NAG K . 41.30 13.35 -31.96
N2 NAG K . 39.51 12.48 -33.19
O3 NAG K . 37.52 10.07 -33.05
O4 NAG K . 36.39 9.79 -35.84
O5 NAG K . 36.63 13.42 -35.22
O6 NAG K . 35.27 13.54 -37.49
O7 NAG K . 39.41 12.33 -30.92
C1 NAG L . 32.98 10.90 0.85
C2 NAG L . 34.10 9.92 0.51
C3 NAG L . 34.65 9.29 1.79
C4 NAG L . 35.06 10.36 2.80
C5 NAG L . 33.88 11.27 3.04
C6 NAG L . 34.19 12.40 4.03
C7 NAG L . 33.82 8.82 -1.70
C8 NAG L . 34.74 9.83 -2.33
N2 NAG L . 33.61 8.88 -0.38
O3 NAG L . 35.80 8.50 1.46
O4 NAG L . 35.48 9.77 4.04
O5 NAG L . 33.48 11.86 1.79
O6 NAG L . 33.00 13.14 4.26
O7 NAG L . 33.26 7.96 -2.37
C15 TZV M . 0.15 23.25 13.96
C17 TZV M . 1.53 21.34 13.59
C01 TZV M . -2.35 31.65 13.55
O02 TZV M . -1.49 31.28 12.51
C03 TZV M . -0.94 30.00 12.63
C04 TZV M . -1.59 28.90 12.06
C05 TZV M . -1.04 27.63 12.16
C06 TZV M . 0.21 27.44 12.84
C07 TZV M . 0.78 26.14 12.96
C08 TZV M . 2.00 26.00 13.63
C09 TZV M . 2.61 27.14 14.18
N10 TZV M . 2.04 28.33 14.06
C11 TZV M . 0.86 28.50 13.40
C12 TZV M . 0.28 29.82 13.30
O13 TZV M . 0.13 25.07 12.37
C14 TZV M . 0.63 23.82 12.79
C16 TZV M . 0.60 22.01 14.36
C18 TZV M . 2.00 21.89 12.41
C19 TZV M . 1.55 23.13 12.00
N20 TZV M . 1.98 20.02 14.02
S21 TZV M . 0.84 18.74 14.08
O22 TZV M . 0.40 18.49 15.46
O23 TZV M . 1.47 17.46 13.75
N24 TZV M . -0.50 19.05 13.06
C1 EDO N . 23.02 28.20 -13.69
O1 EDO N . 23.49 27.67 -14.92
C2 EDO N . 23.59 27.50 -12.50
O2 EDO N . 24.50 28.30 -11.78
C1 EDO O . 24.58 14.80 -35.38
O1 EDO O . 25.09 13.48 -35.38
C2 EDO O . 25.23 15.69 -34.39
O2 EDO O . 26.33 16.43 -34.90
C1 EDO P . 25.28 16.05 -9.23
O1 EDO P . 25.02 14.85 -9.96
C2 EDO P . 26.58 16.69 -9.58
O2 EDO P . 26.53 18.10 -9.76
ZN ZN Q . -14.73 -15.51 0.45
C1 NAG R . 0.70 -24.76 -26.45
C2 NAG R . 1.57 -24.27 -27.61
C3 NAG R . 0.80 -24.12 -28.94
C4 NAG R . -0.70 -23.86 -28.76
C5 NAG R . -1.34 -24.73 -27.67
C6 NAG R . -2.47 -25.59 -28.21
C7 NAG R . 3.50 -22.90 -27.16
C8 NAG R . 4.23 -21.92 -28.03
N2 NAG R . 2.21 -22.97 -27.45
O3 NAG R . 0.95 -25.30 -29.76
O4 NAG R . -0.96 -22.49 -28.44
O5 NAG R . -0.36 -25.54 -27.01
O6 NAG R . -3.25 -24.83 -29.15
O7 NAG R . 4.09 -23.69 -26.43
C1 NAG S . -19.80 -39.81 -15.07
C2 NAG S . -20.17 -40.94 -16.04
C3 NAG S . -20.88 -40.43 -17.28
C4 NAG S . -22.00 -39.44 -16.96
C5 NAG S . -21.46 -38.38 -16.02
C6 NAG S . -22.47 -37.30 -15.63
C7 NAG S . -18.77 -42.94 -15.97
C8 NAG S . -17.98 -43.87 -16.84
N2 NAG S . -19.04 -41.75 -16.49
O3 NAG S . -21.39 -41.56 -18.00
O4 NAG S . -22.53 -38.85 -18.15
O5 NAG S . -20.98 -39.03 -14.84
O6 NAG S . -23.65 -37.90 -15.09
O7 NAG S . -19.19 -43.33 -14.89
C15 TZV T . -19.38 -19.61 2.05
C17 TZV T . -20.58 -17.78 1.07
C01 TZV T . -24.21 -25.20 8.15
O02 TZV T . -22.86 -24.86 8.18
C03 TZV T . -22.42 -24.10 7.10
C04 TZV T . -21.55 -23.03 7.31
C05 TZV T . -21.11 -22.26 6.24
C06 TZV T . -21.56 -22.55 4.92
C07 TZV T . -21.13 -21.76 3.82
C08 TZV T . -21.59 -22.08 2.54
C09 TZV T . -22.47 -23.16 2.39
N10 TZV T . -22.86 -23.87 3.44
C11 TZV T . -22.42 -23.58 4.71
C12 TZV T . -22.86 -24.37 5.81
O13 TZV T . -20.24 -20.71 4.02
C14 TZV T . -20.36 -19.73 3.02
C16 TZV T . -19.49 -18.64 1.08
C18 TZV T . -21.57 -17.90 2.04
C19 TZV T . -21.45 -18.87 3.03
N20 TZV T . -20.70 -16.76 0.03
S21 TZV T . -19.85 -16.94 -1.44
O22 TZV T . -20.57 -16.28 -2.54
O23 TZV T . -19.85 -18.33 -1.89
N24 TZV T . -18.26 -16.34 -1.29
P PO4 U . -15.87 -18.18 -0.51
O1 PO4 U . -15.59 -16.95 -1.36
O2 PO4 U . -14.61 -19.04 -0.37
O3 PO4 U . -16.33 -17.76 0.88
O4 PO4 U . -16.96 -18.99 -1.19
#